data_7QDP
#
_entry.id   7QDP
#
_cell.length_a   102.428
_cell.length_b   113.377
_cell.length_c   123.225
_cell.angle_alpha   105.37
_cell.angle_beta   109.47
_cell.angle_gamma   108.22
#
_symmetry.space_group_name_H-M   'P 1'
#
loop_
_entity.id
_entity.type
_entity.pdbx_description
1 polymer 'Fms-related tyrosine kinase 3 ligand'
2 polymer 'Receptor-type tyrosine-protein kinase FLT3'
3 branched beta-D-mannopyranose-(1-4)-2-acetamido-2-deoxy-beta-D-glucopyranose-(1-4)-2-acetamido-2-deoxy-beta-D-glucopyranose
4 branched 2-acetamido-2-deoxy-beta-D-glucopyranose-(1-4)-2-acetamido-2-deoxy-beta-D-glucopyranose
5 non-polymer 2-acetamido-2-deoxy-beta-D-glucopyranose
#
loop_
_entity_poly.entity_id
_entity_poly.type
_entity_poly.pdbx_seq_one_letter_code
_entity_poly.pdbx_strand_id
1 'polypeptide(L)'
;MGSSHHHHHHSSGLVPRGSHMTQDCSFQHSPISSDFAVKIRELSDYLLQDYPVTVASNLQDEELCGGLWRLVLAQRWMER
LKTVAGSKMQGLLERVNTEIHFVTKCAFQPPPSCLRFVQTNISRLLQETSEQLVALKPWITRQNFSRCLELQCQP
;
A,B,C,D
2 'polypeptide(L)'
;MPALARDGGQLPLLVVFSAMIFGTITNQDLPVIKCVLINHKNNDSSVGKSSSYPMVSESPEDLGCALRPQSSGTVYEAAA
VEVDVSASITLQVLVDAPGNISCLWVFKHSSLNCQPHFDLQNRGVVSMVILKMTETQAGEYLLFIQSEATNYTILFTVSI
RNTLLYTLRRPYFRKMENQDALVCISESVPEPIVEWVLCDSQGESCKEESPAVVKKEEKVLHELFGMDIRCCARNELGRE
CTRLFTIDLNQTPQTTLPQLFLKVGEPLWIRCKAVHVNHGFGLTWELENKALEEGNYFEMSTYSTNRTMIRILFAFVSSV
ARNDTGYYTCSSSKHPSQSALVIIVEKGFINATNSSEDYEIDQYEEFCFSVRFKAYPQIRCTWTFSRKSFPCEQKGLDNG
YSISKFCNHKHQPGEYIFHAENDDAQFTKMFTLNIRRKPQVLAEASASQASCFSDGYPLPSWTWKKCSDKSPNCTEEITE
GVWNRKANRKVFGQWVSSSTLNMSEAIKGFLVKCCAYNSLGTSCETILLNSPGPFPFIQDNGSSGLVPRGSGGSGGSGLN
DIFEAQKIEWHEGRTKHHHHHH
;
E,F,G,H
#
loop_
_chem_comp.id
_chem_comp.type
_chem_comp.name
_chem_comp.formula
BMA D-saccharide, beta linking beta-D-mannopyranose 'C6 H12 O6'
NAG D-saccharide, beta linking 2-acetamido-2-deoxy-beta-D-glucopyranose 'C8 H15 N O6'
#
# COMPACT_ATOMS: atom_id res chain seq x y z
N SER A 11 -26.24 38.76 19.28
CA SER A 11 -27.49 38.30 18.68
C SER A 11 -27.84 39.16 17.46
N SER A 12 -28.15 38.52 16.32
CA SER A 12 -28.51 39.23 15.09
C SER A 12 -29.97 38.99 14.66
N GLY A 13 -30.85 38.79 15.65
CA GLY A 13 -32.27 38.55 15.42
C GLY A 13 -32.66 37.12 15.80
N LEU A 14 -32.68 36.83 17.11
CA LEU A 14 -33.00 35.49 17.62
C LEU A 14 -34.49 35.13 17.54
N VAL A 15 -34.81 33.81 17.63
CA VAL A 15 -36.17 33.26 17.55
C VAL A 15 -37.08 33.77 18.67
N PRO A 16 -38.28 34.29 18.32
CA PRO A 16 -39.18 34.81 19.36
C PRO A 16 -40.17 33.77 19.90
N ARG A 17 -39.67 32.74 20.61
CA ARG A 17 -40.51 31.68 21.19
C ARG A 17 -39.81 31.02 22.39
N GLY A 18 -38.50 30.78 22.28
CA GLY A 18 -37.71 30.16 23.33
C GLY A 18 -36.70 31.12 23.94
N SER A 19 -36.89 31.47 25.21
CA SER A 19 -36.03 32.41 25.92
C SER A 19 -34.63 31.87 26.27
N HIS A 20 -34.45 30.55 26.27
CA HIS A 20 -33.16 29.95 26.58
C HIS A 20 -32.40 29.55 25.32
N MET A 21 -32.04 30.54 24.48
CA MET A 21 -31.28 30.38 23.22
C MET A 21 -32.03 29.50 22.16
N THR A 22 -31.41 29.28 20.98
CA THR A 22 -32.00 28.47 19.90
C THR A 22 -30.91 27.78 19.04
N GLN A 23 -29.89 27.18 19.67
CA GLN A 23 -28.80 26.51 18.95
C GLN A 23 -29.30 25.35 18.08
N ASP A 24 -29.01 25.41 16.76
CA ASP A 24 -29.43 24.36 15.83
C ASP A 24 -28.31 23.93 14.88
N CYS A 25 -28.10 22.61 14.77
CA CYS A 25 -27.13 22.00 13.86
C CYS A 25 -27.36 20.51 13.74
N SER A 26 -28.07 20.10 12.70
CA SER A 26 -28.36 18.69 12.44
C SER A 26 -28.67 18.51 10.95
N PHE A 27 -28.54 17.28 10.44
CA PHE A 27 -28.83 17.01 9.03
C PHE A 27 -29.96 16.00 8.90
N GLN A 28 -31.09 16.43 8.34
CA GLN A 28 -32.22 15.53 8.15
C GLN A 28 -31.88 14.51 7.08
N HIS A 29 -31.26 14.96 5.99
CA HIS A 29 -30.83 14.08 4.91
C HIS A 29 -29.31 14.08 4.84
N SER A 30 -28.69 12.91 4.62
CA SER A 30 -27.23 12.75 4.61
C SER A 30 -26.50 13.54 3.56
N PRO A 31 -25.64 14.46 3.99
CA PRO A 31 -24.87 15.27 3.03
C PRO A 31 -23.64 14.57 2.46
N ILE A 32 -23.25 13.44 3.04
CA ILE A 32 -22.08 12.71 2.60
C ILE A 32 -22.43 11.85 1.40
N SER A 33 -21.75 12.07 0.29
CA SER A 33 -22.00 11.28 -0.91
C SER A 33 -21.35 9.89 -0.82
N SER A 34 -21.80 8.95 -1.65
CA SER A 34 -21.25 7.58 -1.68
C SER A 34 -19.95 7.48 -2.48
N ASP A 35 -19.66 8.45 -3.37
CA ASP A 35 -18.45 8.41 -4.19
C ASP A 35 -17.42 9.46 -3.78
N PHE A 36 -17.33 9.75 -2.48
CA PHE A 36 -16.41 10.76 -1.97
C PHE A 36 -14.97 10.27 -1.97
N ALA A 37 -14.76 8.98 -1.74
CA ALA A 37 -13.42 8.40 -1.75
C ALA A 37 -12.76 8.46 -3.13
N VAL A 38 -13.58 8.58 -4.18
CA VAL A 38 -13.12 8.67 -5.55
C VAL A 38 -12.61 10.07 -5.83
N LYS A 39 -13.34 11.10 -5.39
CA LYS A 39 -12.92 12.49 -5.60
C LYS A 39 -11.63 12.82 -4.84
N ILE A 40 -11.37 12.13 -3.73
CA ILE A 40 -10.16 12.34 -2.95
C ILE A 40 -8.97 11.62 -3.57
N ARG A 41 -9.20 10.42 -4.13
CA ARG A 41 -8.14 9.68 -4.80
C ARG A 41 -7.74 10.38 -6.10
N GLU A 42 -8.68 11.06 -6.76
CA GLU A 42 -8.43 11.79 -7.98
C GLU A 42 -7.61 13.07 -7.69
N LEU A 43 -7.91 13.75 -6.56
CA LEU A 43 -7.15 14.95 -6.17
C LEU A 43 -5.73 14.53 -5.79
N SER A 44 -5.63 13.47 -4.99
CA SER A 44 -4.35 12.92 -4.53
C SER A 44 -3.44 12.51 -5.70
N ASP A 45 -4.04 12.11 -6.83
CA ASP A 45 -3.26 11.72 -8.01
C ASP A 45 -2.51 12.86 -8.66
N TYR A 46 -2.89 14.10 -8.40
CA TYR A 46 -2.20 15.26 -8.96
C TYR A 46 -1.47 16.11 -7.91
N LEU A 47 -1.47 15.67 -6.67
CA LEU A 47 -0.86 16.40 -5.57
C LEU A 47 0.53 15.91 -5.26
N LEU A 48 1.36 16.80 -4.74
CA LEU A 48 2.68 16.43 -4.25
C LEU A 48 2.38 16.09 -2.80
N GLN A 49 2.43 14.81 -2.45
CA GLN A 49 2.09 14.29 -1.13
C GLN A 49 2.76 14.97 0.09
N ASP A 50 3.93 15.59 -0.08
CA ASP A 50 4.62 16.24 1.02
C ASP A 50 4.37 17.75 1.10
N TYR A 51 3.31 18.27 0.46
CA TYR A 51 2.98 19.70 0.55
C TYR A 51 2.53 19.97 1.97
N PRO A 52 3.07 21.01 2.61
CA PRO A 52 2.69 21.25 4.02
C PRO A 52 1.35 21.94 4.30
N VAL A 53 0.49 21.23 5.00
CA VAL A 53 -0.79 21.73 5.49
C VAL A 53 -0.74 21.59 7.05
N THR A 54 -1.86 21.83 7.78
CA THR A 54 -1.87 21.69 9.23
C THR A 54 -3.09 20.90 9.71
N VAL A 55 -2.99 20.30 10.89
CA VAL A 55 -4.05 19.57 11.60
C VAL A 55 -4.03 20.03 13.05
N ALA A 56 -5.19 20.09 13.72
CA ALA A 56 -5.24 20.55 15.10
C ALA A 56 -4.54 19.54 15.98
N SER A 57 -3.67 20.02 16.86
CA SER A 57 -2.92 19.17 17.75
C SER A 57 -3.59 18.95 19.09
N ASN A 58 -4.37 19.93 19.58
CA ASN A 58 -4.96 19.80 20.90
C ASN A 58 -6.50 19.85 20.96
N LEU A 59 -7.18 19.21 19.99
CA LEU A 59 -8.63 19.20 20.00
C LEU A 59 -9.11 18.28 21.11
N GLN A 60 -10.02 18.80 21.93
CA GLN A 60 -10.61 18.09 23.06
C GLN A 60 -11.21 16.74 22.62
N ASP A 61 -11.09 15.73 23.49
CA ASP A 61 -11.66 14.42 23.22
C ASP A 61 -13.16 14.51 23.36
N GLU A 62 -13.86 14.49 22.23
CA GLU A 62 -15.30 14.59 22.23
C GLU A 62 -15.83 13.64 21.17
N GLU A 63 -16.28 12.46 21.61
CA GLU A 63 -16.80 11.37 20.79
C GLU A 63 -17.91 11.75 19.78
N LEU A 64 -18.47 12.95 19.87
CA LEU A 64 -19.54 13.39 18.99
C LEU A 64 -19.05 14.48 18.04
N CYS A 65 -18.25 15.41 18.54
CA CYS A 65 -17.81 16.55 17.76
C CYS A 65 -16.48 16.38 17.07
N GLY A 66 -15.63 15.49 17.60
CA GLY A 66 -14.30 15.21 17.08
C GLY A 66 -14.09 15.26 15.57
N GLY A 67 -14.68 14.31 14.84
CA GLY A 67 -14.54 14.24 13.39
C GLY A 67 -15.08 15.46 12.67
N LEU A 68 -16.17 15.99 13.19
CA LEU A 68 -16.83 17.17 12.66
C LEU A 68 -15.94 18.40 12.76
N TRP A 69 -15.22 18.57 13.89
CA TRP A 69 -14.33 19.70 14.09
C TRP A 69 -13.18 19.62 13.09
N ARG A 70 -12.61 18.43 12.90
CA ARG A 70 -11.50 18.22 11.98
C ARG A 70 -11.91 18.39 10.53
N LEU A 71 -13.15 18.05 10.19
CA LEU A 71 -13.67 18.25 8.84
C LEU A 71 -13.85 19.73 8.58
N VAL A 72 -14.28 20.51 9.59
CA VAL A 72 -14.43 21.96 9.49
C VAL A 72 -13.06 22.58 9.17
N LEU A 73 -12.02 22.10 9.85
CA LEU A 73 -10.64 22.55 9.67
C LEU A 73 -10.10 22.14 8.30
N ALA A 74 -10.35 20.90 7.90
CA ALA A 74 -9.94 20.38 6.60
C ALA A 74 -10.63 21.17 5.50
N GLN A 75 -11.89 21.55 5.73
CA GLN A 75 -12.68 22.35 4.82
C GLN A 75 -12.04 23.72 4.69
N ARG A 76 -11.63 24.33 5.81
CA ARG A 76 -10.96 25.63 5.80
C ARG A 76 -9.68 25.58 4.95
N TRP A 77 -9.01 24.41 4.91
CA TRP A 77 -7.82 24.21 4.12
C TRP A 77 -8.10 24.11 2.63
N MET A 78 -9.24 23.52 2.24
CA MET A 78 -9.62 23.40 0.83
C MET A 78 -9.80 24.75 0.18
N GLU A 79 -10.27 25.74 0.93
CA GLU A 79 -10.47 27.09 0.45
C GLU A 79 -9.13 27.78 0.28
N ARG A 80 -8.25 27.68 1.28
CA ARG A 80 -6.93 28.30 1.24
C ARG A 80 -6.11 27.74 0.08
N LEU A 81 -6.22 26.43 -0.17
CA LEU A 81 -5.50 25.78 -1.25
C LEU A 81 -5.96 26.21 -2.63
N LYS A 82 -7.26 26.46 -2.79
CA LYS A 82 -7.83 26.90 -4.08
C LYS A 82 -7.23 28.21 -4.56
N THR A 83 -6.87 29.09 -3.62
CA THR A 83 -6.29 30.39 -3.92
C THR A 83 -4.89 30.33 -4.50
N VAL A 84 -4.14 29.27 -4.19
CA VAL A 84 -2.77 29.12 -4.72
C VAL A 84 -2.64 28.00 -5.76
N ALA A 85 -3.76 27.44 -6.21
CA ALA A 85 -3.80 26.33 -7.15
C ALA A 85 -3.91 26.80 -8.58
N GLY A 86 -3.35 26.00 -9.47
CA GLY A 86 -3.41 26.28 -10.90
C GLY A 86 -4.80 26.03 -11.45
N SER A 87 -5.05 26.50 -12.66
CA SER A 87 -6.36 26.37 -13.32
C SER A 87 -7.05 25.01 -13.15
N LYS A 88 -6.32 23.92 -13.41
CA LYS A 88 -6.86 22.57 -13.33
C LYS A 88 -6.86 21.99 -11.92
N MET A 89 -5.91 22.40 -11.09
CA MET A 89 -5.86 21.95 -9.70
C MET A 89 -7.02 22.55 -8.89
N GLN A 90 -7.48 23.75 -9.28
CA GLN A 90 -8.60 24.42 -8.66
C GLN A 90 -9.87 23.58 -8.76
N GLY A 91 -10.05 22.89 -9.88
CA GLY A 91 -11.22 22.04 -10.09
C GLY A 91 -11.21 20.80 -9.20
N LEU A 92 -10.03 20.19 -9.02
CA LEU A 92 -9.89 19.00 -8.18
C LEU A 92 -10.13 19.34 -6.72
N LEU A 93 -9.64 20.52 -6.29
CA LEU A 93 -9.79 20.98 -4.93
C LEU A 93 -11.25 21.28 -4.68
N GLU A 94 -11.88 22.04 -5.59
CA GLU A 94 -13.30 22.40 -5.46
C GLU A 94 -14.18 21.16 -5.40
N ARG A 95 -13.85 20.13 -6.19
CA ARG A 95 -14.61 18.88 -6.21
C ARG A 95 -14.52 18.11 -4.89
N VAL A 96 -13.40 18.24 -4.19
CA VAL A 96 -13.24 17.63 -2.86
C VAL A 96 -13.86 18.54 -1.80
N ASN A 97 -13.82 19.85 -2.02
CA ASN A 97 -14.41 20.86 -1.17
C ASN A 97 -15.91 20.64 -1.09
N THR A 98 -16.56 20.28 -2.22
CA THR A 98 -17.99 20.03 -2.25
C THR A 98 -18.38 18.84 -1.37
N GLU A 99 -17.51 17.82 -1.28
CA GLU A 99 -17.77 16.64 -0.48
C GLU A 99 -17.88 16.93 1.01
N ILE A 100 -17.16 17.96 1.49
CA ILE A 100 -17.15 18.36 2.89
C ILE A 100 -17.65 19.78 3.14
N HIS A 101 -18.27 20.41 2.13
CA HIS A 101 -18.77 21.78 2.22
C HIS A 101 -19.95 21.91 3.17
N PHE A 102 -20.69 20.81 3.42
CA PHE A 102 -21.84 20.82 4.31
C PHE A 102 -21.55 21.34 5.71
N VAL A 103 -20.29 21.24 6.17
CA VAL A 103 -19.93 21.73 7.49
C VAL A 103 -20.21 23.25 7.64
N THR A 104 -20.23 23.98 6.53
CA THR A 104 -20.52 25.41 6.55
C THR A 104 -22.01 25.73 6.68
N LYS A 105 -22.89 24.72 6.54
CA LYS A 105 -24.32 24.91 6.76
C LYS A 105 -24.58 25.27 8.24
N CYS A 106 -23.64 24.93 9.15
CA CYS A 106 -23.73 25.23 10.56
C CYS A 106 -22.82 26.37 10.95
N ALA A 107 -23.30 27.20 11.87
CA ALA A 107 -22.59 28.37 12.37
C ALA A 107 -21.49 28.00 13.35
N PHE A 108 -20.43 27.38 12.84
CA PHE A 108 -19.29 27.00 13.65
C PHE A 108 -18.54 28.25 14.04
N GLN A 109 -18.33 28.47 15.34
CA GLN A 109 -17.63 29.63 15.87
C GLN A 109 -16.16 29.62 15.47
N PRO A 110 -15.52 30.81 15.33
CA PRO A 110 -14.10 30.84 14.97
C PRO A 110 -13.23 30.12 15.99
N PRO A 111 -12.14 29.48 15.53
CA PRO A 111 -11.27 28.74 16.47
C PRO A 111 -10.82 29.53 17.70
N PRO A 112 -10.78 28.87 18.87
CA PRO A 112 -10.36 29.57 20.08
C PRO A 112 -8.85 29.85 20.10
N SER A 113 -8.43 30.78 20.96
CA SER A 113 -7.02 31.12 21.07
C SER A 113 -6.13 29.95 21.49
N CYS A 114 -6.69 29.01 22.27
CA CYS A 114 -5.96 27.83 22.75
C CYS A 114 -5.67 26.80 21.68
N LEU A 115 -6.37 26.84 20.52
CA LEU A 115 -6.19 25.84 19.48
C LEU A 115 -4.85 25.93 18.79
N ARG A 116 -4.04 24.85 18.90
CA ARG A 116 -2.71 24.77 18.29
C ARG A 116 -2.72 23.85 17.10
N PHE A 117 -1.98 24.21 16.06
CA PHE A 117 -1.93 23.43 14.84
C PHE A 117 -0.54 22.87 14.59
N VAL A 118 -0.45 21.66 14.04
CA VAL A 118 0.82 21.02 13.75
C VAL A 118 0.94 20.76 12.24
N GLN A 119 2.13 21.03 11.67
CA GLN A 119 2.37 20.85 10.24
C GLN A 119 2.36 19.39 9.82
N THR A 120 1.59 19.06 8.78
CA THR A 120 1.49 17.70 8.28
C THR A 120 1.43 17.68 6.74
N ASN A 121 1.66 16.51 6.14
CA ASN A 121 1.59 16.35 4.70
C ASN A 121 0.17 16.43 4.23
N ILE A 122 -0.05 17.00 3.03
CA ILE A 122 -1.39 17.08 2.46
C ILE A 122 -2.00 15.70 2.23
N SER A 123 -1.15 14.67 2.06
CA SER A 123 -1.58 13.30 1.91
C SER A 123 -2.21 12.83 3.22
N ARG A 124 -1.64 13.23 4.37
CA ARG A 124 -2.16 12.87 5.66
C ARG A 124 -3.49 13.54 5.89
N LEU A 125 -3.62 14.82 5.51
CA LEU A 125 -4.86 15.57 5.67
C LEU A 125 -5.98 14.94 4.85
N LEU A 126 -5.68 14.55 3.62
CA LEU A 126 -6.69 13.94 2.75
C LEU A 126 -7.11 12.56 3.24
N GLN A 127 -6.15 11.79 3.76
CA GLN A 127 -6.44 10.46 4.26
C GLN A 127 -7.34 10.51 5.46
N GLU A 128 -7.03 11.39 6.42
CA GLU A 128 -7.86 11.48 7.62
C GLU A 128 -9.22 12.08 7.32
N THR A 129 -9.32 12.99 6.32
CA THR A 129 -10.60 13.54 5.89
C THR A 129 -11.49 12.41 5.38
N SER A 130 -10.92 11.48 4.60
CA SER A 130 -11.65 10.34 4.07
C SER A 130 -12.15 9.47 5.21
N GLU A 131 -11.27 9.16 6.18
CA GLU A 131 -11.67 8.31 7.29
C GLU A 131 -12.73 8.99 8.18
N GLN A 132 -12.63 10.31 8.35
CA GLN A 132 -13.62 11.06 9.14
C GLN A 132 -14.98 11.02 8.49
N LEU A 133 -15.04 11.10 7.16
CA LEU A 133 -16.30 11.02 6.45
C LEU A 133 -16.90 9.64 6.57
N VAL A 134 -16.07 8.60 6.49
CA VAL A 134 -16.54 7.23 6.60
C VAL A 134 -17.15 6.95 7.96
N ALA A 135 -16.46 7.35 9.03
CA ALA A 135 -16.95 7.14 10.38
C ALA A 135 -18.18 7.99 10.70
N LEU A 136 -18.29 9.17 10.08
CA LEU A 136 -19.40 10.10 10.27
C LEU A 136 -20.65 9.71 9.47
N LYS A 137 -20.48 8.97 8.37
CA LYS A 137 -21.56 8.53 7.49
C LYS A 137 -22.75 7.86 8.22
N PRO A 138 -22.55 6.90 9.14
CA PRO A 138 -23.71 6.29 9.82
C PRO A 138 -24.37 7.15 10.90
N TRP A 139 -23.78 8.29 11.27
CA TRP A 139 -24.32 9.11 12.34
C TRP A 139 -24.76 10.51 11.95
N ILE A 140 -24.33 10.99 10.79
CA ILE A 140 -24.62 12.36 10.35
C ILE A 140 -26.09 12.78 10.44
N THR A 141 -27.03 11.84 10.28
CA THR A 141 -28.46 12.18 10.33
C THR A 141 -29.15 11.81 11.64
N ARG A 142 -28.48 11.04 12.51
CA ARG A 142 -29.05 10.58 13.77
C ARG A 142 -28.66 11.43 14.98
N GLN A 143 -27.59 12.24 14.87
CA GLN A 143 -27.14 13.04 15.99
C GLN A 143 -27.36 14.54 15.84
N ASN A 144 -27.48 15.21 17.01
CA ASN A 144 -27.67 16.63 17.15
C ASN A 144 -26.27 17.21 17.41
N PHE A 145 -25.78 18.01 16.48
CA PHE A 145 -24.45 18.59 16.59
C PHE A 145 -24.42 20.02 17.08
N SER A 146 -25.45 20.46 17.79
CA SER A 146 -25.53 21.82 18.30
C SER A 146 -24.37 22.22 19.22
N ARG A 147 -23.89 21.28 20.05
CA ARG A 147 -22.78 21.56 20.97
C ARG A 147 -21.39 21.57 20.31
N CYS A 148 -21.32 21.20 19.03
CA CYS A 148 -20.07 21.17 18.27
C CYS A 148 -19.67 22.52 17.72
N LEU A 149 -20.59 23.48 17.69
CA LEU A 149 -20.35 24.80 17.14
C LEU A 149 -19.23 25.56 17.81
N GLU A 150 -18.93 25.24 19.08
CA GLU A 150 -17.82 25.85 19.78
C GLU A 150 -16.70 24.82 19.81
N LEU A 151 -15.61 25.07 19.08
CA LEU A 151 -14.47 24.15 19.05
C LEU A 151 -13.78 24.21 20.40
N GLN A 152 -13.45 23.05 20.98
CA GLN A 152 -12.85 23.03 22.30
C GLN A 152 -11.45 22.42 22.34
N CYS A 153 -10.61 22.96 23.25
CA CYS A 153 -9.23 22.52 23.43
C CYS A 153 -9.11 21.53 24.59
N GLN A 154 -8.05 20.72 24.55
CA GLN A 154 -7.74 19.73 25.55
C GLN A 154 -7.51 20.30 26.95
N PRO A 155 -6.66 21.34 27.14
CA PRO A 155 -6.48 21.87 28.50
C PRO A 155 -7.56 22.89 28.89
N MET B 21 43.06 18.25 -19.64
CA MET B 21 41.89 18.78 -20.34
C MET B 21 40.60 18.57 -19.56
N THR B 22 39.62 19.47 -19.77
CA THR B 22 38.30 19.42 -19.11
C THR B 22 37.19 19.88 -20.07
N GLN B 23 37.35 19.57 -21.37
CA GLN B 23 36.39 19.94 -22.42
C GLN B 23 35.60 18.72 -22.88
N ASP B 24 34.28 18.88 -23.11
CA ASP B 24 33.38 17.83 -23.58
C ASP B 24 31.89 18.29 -23.61
N CYS B 25 31.58 19.52 -24.09
CA CYS B 25 30.18 19.97 -24.04
C CYS B 25 29.74 20.95 -25.14
N SER B 26 28.95 20.47 -26.09
CA SER B 26 28.39 21.29 -27.16
C SER B 26 27.24 20.54 -27.84
N PHE B 27 26.33 21.28 -28.46
CA PHE B 27 25.20 20.66 -29.14
C PHE B 27 25.21 21.03 -30.62
N GLN B 28 25.42 20.03 -31.49
CA GLN B 28 25.42 20.25 -32.93
C GLN B 28 24.00 20.55 -33.39
N HIS B 29 23.02 19.79 -32.85
CA HIS B 29 21.61 20.00 -33.16
C HIS B 29 20.90 20.47 -31.89
N SER B 30 19.98 21.45 -32.02
CA SER B 30 19.29 22.07 -30.88
C SER B 30 18.43 21.13 -30.09
N PRO B 31 18.76 20.95 -28.80
CA PRO B 31 17.96 20.04 -27.96
C PRO B 31 16.68 20.67 -27.40
N ILE B 32 16.55 22.00 -27.52
CA ILE B 32 15.37 22.70 -27.01
C ILE B 32 14.23 22.59 -27.99
N SER B 33 13.12 22.01 -27.54
CA SER B 33 11.97 21.84 -28.43
C SER B 33 11.21 23.16 -28.63
N SER B 34 10.38 23.24 -29.67
CA SER B 34 9.58 24.42 -29.96
C SER B 34 8.29 24.49 -29.10
N ASP B 35 7.85 23.36 -28.52
CA ASP B 35 6.62 23.35 -27.72
C ASP B 35 6.91 23.14 -26.25
N PHE B 36 8.03 23.65 -25.76
CA PHE B 36 8.43 23.46 -24.36
C PHE B 36 7.62 24.31 -23.42
N ALA B 37 7.24 25.51 -23.86
CA ALA B 37 6.45 26.41 -23.05
C ALA B 37 5.06 25.84 -22.77
N VAL B 38 4.59 24.89 -23.59
CA VAL B 38 3.31 24.24 -23.45
C VAL B 38 3.38 23.19 -22.35
N LYS B 39 4.45 22.39 -22.33
CA LYS B 39 4.62 21.37 -21.31
C LYS B 39 4.77 21.98 -19.90
N ILE B 40 5.29 23.21 -19.81
CA ILE B 40 5.47 23.89 -18.53
C ILE B 40 4.17 24.52 -18.07
N ARG B 41 3.36 25.03 -19.01
CA ARG B 41 2.05 25.59 -18.69
C ARG B 41 1.08 24.47 -18.28
N GLU B 42 1.27 23.27 -18.84
CA GLU B 42 0.45 22.13 -18.50
C GLU B 42 0.79 21.63 -17.11
N LEU B 43 2.09 21.63 -16.72
CA LEU B 43 2.53 21.21 -15.38
C LEU B 43 1.98 22.24 -14.38
N SER B 44 2.20 23.54 -14.65
CA SER B 44 1.77 24.64 -13.81
C SER B 44 0.27 24.63 -13.52
N ASP B 45 -0.53 24.09 -14.44
CA ASP B 45 -1.96 24.00 -14.27
C ASP B 45 -2.40 23.03 -13.18
N TYR B 46 -1.54 22.11 -12.79
CA TYR B 46 -1.87 21.15 -11.75
C TYR B 46 -1.02 21.28 -10.48
N LEU B 47 -0.10 22.25 -10.45
CA LEU B 47 0.78 22.41 -9.28
C LEU B 47 0.27 23.48 -8.33
N LEU B 48 0.60 23.32 -7.05
CA LEU B 48 0.26 24.32 -6.04
C LEU B 48 1.45 25.26 -6.10
N GLN B 49 1.24 26.46 -6.65
CA GLN B 49 2.27 27.47 -6.90
C GLN B 49 3.21 27.83 -5.72
N ASP B 50 2.76 27.65 -4.48
CA ASP B 50 3.51 27.96 -3.27
C ASP B 50 4.44 26.85 -2.79
N TYR B 51 4.47 25.68 -3.47
CA TYR B 51 5.28 24.53 -3.02
C TYR B 51 6.75 24.91 -2.97
N PRO B 52 7.43 24.64 -1.85
CA PRO B 52 8.83 25.07 -1.73
C PRO B 52 9.89 24.24 -2.44
N VAL B 53 10.59 24.88 -3.36
CA VAL B 53 11.75 24.35 -4.07
C VAL B 53 12.94 25.31 -3.74
N THR B 54 14.13 25.15 -4.38
CA THR B 54 15.27 26.04 -4.14
C THR B 54 15.90 26.49 -5.45
N VAL B 55 16.58 27.63 -5.39
CA VAL B 55 17.34 28.22 -6.49
C VAL B 55 18.69 28.67 -5.92
N ALA B 56 19.77 28.59 -6.70
CA ALA B 56 21.08 28.99 -6.21
C ALA B 56 21.10 30.49 -5.96
N SER B 57 21.60 30.87 -4.80
CA SER B 57 21.68 32.27 -4.43
C SER B 57 23.06 32.87 -4.80
N ASN B 58 24.10 32.02 -4.89
CA ASN B 58 25.48 32.43 -5.10
C ASN B 58 26.15 32.02 -6.43
N LEU B 59 25.41 31.90 -7.55
CA LEU B 59 26.02 31.50 -8.82
C LEU B 59 26.78 32.65 -9.44
N GLN B 60 28.04 32.41 -9.79
CA GLN B 60 28.91 33.41 -10.40
C GLN B 60 28.28 33.99 -11.69
N ASP B 61 28.48 35.28 -11.96
CA ASP B 61 27.98 35.90 -13.18
C ASP B 61 28.91 35.48 -14.32
N GLU B 62 28.45 34.62 -15.26
CA GLU B 62 29.34 34.11 -16.31
C GLU B 62 28.96 34.39 -17.80
N GLU B 63 27.76 34.92 -18.09
CA GLU B 63 27.20 35.26 -19.43
C GLU B 63 27.04 34.07 -20.40
N LEU B 64 27.82 33.01 -20.25
CA LEU B 64 27.73 31.85 -21.12
C LEU B 64 27.20 30.63 -20.38
N CYS B 65 27.61 30.45 -19.13
CA CYS B 65 27.24 29.30 -18.35
C CYS B 65 26.02 29.51 -17.46
N GLY B 66 25.74 30.76 -17.10
CA GLY B 66 24.63 31.14 -16.24
C GLY B 66 23.33 30.35 -16.34
N GLY B 67 22.63 30.49 -17.47
CA GLY B 67 21.35 29.80 -17.69
C GLY B 67 21.47 28.29 -17.67
N LEU B 68 22.59 27.78 -18.21
CA LEU B 68 22.91 26.37 -18.26
C LEU B 68 23.08 25.79 -16.87
N TRP B 69 23.74 26.51 -15.95
CA TRP B 69 23.95 26.05 -14.59
C TRP B 69 22.60 25.94 -13.88
N ARG B 70 21.74 26.95 -14.05
CA ARG B 70 20.43 26.98 -13.41
C ARG B 70 19.49 25.92 -13.97
N LEU B 71 19.63 25.60 -15.25
CA LEU B 71 18.84 24.54 -15.86
C LEU B 71 19.27 23.18 -15.31
N VAL B 72 20.58 23.00 -15.05
CA VAL B 72 21.12 21.78 -14.45
C VAL B 72 20.50 21.59 -13.08
N LEU B 73 20.39 22.67 -12.31
CA LEU B 73 19.82 22.65 -10.97
C LEU B 73 18.32 22.44 -11.00
N ALA B 74 17.63 23.10 -11.93
CA ALA B 74 16.19 22.93 -12.14
C ALA B 74 15.90 21.49 -12.54
N GLN B 75 16.79 20.91 -13.35
CA GLN B 75 16.71 19.53 -13.78
C GLN B 75 16.84 18.63 -12.58
N ARG B 76 17.81 18.89 -11.68
CA ARG B 76 17.99 18.12 -10.45
C ARG B 76 16.72 18.13 -9.61
N TRP B 77 15.95 19.22 -9.66
CA TRP B 77 14.70 19.35 -8.93
C TRP B 77 13.57 18.51 -9.54
N MET B 78 13.54 18.39 -10.87
CA MET B 78 12.51 17.59 -11.53
C MET B 78 12.56 16.12 -11.17
N GLU B 79 13.76 15.63 -10.86
CA GLU B 79 13.97 14.25 -10.45
C GLU B 79 13.49 14.06 -9.00
N ARG B 80 13.89 14.99 -8.12
CA ARG B 80 13.49 14.93 -6.71
C ARG B 80 11.98 15.01 -6.57
N LEU B 81 11.34 15.86 -7.37
CA LEU B 81 9.90 16.03 -7.33
C LEU B 81 9.13 14.81 -7.79
N LYS B 82 9.66 14.08 -8.78
CA LYS B 82 9.00 12.88 -9.31
C LYS B 82 8.85 11.79 -8.24
N THR B 83 9.79 11.74 -7.30
CA THR B 83 9.77 10.75 -6.23
C THR B 83 8.65 10.98 -5.21
N VAL B 84 8.18 12.22 -5.06
CA VAL B 84 7.09 12.51 -4.11
C VAL B 84 5.79 12.91 -4.80
N ALA B 85 5.69 12.70 -6.12
CA ALA B 85 4.52 13.05 -6.91
C ALA B 85 3.56 11.87 -7.05
N GLY B 86 2.28 12.20 -7.21
CA GLY B 86 1.25 11.20 -7.42
C GLY B 86 1.32 10.62 -8.81
N SER B 87 0.62 9.50 -9.02
CA SER B 87 0.59 8.79 -10.31
C SER B 87 0.55 9.70 -11.57
N LYS B 88 -0.39 10.64 -11.60
CA LYS B 88 -0.58 11.54 -12.73
C LYS B 88 0.33 12.75 -12.74
N MET B 89 0.73 13.20 -11.55
CA MET B 89 1.67 14.32 -11.44
C MET B 89 3.07 13.91 -11.90
N GLN B 90 3.41 12.63 -11.74
CA GLN B 90 4.67 12.07 -12.20
C GLN B 90 4.85 12.24 -13.70
N GLY B 91 3.76 12.10 -14.45
CA GLY B 91 3.80 12.25 -15.89
C GLY B 91 4.04 13.67 -16.34
N LEU B 92 3.43 14.64 -15.65
CA LEU B 92 3.61 16.06 -15.97
C LEU B 92 5.03 16.51 -15.66
N LEU B 93 5.59 16.01 -14.55
CA LEU B 93 6.95 16.33 -14.14
C LEU B 93 7.92 15.74 -15.15
N GLU B 94 7.74 14.46 -15.47
CA GLU B 94 8.61 13.78 -16.42
C GLU B 94 8.59 14.45 -17.79
N ARG B 95 7.42 14.91 -18.21
CA ARG B 95 7.27 15.60 -19.50
C ARG B 95 8.01 16.95 -19.55
N VAL B 96 8.13 17.61 -18.40
CA VAL B 96 8.90 18.85 -18.30
C VAL B 96 10.40 18.51 -18.12
N ASN B 97 10.69 17.39 -17.47
CA ASN B 97 12.03 16.87 -17.26
C ASN B 97 12.66 16.57 -18.62
N THR B 98 11.89 16.02 -19.58
CA THR B 98 12.40 15.73 -20.92
C THR B 98 12.83 16.99 -21.66
N GLU B 99 12.14 18.10 -21.43
CA GLU B 99 12.46 19.36 -22.09
C GLU B 99 13.83 19.90 -21.72
N ILE B 100 14.30 19.62 -20.49
CA ILE B 100 15.59 20.09 -19.99
C ILE B 100 16.55 18.95 -19.61
N HIS B 101 16.25 17.72 -20.03
CA HIS B 101 17.06 16.55 -19.73
C HIS B 101 18.40 16.58 -20.46
N PHE B 102 18.52 17.33 -21.58
CA PHE B 102 19.74 17.41 -22.34
C PHE B 102 20.96 17.87 -21.54
N VAL B 103 20.74 18.60 -20.44
CA VAL B 103 21.85 19.05 -19.60
C VAL B 103 22.66 17.88 -19.04
N THR B 104 22.05 16.70 -18.91
CA THR B 104 22.71 15.49 -18.43
C THR B 104 23.61 14.83 -19.49
N LYS B 105 23.52 15.26 -20.75
CA LYS B 105 24.40 14.76 -21.80
C LYS B 105 25.85 15.17 -21.50
N CYS B 106 26.05 16.25 -20.71
CA CYS B 106 27.35 16.75 -20.33
C CYS B 106 27.72 16.39 -18.91
N ALA B 107 29.00 16.10 -18.70
CA ALA B 107 29.54 15.71 -17.41
C ALA B 107 29.71 16.89 -16.47
N PHE B 108 28.58 17.45 -16.00
CA PHE B 108 28.60 18.56 -15.07
C PHE B 108 29.07 18.05 -13.72
N GLN B 109 30.10 18.68 -13.15
CA GLN B 109 30.67 18.31 -11.87
C GLN B 109 29.69 18.62 -10.73
N PRO B 110 29.77 17.86 -9.61
CA PRO B 110 28.87 18.11 -8.48
C PRO B 110 29.02 19.52 -7.92
N PRO B 111 27.92 20.11 -7.41
CA PRO B 111 27.99 21.48 -6.88
C PRO B 111 29.09 21.72 -5.84
N PRO B 112 29.75 22.90 -5.91
CA PRO B 112 30.81 23.19 -4.93
C PRO B 112 30.29 23.46 -3.53
N SER B 113 31.17 23.34 -2.53
CA SER B 113 30.80 23.56 -1.14
C SER B 113 30.28 24.98 -0.89
N CYS B 114 30.79 25.96 -1.65
CA CYS B 114 30.38 27.34 -1.44
C CYS B 114 29.01 27.70 -2.04
N LEU B 115 28.40 26.80 -2.82
CA LEU B 115 27.08 27.08 -3.39
C LEU B 115 25.97 27.09 -2.34
N ARG B 116 25.28 28.23 -2.18
CA ARG B 116 24.18 28.39 -1.22
C ARG B 116 22.84 28.43 -1.96
N PHE B 117 21.81 27.81 -1.38
CA PHE B 117 20.50 27.75 -2.03
C PHE B 117 19.46 28.51 -1.21
N VAL B 118 18.51 29.15 -1.88
CA VAL B 118 17.44 29.90 -1.22
C VAL B 118 16.07 29.32 -1.60
N GLN B 119 15.16 29.19 -0.61
CA GLN B 119 13.83 28.64 -0.84
C GLN B 119 12.97 29.55 -1.70
N THR B 120 12.35 28.98 -2.73
CA THR B 120 11.48 29.72 -3.63
C THR B 120 10.25 28.88 -4.03
N ASN B 121 9.22 29.54 -4.55
CA ASN B 121 8.01 28.87 -5.00
C ASN B 121 8.29 28.07 -6.26
N ILE B 122 7.63 26.91 -6.39
CA ILE B 122 7.78 26.09 -7.58
C ILE B 122 7.33 26.83 -8.85
N SER B 123 6.43 27.82 -8.70
CA SER B 123 5.98 28.66 -9.79
C SER B 123 7.14 29.52 -10.29
N ARG B 124 7.98 30.01 -9.36
CA ARG B 124 9.13 30.83 -9.69
C ARG B 124 10.17 29.97 -10.41
N LEU B 125 10.39 28.74 -9.93
CA LEU B 125 11.35 27.83 -10.55
C LEU B 125 10.94 27.50 -11.99
N LEU B 126 9.65 27.22 -12.21
CA LEU B 126 9.16 26.89 -13.54
C LEU B 126 9.23 28.06 -14.48
N GLN B 127 8.93 29.26 -13.99
CA GLN B 127 8.95 30.46 -14.80
C GLN B 127 10.37 30.79 -15.25
N GLU B 128 11.33 30.68 -14.32
CA GLU B 128 12.74 30.95 -14.59
C GLU B 128 13.28 29.92 -15.59
N THR B 129 12.90 28.65 -15.43
CA THR B 129 13.31 27.57 -16.33
C THR B 129 12.86 27.88 -17.76
N SER B 130 11.63 28.37 -17.91
CA SER B 130 11.09 28.75 -19.21
C SER B 130 11.92 29.89 -19.80
N GLU B 131 12.21 30.92 -19.00
CA GLU B 131 13.01 32.07 -19.41
C GLU B 131 14.42 31.67 -19.85
N GLN B 132 15.05 30.73 -19.13
CA GLN B 132 16.40 30.25 -19.44
C GLN B 132 16.42 29.51 -20.75
N LEU B 133 15.38 28.72 -21.02
CA LEU B 133 15.31 27.98 -22.26
C LEU B 133 15.12 28.94 -23.45
N VAL B 134 14.28 29.98 -23.28
CA VAL B 134 14.05 30.96 -24.35
C VAL B 134 15.33 31.68 -24.71
N ALA B 135 16.05 32.18 -23.72
CA ALA B 135 17.28 32.92 -23.96
C ALA B 135 18.42 32.04 -24.49
N LEU B 136 18.40 30.75 -24.11
CA LEU B 136 19.41 29.77 -24.52
C LEU B 136 19.16 29.23 -25.93
N LYS B 137 17.90 29.24 -26.40
CA LYS B 137 17.47 28.75 -27.71
C LYS B 137 18.33 29.25 -28.89
N PRO B 138 18.62 30.56 -29.02
CA PRO B 138 19.43 31.01 -30.16
C PRO B 138 20.94 30.73 -30.05
N TRP B 139 21.42 30.27 -28.89
CA TRP B 139 22.85 30.05 -28.70
C TRP B 139 23.27 28.62 -28.44
N ILE B 140 22.34 27.75 -28.06
CA ILE B 140 22.64 26.37 -27.69
C ILE B 140 23.53 25.61 -28.69
N THR B 141 23.44 25.93 -29.99
CA THR B 141 24.23 25.24 -31.00
C THR B 141 25.45 26.01 -31.51
N ARG B 142 25.58 27.29 -31.13
CA ARG B 142 26.68 28.13 -31.57
C ARG B 142 27.83 28.23 -30.57
N GLN B 143 27.60 27.86 -29.30
CA GLN B 143 28.64 27.98 -28.29
C GLN B 143 29.18 26.65 -27.76
N ASN B 144 30.43 26.70 -27.29
CA ASN B 144 31.16 25.59 -26.68
C ASN B 144 31.01 25.77 -25.18
N PHE B 145 30.35 24.84 -24.52
CA PHE B 145 30.08 24.92 -23.10
C PHE B 145 31.00 24.09 -22.23
N SER B 146 32.20 23.79 -22.71
CA SER B 146 33.16 22.99 -21.96
C SER B 146 33.53 23.57 -20.59
N ARG B 147 33.63 24.91 -20.49
CA ARG B 147 33.97 25.56 -19.23
C ARG B 147 32.83 25.64 -18.21
N CYS B 148 31.61 25.26 -18.62
CA CYS B 148 30.44 25.29 -17.76
C CYS B 148 30.33 24.08 -16.84
N LEU B 149 31.08 23.02 -17.12
CA LEU B 149 31.04 21.79 -16.36
C LEU B 149 31.38 21.96 -14.89
N GLU B 150 32.16 22.99 -14.55
CA GLU B 150 32.48 23.28 -13.16
C GLU B 150 31.61 24.46 -12.75
N LEU B 151 30.63 24.23 -11.86
CA LEU B 151 29.75 25.30 -11.39
C LEU B 151 30.57 26.22 -10.51
N GLN B 152 30.47 27.54 -10.72
CA GLN B 152 31.25 28.50 -9.96
C GLN B 152 30.44 29.44 -9.09
N CYS B 153 31.05 29.88 -7.97
CA CYS B 153 30.45 30.79 -7.00
C CYS B 153 31.00 32.22 -7.13
N GLN B 154 30.21 33.21 -6.69
CA GLN B 154 30.64 34.60 -6.75
C GLN B 154 31.24 35.05 -5.41
N GLN C 23 43.11 -8.92 -12.73
CA GLN C 23 42.92 -9.83 -11.59
C GLN C 23 41.52 -10.46 -11.59
N ASP C 24 41.42 -11.78 -11.93
CA ASP C 24 40.21 -12.60 -12.02
C ASP C 24 39.14 -12.28 -10.97
N CYS C 25 37.87 -12.63 -11.25
CA CYS C 25 36.82 -12.28 -10.32
C CYS C 25 35.74 -13.30 -10.16
N SER C 26 35.82 -14.02 -9.06
CA SER C 26 34.87 -15.07 -8.74
C SER C 26 34.91 -15.36 -7.24
N PHE C 27 33.84 -15.93 -6.71
CA PHE C 27 33.79 -16.27 -5.29
C PHE C 27 33.58 -17.78 -5.12
N GLN C 28 34.59 -18.47 -4.59
CA GLN C 28 34.49 -19.91 -4.36
C GLN C 28 33.48 -20.16 -3.23
N HIS C 29 33.53 -19.34 -2.17
CA HIS C 29 32.60 -19.44 -1.04
C HIS C 29 31.73 -18.19 -1.01
N SER C 30 30.43 -18.34 -0.76
CA SER C 30 29.46 -17.24 -0.81
C SER C 30 29.71 -16.13 0.17
N PRO C 31 29.94 -14.91 -0.32
CA PRO C 31 30.16 -13.79 0.58
C PRO C 31 28.89 -13.16 1.12
N ILE C 32 27.73 -13.51 0.56
CA ILE C 32 26.45 -12.97 0.99
C ILE C 32 25.97 -13.70 2.22
N SER C 33 25.75 -12.96 3.31
CA SER C 33 25.28 -13.57 4.54
C SER C 33 23.78 -13.87 4.48
N SER C 34 23.29 -14.73 5.37
CA SER C 34 21.88 -15.11 5.46
C SER C 34 21.02 -14.05 6.22
N ASP C 35 21.65 -13.20 7.04
CA ASP C 35 20.92 -12.20 7.82
C ASP C 35 21.19 -10.78 7.34
N PHE C 36 21.38 -10.59 6.03
CA PHE C 36 21.69 -9.27 5.49
C PHE C 36 20.47 -8.35 5.51
N ALA C 37 19.28 -8.91 5.29
CA ALA C 37 18.03 -8.12 5.27
C ALA C 37 17.73 -7.50 6.63
N VAL C 38 18.30 -8.07 7.70
CA VAL C 38 18.15 -7.61 9.05
C VAL C 38 19.01 -6.38 9.29
N LYS C 39 20.27 -6.42 8.84
CA LYS C 39 21.18 -5.28 8.99
C LYS C 39 20.72 -4.05 8.20
N ILE C 40 19.98 -4.26 7.10
CA ILE C 40 19.45 -3.18 6.28
C ILE C 40 18.19 -2.59 6.91
N ARG C 41 17.34 -3.43 7.51
CA ARG C 41 16.13 -2.95 8.19
C ARG C 41 16.50 -2.19 9.45
N GLU C 42 17.58 -2.55 10.10
CA GLU C 42 18.05 -1.90 11.30
C GLU C 42 18.65 -0.53 10.96
N LEU C 43 19.38 -0.42 9.83
CA LEU C 43 19.94 0.86 9.42
C LEU C 43 18.80 1.79 8.99
N SER C 44 17.85 1.26 8.22
CA SER C 44 16.68 2.00 7.76
C SER C 44 15.83 2.55 8.91
N ASP C 45 15.84 1.88 10.06
CA ASP C 45 15.09 2.34 11.22
C ASP C 45 15.61 3.62 11.84
N TYR C 46 16.86 3.99 11.55
CA TYR C 46 17.45 5.23 12.07
C TYR C 46 17.75 6.27 10.98
N LEU C 47 17.38 5.97 9.73
CA LEU C 47 17.63 6.84 8.60
C LEU C 47 16.42 7.68 8.27
N LEU C 48 16.69 8.86 7.73
CA LEU C 48 15.64 9.74 7.24
C LEU C 48 15.51 9.27 5.80
N GLN C 49 14.42 8.58 5.48
CA GLN C 49 14.15 7.97 4.18
C GLN C 49 14.31 8.88 2.95
N ASP C 50 14.17 10.20 3.09
CA ASP C 50 14.29 11.11 1.95
C ASP C 50 15.67 11.76 1.82
N TYR C 51 16.71 11.18 2.45
CA TYR C 51 18.06 11.72 2.31
C TYR C 51 18.51 11.45 0.89
N PRO C 52 19.05 12.46 0.20
CA PRO C 52 19.43 12.24 -1.21
C PRO C 52 20.76 11.51 -1.49
N VAL C 53 20.64 10.38 -2.16
CA VAL C 53 21.77 9.59 -2.64
C VAL C 53 21.61 9.49 -4.20
N THR C 54 22.43 8.68 -4.91
CA THR C 54 22.29 8.52 -6.36
C THR C 54 22.32 7.05 -6.79
N VAL C 55 21.75 6.75 -7.95
CA VAL C 55 21.72 5.44 -8.61
C VAL C 55 22.08 5.65 -10.08
N ALA C 56 22.76 4.69 -10.71
CA ALA C 56 23.14 4.86 -12.12
C ALA C 56 21.92 4.83 -12.99
N SER C 57 21.83 5.79 -13.91
CA SER C 57 20.69 5.91 -14.80
C SER C 57 20.90 5.18 -16.12
N ASN C 58 22.16 5.07 -16.60
CA ASN C 58 22.40 4.44 -17.91
C ASN C 58 23.33 3.21 -17.91
N LEU C 59 23.21 2.33 -16.90
CA LEU C 59 24.03 1.12 -16.88
C LEU C 59 23.53 0.16 -17.93
N GLN C 60 24.44 -0.33 -18.78
CA GLN C 60 24.16 -1.28 -19.87
C GLN C 60 23.39 -2.49 -19.38
N ASP C 61 22.45 -2.98 -20.20
CA ASP C 61 21.63 -4.14 -19.86
C ASP C 61 22.51 -5.39 -19.90
N GLU C 62 22.94 -5.88 -18.72
CA GLU C 62 23.81 -7.03 -18.65
C GLU C 62 23.36 -7.99 -17.55
N GLU C 63 22.69 -9.09 -17.97
CA GLU C 63 22.15 -10.14 -17.09
C GLU C 63 23.11 -10.75 -16.08
N LEU C 64 24.43 -10.55 -16.26
CA LEU C 64 25.41 -11.13 -15.35
C LEU C 64 26.08 -10.07 -14.49
N CYS C 65 26.37 -8.91 -15.07
CA CYS C 65 27.08 -7.85 -14.35
C CYS C 65 26.18 -6.82 -13.70
N GLY C 66 24.97 -6.65 -14.22
CA GLY C 66 23.97 -5.70 -13.73
C GLY C 66 23.91 -5.42 -12.24
N GLY C 67 23.47 -6.41 -11.47
CA GLY C 67 23.35 -6.29 -10.01
C GLY C 67 24.66 -6.00 -9.32
N LEU C 68 25.73 -6.62 -9.82
CA LEU C 68 27.08 -6.46 -9.31
C LEU C 68 27.57 -5.04 -9.49
N TRP C 69 27.30 -4.41 -10.63
CA TRP C 69 27.72 -3.03 -10.90
C TRP C 69 27.00 -2.10 -9.92
N ARG C 70 25.70 -2.30 -9.72
CA ARG C 70 24.90 -1.47 -8.82
C ARG C 70 25.29 -1.64 -7.37
N LEU C 71 25.72 -2.85 -6.98
CA LEU C 71 26.19 -3.11 -5.62
C LEU C 71 27.52 -2.40 -5.39
N VAL C 72 28.39 -2.35 -6.42
CA VAL C 72 29.66 -1.64 -6.37
C VAL C 72 29.39 -0.17 -6.10
N LEU C 73 28.41 0.40 -6.79
CA LEU C 73 28.00 1.80 -6.65
C LEU C 73 27.34 2.07 -5.30
N ALA C 74 26.47 1.17 -4.85
CA ALA C 74 25.82 1.25 -3.54
C ALA C 74 26.87 1.17 -2.45
N GLN C 75 27.90 0.34 -2.66
CA GLN C 75 29.02 0.17 -1.76
C GLN C 75 29.79 1.47 -1.68
N ARG C 76 30.04 2.12 -2.83
CA ARG C 76 30.72 3.42 -2.87
C ARG C 76 29.96 4.46 -2.04
N TRP C 77 28.64 4.35 -1.98
CA TRP C 77 27.82 5.25 -1.19
C TRP C 77 27.92 5.00 0.31
N MET C 78 28.04 3.74 0.73
CA MET C 78 28.17 3.39 2.16
C MET C 78 29.43 3.99 2.78
N GLU C 79 30.49 4.17 1.99
CA GLU C 79 31.74 4.76 2.44
C GLU C 79 31.59 6.27 2.55
N ARG C 80 30.99 6.91 1.54
CA ARG C 80 30.75 8.35 1.53
C ARG C 80 29.85 8.74 2.71
N LEU C 81 28.83 7.94 2.99
CA LEU C 81 27.90 8.19 4.09
C LEU C 81 28.55 8.09 5.45
N LYS C 82 29.49 7.17 5.63
CA LYS C 82 30.18 6.99 6.91
C LYS C 82 30.96 8.24 7.33
N THR C 83 31.46 9.01 6.36
CA THR C 83 32.22 10.22 6.61
C THR C 83 31.37 11.37 7.16
N VAL C 84 30.07 11.39 6.88
CA VAL C 84 29.19 12.45 7.38
C VAL C 84 28.19 11.94 8.45
N ALA C 85 28.38 10.71 8.95
CA ALA C 85 27.51 10.10 9.93
C ALA C 85 28.01 10.33 11.35
N GLY C 86 27.06 10.37 12.28
CA GLY C 86 27.37 10.53 13.70
C GLY C 86 27.96 9.26 14.29
N SER C 87 28.55 9.35 15.47
CA SER C 87 29.19 8.21 16.13
C SER C 87 28.43 6.87 16.03
N LYS C 88 27.13 6.89 16.33
CA LYS C 88 26.30 5.69 16.32
C LYS C 88 25.78 5.30 14.94
N MET C 89 25.57 6.29 14.07
CA MET C 89 25.13 6.04 12.71
C MET C 89 26.25 5.39 11.89
N GLN C 90 27.51 5.69 12.23
CA GLN C 90 28.68 5.11 11.60
C GLN C 90 28.70 3.60 11.76
N GLY C 91 28.27 3.10 12.91
CA GLY C 91 28.22 1.66 13.18
C GLY C 91 27.17 0.95 12.35
N LEU C 92 25.99 1.57 12.18
CA LEU C 92 24.90 0.99 11.39
C LEU C 92 25.28 0.94 9.91
N LEU C 93 25.97 1.99 9.42
CA LEU C 93 26.42 2.07 8.04
C LEU C 93 27.49 1.04 7.82
N GLU C 94 28.49 0.97 8.70
CA GLU C 94 29.57 0.00 8.58
C GLU C 94 29.05 -1.43 8.58
N ARG C 95 28.03 -1.71 9.40
CA ARG C 95 27.43 -3.05 9.47
C ARG C 95 26.72 -3.44 8.17
N VAL C 96 26.17 -2.46 7.45
CA VAL C 96 25.56 -2.71 6.15
C VAL C 96 26.65 -2.74 5.05
N ASN C 97 27.72 -1.97 5.25
CA ASN C 97 28.87 -1.91 4.38
C ASN C 97 29.53 -3.27 4.33
N THR C 98 29.62 -3.98 5.47
CA THR C 98 30.22 -5.32 5.53
C THR C 98 29.43 -6.32 4.69
N GLU C 99 28.10 -6.17 4.62
CA GLU C 99 27.26 -7.08 3.85
C GLU C 99 27.57 -7.05 2.35
N ILE C 100 27.99 -5.89 1.84
CA ILE C 100 28.31 -5.70 0.42
C ILE C 100 29.75 -5.31 0.15
N HIS C 101 30.63 -5.42 1.15
CA HIS C 101 32.04 -5.06 1.03
C HIS C 101 32.81 -5.98 0.10
N PHE C 102 32.32 -7.21 -0.10
CA PHE C 102 32.99 -8.19 -0.94
C PHE C 102 33.24 -7.70 -2.38
N VAL C 103 32.44 -6.74 -2.86
CA VAL C 103 32.64 -6.20 -4.20
C VAL C 103 34.02 -5.57 -4.37
N THR C 104 34.65 -5.12 -3.29
CA THR C 104 35.99 -4.55 -3.33
C THR C 104 37.10 -5.59 -3.43
N LYS C 105 36.79 -6.87 -3.21
CA LYS C 105 37.76 -7.94 -3.40
C LYS C 105 38.19 -8.01 -4.89
N CYS C 106 37.41 -7.39 -5.78
CA CYS C 106 37.61 -7.34 -7.19
C CYS C 106 38.10 -6.01 -7.66
N ALA C 107 39.01 -6.05 -8.64
CA ALA C 107 39.59 -4.85 -9.23
C ALA C 107 38.63 -4.19 -10.22
N PHE C 108 37.53 -3.63 -9.73
CA PHE C 108 36.56 -2.95 -10.57
C PHE C 108 37.17 -1.64 -11.03
N GLN C 109 37.20 -1.41 -12.34
CA GLN C 109 37.77 -0.21 -12.95
C GLN C 109 36.93 1.01 -12.60
N PRO C 110 37.55 2.21 -12.58
CA PRO C 110 36.79 3.43 -12.27
C PRO C 110 35.68 3.68 -13.28
N PRO C 111 34.55 4.25 -12.82
CA PRO C 111 33.42 4.49 -13.74
C PRO C 111 33.78 5.24 -15.02
N PRO C 112 33.19 4.85 -16.16
CA PRO C 112 33.48 5.54 -17.42
C PRO C 112 32.86 6.94 -17.47
N SER C 113 33.37 7.78 -18.37
CA SER C 113 32.88 9.15 -18.52
C SER C 113 31.38 9.22 -18.85
N CYS C 114 30.89 8.21 -19.59
CA CYS C 114 29.50 8.18 -20.02
C CYS C 114 28.50 7.79 -18.91
N LEU C 115 28.97 7.31 -17.74
CA LEU C 115 28.07 6.91 -16.68
C LEU C 115 27.38 8.09 -16.02
N ARG C 116 26.04 8.14 -16.10
CA ARG C 116 25.22 9.20 -15.52
C ARG C 116 24.46 8.72 -14.29
N PHE C 117 24.36 9.57 -13.29
CA PHE C 117 23.69 9.21 -12.05
C PHE C 117 22.45 10.06 -11.81
N VAL C 118 21.42 9.48 -11.21
CA VAL C 118 20.17 10.19 -10.91
C VAL C 118 19.89 10.20 -9.39
N GLN C 119 19.45 11.35 -8.85
CA GLN C 119 19.18 11.50 -7.42
C GLN C 119 17.99 10.68 -6.95
N THR C 120 18.17 9.92 -5.88
CA THR C 120 17.11 9.10 -5.32
C THR C 120 17.16 9.09 -3.78
N ASN C 121 16.08 8.63 -3.14
CA ASN C 121 16.01 8.54 -1.69
C ASN C 121 16.89 7.42 -1.20
N ILE C 122 17.51 7.61 -0.03
CA ILE C 122 18.34 6.57 0.56
C ILE C 122 17.54 5.29 0.87
N SER C 123 16.22 5.42 1.05
CA SER C 123 15.34 4.29 1.26
C SER C 123 15.26 3.46 -0.02
N ARG C 124 15.25 4.11 -1.19
CA ARG C 124 15.22 3.44 -2.46
C ARG C 124 16.53 2.71 -2.70
N LEU C 125 17.67 3.35 -2.37
CA LEU C 125 18.99 2.75 -2.53
C LEU C 125 19.12 1.50 -1.67
N LEU C 126 18.65 1.56 -0.43
CA LEU C 126 18.74 0.41 0.47
C LEU C 126 17.84 -0.72 0.04
N GLN C 127 16.66 -0.40 -0.46
CA GLN C 127 15.71 -1.41 -0.91
C GLN C 127 16.25 -2.16 -2.13
N GLU C 128 16.80 -1.42 -3.08
CA GLU C 128 17.38 -1.97 -4.31
C GLU C 128 18.59 -2.84 -3.97
N THR C 129 19.43 -2.39 -3.02
CA THR C 129 20.61 -3.13 -2.56
C THR C 129 20.19 -4.49 -2.02
N SER C 130 19.11 -4.52 -1.24
CA SER C 130 18.58 -5.75 -0.69
C SER C 130 18.13 -6.68 -1.83
N GLU C 131 17.39 -6.13 -2.81
CA GLU C 131 16.91 -6.87 -3.97
C GLU C 131 18.06 -7.46 -4.81
N GLN C 132 19.15 -6.70 -4.98
CA GLN C 132 20.31 -7.14 -5.75
C GLN C 132 21.02 -8.29 -5.06
N LEU C 133 21.10 -8.23 -3.72
CA LEU C 133 21.74 -9.29 -2.97
C LEU C 133 20.91 -10.56 -3.04
N VAL C 134 19.57 -10.45 -2.96
CA VAL C 134 18.69 -11.62 -3.05
C VAL C 134 18.85 -12.33 -4.38
N ALA C 135 18.79 -11.58 -5.47
CA ALA C 135 18.90 -12.15 -6.81
C ALA C 135 20.30 -12.72 -7.11
N LEU C 136 21.33 -12.12 -6.50
CA LEU C 136 22.73 -12.51 -6.66
C LEU C 136 23.12 -13.73 -5.82
N LYS C 137 22.40 -13.94 -4.69
CA LYS C 137 22.64 -15.05 -3.76
C LYS C 137 22.78 -16.43 -4.41
N PRO C 138 21.87 -16.86 -5.31
CA PRO C 138 22.01 -18.19 -5.91
C PRO C 138 23.11 -18.31 -6.98
N TRP C 139 23.70 -17.20 -7.43
CA TRP C 139 24.69 -17.23 -8.51
C TRP C 139 26.07 -16.77 -8.16
N ILE C 140 26.24 -16.10 -7.03
CA ILE C 140 27.53 -15.54 -6.63
C ILE C 140 28.72 -16.51 -6.70
N THR C 141 28.49 -17.80 -6.46
CA THR C 141 29.57 -18.77 -6.49
C THR C 141 29.65 -19.61 -7.75
N ARG C 142 28.62 -19.55 -8.62
CA ARG C 142 28.56 -20.33 -9.83
C ARG C 142 29.02 -19.58 -11.10
N GLN C 143 29.14 -18.24 -11.03
CA GLN C 143 29.55 -17.48 -12.20
C GLN C 143 30.91 -16.81 -12.07
N ASN C 144 31.53 -16.59 -13.24
CA ASN C 144 32.82 -15.93 -13.41
C ASN C 144 32.50 -14.49 -13.77
N PHE C 145 32.86 -13.56 -12.90
CA PHE C 145 32.55 -12.15 -13.10
C PHE C 145 33.71 -11.33 -13.63
N SER C 146 34.65 -11.95 -14.33
CA SER C 146 35.80 -11.26 -14.88
C SER C 146 35.45 -10.11 -15.83
N ARG C 147 34.39 -10.28 -16.64
CA ARG C 147 33.98 -9.23 -17.58
C ARG C 147 33.22 -8.06 -16.95
N CYS C 148 32.87 -8.17 -15.67
CA CYS C 148 32.15 -7.13 -14.95
C CYS C 148 33.04 -6.01 -14.44
N LEU C 149 34.36 -6.22 -14.42
CA LEU C 149 35.32 -5.25 -13.93
C LEU C 149 35.27 -3.92 -14.67
N GLU C 150 34.84 -3.92 -15.94
CA GLU C 150 34.70 -2.69 -16.69
C GLU C 150 33.22 -2.35 -16.73
N LEU C 151 32.82 -1.28 -16.04
CA LEU C 151 31.41 -0.86 -16.02
C LEU C 151 31.05 -0.33 -17.40
N GLN C 152 29.91 -0.76 -17.95
CA GLN C 152 29.51 -0.34 -19.30
C GLN C 152 28.21 0.48 -19.34
N CYS C 153 28.11 1.41 -20.31
CA CYS C 153 26.92 2.25 -20.50
C CYS C 153 26.07 1.73 -21.66
N GLN C 154 24.76 2.01 -21.64
CA GLN C 154 23.90 1.52 -22.71
C GLN C 154 24.00 2.36 -23.96
N PRO C 155 24.40 1.73 -25.06
CA PRO C 155 24.54 2.49 -26.32
C PRO C 155 23.22 2.56 -27.13
N THR D 22 -2.59 42.21 22.87
CA THR D 22 -3.28 41.70 24.04
C THR D 22 -2.79 40.28 24.35
N GLN D 23 -2.52 39.46 23.32
CA GLN D 23 -2.01 38.10 23.53
C GLN D 23 -0.65 38.17 24.20
N ASP D 24 -0.51 37.53 25.36
CA ASP D 24 0.73 37.52 26.13
C ASP D 24 1.53 36.23 25.94
N CYS D 25 2.78 36.24 26.37
CA CYS D 25 3.68 35.11 26.24
C CYS D 25 4.73 35.23 27.32
N SER D 26 4.64 34.41 28.36
CA SER D 26 5.61 34.42 29.45
C SER D 26 5.61 33.08 30.17
N PHE D 27 6.71 32.77 30.85
CA PHE D 27 6.83 31.51 31.56
C PHE D 27 7.11 31.75 33.03
N GLN D 28 6.16 31.39 33.89
CA GLN D 28 6.35 31.55 35.34
C GLN D 28 7.40 30.55 35.82
N HIS D 29 7.32 29.30 35.33
CA HIS D 29 8.28 28.25 35.66
C HIS D 29 9.07 27.89 34.41
N SER D 30 10.40 27.68 34.53
CA SER D 30 11.29 27.43 33.40
C SER D 30 10.98 26.18 32.62
N PRO D 31 10.65 26.33 31.32
CA PRO D 31 10.35 25.16 30.50
C PRO D 31 11.59 24.45 29.95
N ILE D 32 12.77 25.09 30.05
CA ILE D 32 14.01 24.51 29.56
C ILE D 32 14.56 23.52 30.56
N SER D 33 14.71 22.26 30.15
CA SER D 33 15.23 21.24 31.04
C SER D 33 16.76 21.39 31.19
N SER D 34 17.34 20.78 32.23
CA SER D 34 18.78 20.83 32.47
C SER D 34 19.58 19.86 31.57
N ASP D 35 18.93 18.82 31.06
CA ASP D 35 19.60 17.80 30.26
C ASP D 35 19.24 17.87 28.78
N PHE D 36 19.00 19.08 28.27
CA PHE D 36 18.61 19.23 26.87
C PHE D 36 19.78 18.98 25.94
N ALA D 37 21.00 19.34 26.35
CA ALA D 37 22.20 19.13 25.54
C ALA D 37 22.51 17.65 25.30
N VAL D 38 21.99 16.77 26.17
CA VAL D 38 22.15 15.34 26.09
C VAL D 38 21.20 14.78 25.02
N LYS D 39 19.94 15.22 25.01
CA LYS D 39 18.96 14.74 24.02
C LYS D 39 19.33 15.17 22.61
N ILE D 40 20.07 16.30 22.46
CA ILE D 40 20.51 16.79 21.16
C ILE D 40 21.75 16.04 20.68
N ARG D 41 22.66 15.69 21.61
CA ARG D 41 23.85 14.92 21.26
C ARG D 41 23.46 13.50 20.89
N GLU D 42 22.39 12.96 21.50
CA GLU D 42 21.89 11.62 21.21
C GLU D 42 21.22 11.58 19.84
N LEU D 43 20.47 12.63 19.48
CA LEU D 43 19.83 12.69 18.17
C LEU D 43 20.92 12.84 17.09
N SER D 44 21.89 13.73 17.33
CA SER D 44 23.00 13.98 16.42
C SER D 44 23.84 12.71 16.16
N ASP D 45 23.89 11.79 17.12
CA ASP D 45 24.62 10.54 16.96
C ASP D 45 24.04 9.59 15.94
N TYR D 46 22.77 9.77 15.58
CA TYR D 46 22.11 8.92 14.58
C TYR D 46 21.76 9.67 13.29
N LEU D 47 22.15 10.94 13.19
CA LEU D 47 21.83 11.78 12.04
C LEU D 47 22.98 11.87 11.09
N LEU D 48 22.65 12.05 9.82
CA LEU D 48 23.66 12.30 8.81
C LEU D 48 23.75 13.82 8.85
N GLN D 49 24.87 14.33 9.36
CA GLN D 49 25.14 15.75 9.56
C GLN D 49 24.88 16.68 8.37
N ASP D 50 24.96 16.19 7.13
CA ASP D 50 24.74 17.03 5.96
C ASP D 50 23.31 16.95 5.39
N TYR D 51 22.34 16.47 6.18
CA TYR D 51 20.96 16.42 5.72
C TYR D 51 20.46 17.86 5.62
N PRO D 52 19.83 18.23 4.50
CA PRO D 52 19.42 19.63 4.34
C PRO D 52 18.13 20.07 5.03
N VAL D 53 18.29 21.04 5.93
CA VAL D 53 17.21 21.73 6.61
C VAL D 53 17.34 23.25 6.24
N THR D 54 16.56 24.17 6.88
CA THR D 54 16.66 25.60 6.58
C THR D 54 16.70 26.43 7.85
N VAL D 55 17.27 27.65 7.75
CA VAL D 55 17.35 28.65 8.80
C VAL D 55 16.95 30.00 8.17
N ALA D 56 16.31 30.89 8.92
CA ALA D 56 15.89 32.17 8.36
C ALA D 56 17.10 33.02 8.05
N SER D 57 17.10 33.61 6.87
CA SER D 57 18.21 34.43 6.40
C SER D 57 18.02 35.90 6.78
N ASN D 58 16.75 36.38 6.87
CA ASN D 58 16.50 37.78 7.19
C ASN D 58 15.61 38.00 8.44
N LEU D 59 15.97 37.42 9.60
CA LEU D 59 15.23 37.69 10.84
C LEU D 59 15.80 39.00 11.43
N GLN D 60 14.91 39.94 11.83
CA GLN D 60 15.27 41.28 12.34
C GLN D 60 16.25 41.29 13.50
N ASP D 61 16.29 40.18 14.27
CA ASP D 61 17.15 39.91 15.43
C ASP D 61 17.04 40.95 16.54
N GLU D 62 15.89 40.98 17.24
CA GLU D 62 15.66 41.86 18.38
C GLU D 62 16.24 41.13 19.60
N GLU D 63 16.99 41.85 20.47
CA GLU D 63 17.68 41.28 21.64
C GLU D 63 16.82 40.42 22.58
N LEU D 64 15.50 40.46 22.43
CA LEU D 64 14.61 39.70 23.29
C LEU D 64 13.92 38.57 22.54
N CYS D 65 13.56 38.80 21.29
CA CYS D 65 12.82 37.82 20.50
C CYS D 65 13.68 36.92 19.64
N GLY D 66 14.87 37.36 19.28
CA GLY D 66 15.81 36.64 18.44
C GLY D 66 15.88 35.12 18.57
N GLY D 67 16.38 34.64 19.70
CA GLY D 67 16.51 33.20 19.95
C GLY D 67 15.20 32.45 19.95
N LEU D 68 14.16 33.12 20.49
CA LEU D 68 12.80 32.59 20.57
C LEU D 68 12.21 32.36 19.18
N TRP D 69 12.43 33.29 18.25
CA TRP D 69 11.93 33.18 16.89
C TRP D 69 12.58 31.98 16.21
N ARG D 70 13.90 31.83 16.37
CA ARG D 70 14.64 30.74 15.75
C ARG D 70 14.29 29.39 16.34
N LEU D 71 13.95 29.35 17.63
CA LEU D 71 13.52 28.11 18.28
C LEU D 71 12.15 27.70 17.76
N VAL D 72 11.27 28.68 17.48
CA VAL D 72 9.95 28.45 16.89
C VAL D 72 10.12 27.78 15.53
N LEU D 73 11.05 28.30 14.72
CA LEU D 73 11.38 27.80 13.39
C LEU D 73 12.02 26.41 13.44
N ALA D 74 12.96 26.21 14.39
CA ALA D 74 13.63 24.92 14.63
C ALA D 74 12.60 23.88 15.06
N GLN D 75 11.62 24.32 15.86
CA GLN D 75 10.52 23.51 16.33
C GLN D 75 9.68 23.07 15.16
N ARG D 76 9.37 23.99 14.26
CA ARG D 76 8.61 23.65 13.04
C ARG D 76 9.32 22.58 12.20
N TRP D 77 10.66 22.56 12.25
CA TRP D 77 11.46 21.57 11.53
C TRP D 77 11.40 20.18 12.19
N MET D 78 11.33 20.12 13.53
CA MET D 78 11.24 18.85 14.23
C MET D 78 9.99 18.06 13.91
N GLU D 79 8.91 18.76 13.55
CA GLU D 79 7.65 18.15 13.17
C GLU D 79 7.76 17.61 11.75
N ARG D 80 8.31 18.41 10.83
CA ARG D 80 8.48 18.01 9.43
C ARG D 80 9.39 16.79 9.32
N LEU D 81 10.44 16.76 10.14
CA LEU D 81 11.39 15.65 10.14
C LEU D 81 10.79 14.35 10.64
N LYS D 82 9.89 14.42 11.63
CA LYS D 82 9.24 13.23 12.19
C LYS D 82 8.44 12.47 11.14
N THR D 83 7.87 13.18 10.17
CA THR D 83 7.07 12.59 9.13
C THR D 83 7.86 11.74 8.14
N VAL D 84 9.16 12.02 7.98
CA VAL D 84 9.99 11.25 7.04
C VAL D 84 11.03 10.36 7.75
N ALA D 85 10.94 10.24 9.08
CA ALA D 85 11.86 9.47 9.89
C ALA D 85 11.41 8.04 10.10
N GLY D 86 12.39 7.15 10.29
CA GLY D 86 12.13 5.74 10.57
C GLY D 86 11.62 5.55 11.98
N SER D 87 11.06 4.36 12.26
CA SER D 87 10.48 4.02 13.57
C SER D 87 11.27 4.52 14.79
N LYS D 88 12.58 4.26 14.82
CA LYS D 88 13.43 4.64 15.93
C LYS D 88 13.95 6.07 15.86
N MET D 89 14.10 6.61 14.65
CA MET D 89 14.52 8.00 14.47
C MET D 89 13.39 8.95 14.93
N GLN D 90 12.14 8.52 14.79
CA GLN D 90 10.97 9.28 15.23
C GLN D 90 11.03 9.57 16.73
N GLY D 91 11.51 8.62 17.51
CA GLY D 91 11.64 8.78 18.95
C GLY D 91 12.71 9.78 19.36
N LEU D 92 13.85 9.79 18.65
CA LEU D 92 14.94 10.74 18.91
C LEU D 92 14.52 12.16 18.56
N LEU D 93 13.77 12.31 17.45
CA LEU D 93 13.28 13.60 17.01
C LEU D 93 12.27 14.12 18.01
N GLU D 94 11.30 13.28 18.38
CA GLU D 94 10.27 13.65 19.34
C GLU D 94 10.87 14.05 20.67
N ARG D 95 11.92 13.35 21.11
CA ARG D 95 12.59 13.65 22.38
C ARG D 95 13.30 15.01 22.35
N VAL D 96 13.77 15.44 21.18
CA VAL D 96 14.37 16.77 21.04
C VAL D 96 13.26 17.82 20.83
N ASN D 97 12.15 17.41 20.21
CA ASN D 97 10.98 18.23 20.00
C ASN D 97 10.40 18.65 21.35
N THR D 98 10.37 17.73 22.34
CA THR D 98 9.86 18.03 23.67
C THR D 98 10.68 19.12 24.36
N GLU D 99 11.99 19.15 24.11
CA GLU D 99 12.89 20.14 24.72
C GLU D 99 12.57 21.57 24.31
N ILE D 100 12.04 21.76 23.09
CA ILE D 100 11.70 23.07 22.55
C ILE D 100 10.22 23.23 22.20
N HIS D 101 9.36 22.30 22.65
CA HIS D 101 7.94 22.33 22.37
C HIS D 101 7.20 23.47 23.08
N PHE D 102 7.78 24.01 24.15
CA PHE D 102 7.16 25.09 24.91
C PHE D 102 6.87 26.34 24.07
N VAL D 103 7.59 26.53 22.96
CA VAL D 103 7.33 27.69 22.09
C VAL D 103 5.90 27.69 21.54
N THR D 104 5.26 26.53 21.47
CA THR D 104 3.88 26.41 21.00
C THR D 104 2.85 26.83 22.05
N LYS D 105 3.28 27.04 23.30
CA LYS D 105 2.39 27.53 24.35
C LYS D 105 1.91 28.95 24.00
N CYS D 106 2.72 29.71 23.22
CA CYS D 106 2.43 31.07 22.79
C CYS D 106 1.85 31.11 21.37
N ALA D 107 0.89 32.02 21.16
CA ALA D 107 0.23 32.20 19.86
C ALA D 107 1.12 32.96 18.87
N PHE D 108 2.19 32.32 18.44
CA PHE D 108 3.10 32.91 17.46
C PHE D 108 2.41 32.97 16.12
N GLN D 109 2.39 34.15 15.51
CA GLN D 109 1.77 34.37 14.21
C GLN D 109 2.57 33.68 13.10
N PRO D 110 1.89 33.27 12.00
CA PRO D 110 2.61 32.61 10.91
C PRO D 110 3.68 33.52 10.30
N PRO D 111 4.80 32.92 9.81
CA PRO D 111 5.87 33.73 9.22
C PRO D 111 5.43 34.72 8.16
N PRO D 112 6.03 35.93 8.15
CA PRO D 112 5.62 36.93 7.16
C PRO D 112 6.09 36.60 5.74
N SER D 113 5.45 37.21 4.74
CA SER D 113 5.80 36.96 3.35
C SER D 113 7.26 37.31 3.02
N CYS D 114 7.81 38.29 3.71
CA CYS D 114 9.19 38.72 3.45
C CYS D 114 10.25 37.83 4.06
N LEU D 115 9.88 36.82 4.87
CA LEU D 115 10.86 35.91 5.45
C LEU D 115 11.44 34.92 4.42
N ARG D 116 12.76 34.98 4.20
CA ARG D 116 13.51 34.12 3.30
C ARG D 116 14.29 33.09 4.11
N PHE D 117 14.39 31.86 3.59
CA PHE D 117 15.10 30.79 4.27
C PHE D 117 16.30 30.29 3.45
N VAL D 118 17.38 29.92 4.13
CA VAL D 118 18.59 29.44 3.48
C VAL D 118 18.89 28.00 3.92
N GLN D 119 19.28 27.16 2.97
CA GLN D 119 19.57 25.75 3.24
C GLN D 119 20.81 25.55 4.09
N THR D 120 20.70 24.75 5.13
CA THR D 120 21.81 24.47 6.02
C THR D 120 21.82 23.01 6.47
N ASN D 121 22.93 22.54 7.01
CA ASN D 121 23.05 21.19 7.51
C ASN D 121 22.25 21.02 8.78
N ILE D 122 21.66 19.84 8.97
CA ILE D 122 20.90 19.55 10.18
C ILE D 122 21.78 19.64 11.45
N SER D 123 23.10 19.45 11.29
CA SER D 123 24.06 19.58 12.37
C SER D 123 24.12 21.04 12.79
N ARG D 124 24.06 21.98 11.82
CA ARG D 124 24.10 23.39 12.10
C ARG D 124 22.83 23.83 12.81
N LEU D 125 21.67 23.30 12.36
CA LEU D 125 20.38 23.61 12.99
C LEU D 125 20.36 23.14 14.46
N LEU D 126 20.86 21.92 14.71
CA LEU D 126 20.87 21.39 16.06
C LEU D 126 21.82 22.14 16.96
N GLN D 127 22.97 22.55 16.43
CA GLN D 127 23.97 23.27 17.21
C GLN D 127 23.44 24.63 17.63
N GLU D 128 22.81 25.34 16.70
CA GLU D 128 22.22 26.65 16.94
C GLU D 128 21.09 26.56 17.95
N THR D 129 20.25 25.51 17.83
CA THR D 129 19.15 25.27 18.75
C THR D 129 19.67 25.11 20.19
N SER D 130 20.77 24.37 20.35
CA SER D 130 21.40 24.18 21.65
C SER D 130 21.88 25.52 22.19
N GLU D 131 22.56 26.33 21.36
CA GLU D 131 23.06 27.66 21.72
C GLU D 131 21.93 28.59 22.17
N GLN D 132 20.80 28.55 21.47
CA GLN D 132 19.63 29.38 21.78
C GLN D 132 19.03 29.01 23.11
N LEU D 133 18.97 27.72 23.42
CA LEU D 133 18.43 27.27 24.68
C LEU D 133 19.34 27.69 25.83
N VAL D 134 20.67 27.60 25.64
CA VAL D 134 21.60 28.00 26.70
C VAL D 134 21.49 29.46 27.03
N ALA D 135 21.48 30.31 26.01
CA ALA D 135 21.38 31.76 26.20
C ALA D 135 20.01 32.19 26.75
N LEU D 136 18.96 31.44 26.41
CA LEU D 136 17.59 31.72 26.81
C LEU D 136 17.30 31.25 28.25
N LYS D 137 18.03 30.22 28.72
CA LYS D 137 17.88 29.62 30.05
C LYS D 137 17.82 30.63 31.21
N PRO D 138 18.74 31.62 31.31
CA PRO D 138 18.66 32.57 32.43
C PRO D 138 17.57 33.64 32.32
N TRP D 139 16.90 33.76 31.16
CA TRP D 139 15.90 34.81 30.97
C TRP D 139 14.49 34.35 30.72
N ILE D 140 14.30 33.08 30.39
CA ILE D 140 12.99 32.54 30.05
C ILE D 140 11.86 32.87 31.04
N THR D 141 12.19 33.00 32.33
CA THR D 141 11.16 33.30 33.35
C THR D 141 11.13 34.74 33.83
N ARG D 142 12.12 35.55 33.44
CA ARG D 142 12.20 36.95 33.85
C ARG D 142 11.64 37.94 32.82
N GLN D 143 11.47 37.51 31.55
CA GLN D 143 11.00 38.42 30.52
C GLN D 143 9.59 38.10 29.99
N ASN D 144 8.94 39.17 29.50
CA ASN D 144 7.62 39.13 28.90
C ASN D 144 7.84 39.13 27.40
N PHE D 145 7.45 38.06 26.75
CA PHE D 145 7.68 37.86 25.32
C PHE D 145 6.47 38.16 24.44
N SER D 146 5.57 39.01 24.92
CA SER D 146 4.35 39.34 24.18
C SER D 146 4.63 39.94 22.80
N ARG D 147 5.69 40.75 22.66
CA ARG D 147 6.02 41.38 21.37
C ARG D 147 6.71 40.44 20.36
N CYS D 148 7.06 39.22 20.80
CA CYS D 148 7.72 38.24 19.95
C CYS D 148 6.78 37.45 19.06
N LEU D 149 5.47 37.50 19.36
CA LEU D 149 4.47 36.77 18.62
C LEU D 149 4.42 37.11 17.14
N GLU D 150 4.84 38.31 16.76
CA GLU D 150 4.89 38.69 15.35
C GLU D 150 6.35 38.61 14.92
N LEU D 151 6.69 37.63 14.07
CA LEU D 151 8.06 37.47 13.58
C LEU D 151 8.36 38.63 12.65
N GLN D 152 9.53 39.27 12.83
CA GLN D 152 9.87 40.43 12.02
C GLN D 152 11.10 40.23 11.12
N CYS D 153 11.13 40.97 9.99
CA CYS D 153 12.18 40.93 8.98
C CYS D 153 13.22 42.04 9.14
N GLN D 154 14.50 41.69 8.89
CA GLN D 154 15.66 42.55 9.05
C GLN D 154 15.64 43.70 8.07
N PRO D 155 16.15 44.87 8.50
CA PRO D 155 16.16 46.02 7.59
C PRO D 155 17.20 45.88 6.48
N LEU E 164 -25.50 -8.68 -29.58
CA LEU E 164 -26.00 -8.51 -28.21
C LEU E 164 -27.52 -8.64 -28.14
N LEU E 165 -28.10 -9.53 -28.97
CA LEU E 165 -29.56 -9.77 -28.99
C LEU E 165 -30.01 -10.52 -27.73
N TYR E 166 -31.30 -10.39 -27.34
CA TYR E 166 -31.83 -11.04 -26.13
C TYR E 166 -32.11 -12.54 -26.30
N THR E 167 -31.07 -13.32 -26.65
CA THR E 167 -31.12 -14.77 -26.86
C THR E 167 -30.88 -15.55 -25.55
N LEU E 168 -31.46 -16.77 -25.46
CA LEU E 168 -31.41 -17.64 -24.28
C LEU E 168 -32.08 -16.93 -23.06
N ARG E 169 -31.60 -17.09 -21.80
CA ARG E 169 -32.26 -16.45 -20.66
C ARG E 169 -31.75 -15.02 -20.44
N ARG E 170 -32.66 -14.05 -20.61
CA ARG E 170 -32.45 -12.61 -20.47
C ARG E 170 -31.76 -12.23 -19.14
N PRO E 171 -30.98 -11.14 -19.10
CA PRO E 171 -30.26 -10.78 -17.86
C PRO E 171 -31.15 -10.41 -16.69
N TYR E 172 -30.72 -10.77 -15.48
CA TYR E 172 -31.40 -10.37 -14.25
C TYR E 172 -30.41 -9.56 -13.36
N PHE E 173 -30.91 -8.87 -12.33
CA PHE E 173 -30.03 -8.06 -11.49
C PHE E 173 -29.96 -8.53 -10.04
N ARG E 174 -28.81 -8.30 -9.40
CA ARG E 174 -28.59 -8.66 -8.02
C ARG E 174 -27.59 -7.69 -7.42
N LYS E 175 -27.93 -7.05 -6.30
CA LYS E 175 -27.03 -6.09 -5.66
C LYS E 175 -25.91 -6.80 -4.92
N MET E 176 -24.65 -6.48 -5.23
CA MET E 176 -23.48 -7.10 -4.58
C MET E 176 -23.54 -6.82 -3.07
N GLU E 177 -23.49 -7.88 -2.26
CA GLU E 177 -23.60 -7.81 -0.81
C GLU E 177 -22.48 -6.98 -0.17
N ASN E 178 -21.29 -6.97 -0.79
CA ASN E 178 -20.15 -6.23 -0.27
C ASN E 178 -20.29 -4.71 -0.35
N GLN E 179 -20.59 -4.14 -1.54
CA GLN E 179 -20.69 -2.69 -1.67
C GLN E 179 -22.02 -2.20 -2.30
N ASP E 180 -22.19 -0.86 -2.50
CA ASP E 180 -23.38 -0.29 -3.14
C ASP E 180 -23.16 -0.28 -4.64
N ALA E 181 -23.37 -1.43 -5.27
CA ALA E 181 -23.20 -1.64 -6.70
C ALA E 181 -24.08 -2.81 -7.18
N LEU E 182 -24.40 -2.82 -8.47
CA LEU E 182 -25.25 -3.86 -9.05
C LEU E 182 -24.45 -4.88 -9.86
N VAL E 183 -24.99 -6.11 -9.99
CA VAL E 183 -24.36 -7.23 -10.70
C VAL E 183 -25.35 -7.85 -11.70
N CYS E 184 -24.90 -8.07 -12.95
CA CYS E 184 -25.71 -8.63 -14.01
C CYS E 184 -25.59 -10.16 -14.14
N ILE E 185 -26.68 -10.88 -13.81
CA ILE E 185 -26.72 -12.33 -13.89
C ILE E 185 -27.57 -12.79 -15.07
N SER E 186 -26.94 -13.07 -16.21
CA SER E 186 -27.63 -13.53 -17.40
C SER E 186 -27.32 -15.02 -17.60
N GLU E 187 -28.36 -15.87 -17.71
CA GLU E 187 -28.18 -17.31 -17.85
C GLU E 187 -28.21 -17.71 -19.32
N SER E 188 -27.36 -18.68 -19.71
CA SER E 188 -27.25 -19.17 -21.07
C SER E 188 -26.29 -20.35 -21.17
N VAL E 189 -26.52 -21.21 -22.17
CA VAL E 189 -25.68 -22.37 -22.40
C VAL E 189 -24.81 -22.17 -23.64
N PRO E 190 -23.53 -22.53 -23.51
CA PRO E 190 -22.45 -21.53 -23.30
C PRO E 190 -22.80 -20.19 -22.65
N GLU E 191 -22.01 -19.83 -21.64
CA GLU E 191 -22.11 -18.56 -20.91
C GLU E 191 -21.89 -17.40 -21.90
N PRO E 192 -22.70 -16.33 -21.81
CA PRO E 192 -22.58 -15.24 -22.79
C PRO E 192 -21.71 -14.06 -22.35
N ILE E 193 -21.52 -13.08 -23.25
CA ILE E 193 -20.79 -11.86 -22.95
C ILE E 193 -21.74 -10.92 -22.22
N VAL E 194 -21.42 -10.55 -20.99
CA VAL E 194 -22.28 -9.68 -20.18
C VAL E 194 -21.72 -8.26 -20.18
N GLU E 195 -22.40 -7.34 -20.89
CA GLU E 195 -21.94 -5.96 -20.99
C GLU E 195 -22.97 -4.94 -20.49
N TRP E 196 -22.55 -4.04 -19.61
CA TRP E 196 -23.38 -2.98 -19.06
C TRP E 196 -23.30 -1.77 -20.00
N VAL E 197 -24.44 -1.19 -20.42
CA VAL E 197 -24.40 0.00 -21.28
C VAL E 197 -25.16 1.16 -20.67
N LEU E 198 -24.44 2.26 -20.40
CA LEU E 198 -25.02 3.46 -19.81
C LEU E 198 -25.02 4.57 -20.87
N CYS E 199 -26.21 5.11 -21.17
CA CYS E 199 -26.34 6.17 -22.15
C CYS E 199 -26.45 7.53 -21.50
N ASP E 200 -25.86 8.54 -22.13
CA ASP E 200 -25.87 9.92 -21.62
C ASP E 200 -27.22 10.63 -21.79
N SER E 201 -28.08 10.13 -22.68
CA SER E 201 -29.42 10.68 -22.92
C SER E 201 -30.46 9.55 -23.04
N GLN E 202 -31.76 9.90 -22.94
CA GLN E 202 -32.85 8.92 -23.01
C GLN E 202 -32.80 8.05 -24.27
N GLY E 203 -32.65 8.67 -25.42
CA GLY E 203 -32.60 7.96 -26.69
C GLY E 203 -33.96 7.82 -27.36
N GLU E 208 -29.62 5.83 -26.64
CA GLU E 208 -29.73 4.99 -27.83
C GLU E 208 -28.43 4.23 -28.16
N GLU E 209 -28.52 3.17 -28.99
CA GLU E 209 -27.41 2.29 -29.37
C GLU E 209 -26.30 2.95 -30.23
N SER E 210 -26.49 4.20 -30.68
CA SER E 210 -25.51 4.93 -31.50
C SER E 210 -24.14 4.99 -30.80
N PRO E 211 -23.03 4.87 -31.55
CA PRO E 211 -21.71 4.88 -30.90
C PRO E 211 -21.22 6.27 -30.46
N ALA E 212 -21.80 6.75 -29.36
CA ALA E 212 -21.53 8.02 -28.69
C ALA E 212 -21.75 7.89 -27.16
N VAL E 213 -22.53 6.85 -26.73
CA VAL E 213 -22.85 6.50 -25.34
C VAL E 213 -21.68 5.66 -24.69
N VAL E 214 -21.89 4.96 -23.54
CA VAL E 214 -20.77 4.23 -22.94
C VAL E 214 -21.07 2.76 -22.68
N LYS E 215 -20.25 1.88 -23.28
CA LYS E 215 -20.36 0.44 -23.09
C LYS E 215 -19.22 -0.01 -22.18
N LYS E 216 -19.55 -0.81 -21.18
CA LYS E 216 -18.59 -1.32 -20.21
C LYS E 216 -18.89 -2.77 -19.86
N GLU E 217 -18.18 -3.71 -20.49
CA GLU E 217 -18.34 -5.14 -20.24
C GLU E 217 -17.60 -5.50 -18.95
N GLU E 218 -18.32 -5.59 -17.82
CA GLU E 218 -17.70 -5.88 -16.54
C GLU E 218 -18.46 -6.88 -15.67
N LYS E 219 -19.76 -7.12 -15.99
CA LYS E 219 -20.68 -7.99 -15.24
C LYS E 219 -21.03 -7.42 -13.84
N VAL E 220 -20.28 -6.41 -13.36
CA VAL E 220 -20.46 -5.72 -12.09
C VAL E 220 -20.34 -4.21 -12.32
N LEU E 221 -21.46 -3.47 -12.19
CA LEU E 221 -21.50 -2.03 -12.41
C LEU E 221 -21.52 -1.28 -11.08
N HIS E 222 -20.66 -0.27 -10.94
CA HIS E 222 -20.54 0.55 -9.75
C HIS E 222 -21.10 1.96 -9.98
N GLU E 223 -20.93 2.49 -11.21
CA GLU E 223 -21.41 3.84 -11.56
C GLU E 223 -22.86 3.80 -12.04
N LEU E 224 -23.78 3.52 -11.11
CA LEU E 224 -25.21 3.40 -11.37
C LEU E 224 -25.95 4.72 -11.62
N PHE E 225 -25.25 5.86 -11.55
CA PHE E 225 -25.85 7.15 -11.85
C PHE E 225 -25.79 7.35 -13.37
N GLY E 226 -26.86 7.84 -13.97
CA GLY E 226 -26.87 8.05 -15.42
C GLY E 226 -28.23 7.87 -16.04
N MET E 227 -28.39 8.31 -17.29
CA MET E 227 -29.68 8.28 -17.96
C MET E 227 -30.21 6.86 -18.33
N ASP E 228 -29.67 6.19 -19.37
CA ASP E 228 -30.21 4.90 -19.78
C ASP E 228 -29.29 3.72 -19.48
N ILE E 229 -29.52 3.05 -18.35
CA ILE E 229 -28.73 1.90 -17.94
C ILE E 229 -29.43 0.60 -18.35
N ARG E 230 -28.73 -0.25 -19.11
CA ARG E 230 -29.27 -1.52 -19.56
C ARG E 230 -28.15 -2.56 -19.68
N CYS E 231 -28.43 -3.80 -19.27
CA CYS E 231 -27.44 -4.88 -19.38
C CYS E 231 -27.77 -5.75 -20.58
N CYS E 232 -26.74 -6.20 -21.32
CA CYS E 232 -26.92 -7.02 -22.51
C CYS E 232 -26.08 -8.31 -22.50
N ALA E 233 -26.74 -9.45 -22.78
CA ALA E 233 -26.08 -10.76 -22.86
C ALA E 233 -25.94 -11.11 -24.35
N ARG E 234 -24.72 -11.45 -24.82
CA ARG E 234 -24.52 -11.72 -26.24
C ARG E 234 -23.94 -13.15 -26.53
N ASN E 235 -22.64 -13.31 -26.90
CA ASN E 235 -21.96 -14.58 -27.24
C ASN E 235 -22.43 -15.22 -28.57
N GLU E 236 -23.45 -14.62 -29.23
CA GLU E 236 -24.02 -15.13 -30.47
C GLU E 236 -24.59 -16.55 -30.27
N LEU E 237 -25.42 -16.68 -29.24
CA LEU E 237 -26.07 -17.93 -28.84
C LEU E 237 -27.00 -18.43 -29.95
N LEU E 244 -32.76 -1.32 -16.92
CA LEU E 244 -33.14 -1.02 -15.54
C LEU E 244 -34.22 0.03 -15.53
N PHE E 245 -35.42 -0.32 -15.01
CA PHE E 245 -36.56 0.59 -14.94
C PHE E 245 -36.25 1.82 -14.10
N THR E 246 -36.37 3.01 -14.70
CA THR E 246 -36.03 4.24 -14.02
C THR E 246 -37.21 5.21 -13.90
N ILE E 247 -37.24 5.98 -12.81
CA ILE E 247 -38.25 7.02 -12.55
C ILE E 247 -37.48 8.30 -12.21
N ASP E 248 -37.41 9.26 -13.15
CA ASP E 248 -36.68 10.50 -12.89
C ASP E 248 -37.64 11.59 -12.43
N LEU E 249 -37.61 11.91 -11.14
CA LEU E 249 -38.46 12.97 -10.58
C LEU E 249 -38.04 14.35 -11.09
N ASN E 250 -36.75 14.53 -11.37
CA ASN E 250 -36.19 15.76 -11.91
C ASN E 250 -36.73 16.02 -13.33
N GLN E 251 -36.98 14.94 -14.10
CA GLN E 251 -37.44 14.98 -15.49
C GLN E 251 -38.95 14.92 -15.65
N THR E 252 -39.41 15.27 -16.87
CA THR E 252 -40.82 15.23 -17.28
C THR E 252 -41.27 13.77 -17.50
N PRO E 253 -42.52 13.42 -17.16
CA PRO E 253 -42.96 12.03 -17.37
C PRO E 253 -43.09 11.63 -18.83
N GLN E 254 -42.47 10.51 -19.23
CA GLN E 254 -42.51 10.01 -20.61
C GLN E 254 -43.94 9.63 -21.05
N THR E 255 -44.60 8.77 -20.27
CA THR E 255 -45.96 8.30 -20.53
C THR E 255 -46.86 8.56 -19.31
N THR E 256 -48.18 8.55 -19.52
CA THR E 256 -49.13 8.72 -18.43
C THR E 256 -49.27 7.40 -17.66
N LEU E 257 -48.69 7.35 -16.46
CA LEU E 257 -48.67 6.21 -15.55
C LEU E 257 -48.02 4.95 -16.14
N PRO E 258 -46.68 4.90 -16.20
CA PRO E 258 -46.01 3.70 -16.75
C PRO E 258 -46.35 2.36 -16.08
N GLN E 259 -46.43 1.32 -16.90
CA GLN E 259 -46.75 -0.03 -16.43
C GLN E 259 -45.53 -0.94 -16.58
N LEU E 260 -45.21 -1.69 -15.53
CA LEU E 260 -44.08 -2.62 -15.51
C LEU E 260 -44.60 -4.04 -15.39
N PHE E 261 -44.41 -4.87 -16.41
CA PHE E 261 -44.90 -6.25 -16.40
C PHE E 261 -43.74 -7.24 -16.17
N LEU E 262 -43.99 -8.31 -15.39
CA LEU E 262 -42.99 -9.36 -15.11
C LEU E 262 -43.68 -10.72 -14.79
N LYS E 263 -42.95 -11.83 -14.99
CA LYS E 263 -43.48 -13.16 -14.65
C LYS E 263 -43.14 -13.49 -13.20
N VAL E 264 -44.07 -14.15 -12.47
CA VAL E 264 -43.88 -14.53 -11.06
C VAL E 264 -42.58 -15.33 -10.86
N GLY E 265 -41.72 -14.83 -9.99
CA GLY E 265 -40.42 -15.43 -9.71
C GLY E 265 -39.26 -14.54 -10.11
N GLU E 266 -39.49 -13.68 -11.13
CA GLU E 266 -38.50 -12.73 -11.66
C GLU E 266 -38.16 -11.62 -10.64
N PRO E 267 -36.97 -10.99 -10.70
CA PRO E 267 -36.65 -9.94 -9.73
C PRO E 267 -37.06 -8.53 -10.19
N LEU E 268 -37.84 -7.84 -9.35
CA LEU E 268 -38.29 -6.48 -9.66
C LEU E 268 -37.21 -5.47 -9.32
N TRP E 269 -36.95 -4.51 -10.22
CA TRP E 269 -35.95 -3.49 -9.98
C TRP E 269 -36.44 -2.14 -10.48
N ILE E 270 -36.59 -1.17 -9.57
CA ILE E 270 -37.07 0.17 -9.91
C ILE E 270 -36.15 1.22 -9.28
N ARG E 271 -35.40 1.93 -10.11
CA ARG E 271 -34.46 2.94 -9.65
C ARG E 271 -35.09 4.30 -9.71
N CYS E 272 -35.09 5.04 -8.60
CA CYS E 272 -35.63 6.37 -8.62
C CYS E 272 -34.54 7.39 -8.54
N LYS E 273 -34.44 8.26 -9.54
CA LYS E 273 -33.43 9.32 -9.57
C LYS E 273 -34.02 10.70 -9.41
N ALA E 274 -33.36 11.56 -8.66
CA ALA E 274 -33.83 12.93 -8.47
C ALA E 274 -32.64 13.85 -8.35
N VAL E 275 -32.69 15.01 -9.00
CA VAL E 275 -31.59 15.96 -8.94
C VAL E 275 -32.03 17.23 -8.28
N HIS E 276 -31.31 17.68 -7.25
CA HIS E 276 -31.64 18.92 -6.56
C HIS E 276 -30.39 19.78 -6.37
N VAL E 277 -30.57 21.11 -6.22
CA VAL E 277 -29.47 22.06 -6.04
C VAL E 277 -28.66 21.78 -4.78
N ASN E 278 -29.29 21.81 -3.61
CA ASN E 278 -28.58 21.47 -2.37
C ASN E 278 -28.85 20.01 -1.99
N HIS E 279 -28.07 19.45 -1.06
CA HIS E 279 -28.28 18.06 -0.61
C HIS E 279 -29.50 17.90 0.32
N GLY E 280 -30.12 19.01 0.71
CA GLY E 280 -31.28 19.03 1.56
C GLY E 280 -32.54 18.60 0.84
N PHE E 281 -32.73 17.30 0.73
CA PHE E 281 -33.87 16.63 0.13
C PHE E 281 -33.73 15.13 0.32
N GLY E 282 -34.85 14.46 0.42
CA GLY E 282 -34.86 13.01 0.57
C GLY E 282 -35.71 12.35 -0.48
N LEU E 283 -35.66 11.03 -0.56
CA LEU E 283 -36.47 10.27 -1.50
C LEU E 283 -37.11 9.11 -0.74
N THR E 284 -38.36 8.77 -1.08
CA THR E 284 -39.05 7.70 -0.39
C THR E 284 -39.92 6.88 -1.32
N TRP E 285 -39.94 5.56 -1.11
CA TRP E 285 -40.76 4.65 -1.90
C TRP E 285 -42.02 4.28 -1.12
N GLU E 286 -43.12 4.04 -1.84
CA GLU E 286 -44.37 3.65 -1.19
C GLU E 286 -45.23 2.78 -2.09
N LEU E 287 -45.98 1.87 -1.49
CA LEU E 287 -46.94 1.04 -2.21
C LEU E 287 -48.29 1.80 -2.18
N GLU E 288 -49.45 1.13 -2.17
CA GLU E 288 -50.73 1.81 -2.10
C GLU E 288 -50.91 2.36 -0.67
N ASN E 289 -50.41 3.59 -0.42
CA ASN E 289 -50.44 4.32 0.85
C ASN E 289 -49.71 3.62 2.01
N LYS E 290 -48.69 2.78 1.71
CA LYS E 290 -47.98 2.05 2.75
C LYS E 290 -46.46 2.00 2.52
N ALA E 291 -45.69 2.02 3.63
CA ALA E 291 -44.22 1.97 3.68
C ALA E 291 -43.62 0.69 3.06
N LEU E 292 -42.34 0.74 2.66
CA LEU E 292 -41.68 -0.41 2.04
C LEU E 292 -40.78 -1.19 3.03
N GLU E 293 -40.61 -2.51 2.78
CA GLU E 293 -39.81 -3.41 3.60
C GLU E 293 -38.33 -3.02 3.62
N GLU E 294 -37.65 -3.26 4.76
CA GLU E 294 -36.23 -2.94 4.99
C GLU E 294 -35.28 -3.61 3.99
N GLY E 295 -35.58 -4.85 3.64
CA GLY E 295 -34.77 -5.59 2.68
C GLY E 295 -35.27 -5.47 1.25
N ASN E 296 -35.97 -4.38 0.96
CA ASN E 296 -36.53 -4.11 -0.36
C ASN E 296 -36.14 -2.70 -0.87
N TYR E 297 -35.20 -2.00 -0.18
CA TYR E 297 -34.80 -0.63 -0.54
C TYR E 297 -33.33 -0.31 -0.20
N PHE E 298 -32.69 0.60 -0.97
CA PHE E 298 -31.32 1.10 -0.73
C PHE E 298 -31.05 2.41 -1.49
N GLU E 299 -30.31 3.36 -0.87
CA GLU E 299 -30.08 4.65 -1.50
C GLU E 299 -28.62 5.06 -1.62
N MET E 300 -28.28 5.66 -2.76
CA MET E 300 -26.96 6.18 -3.08
C MET E 300 -27.03 7.67 -3.42
N SER E 301 -25.91 8.39 -3.35
CA SER E 301 -25.90 9.83 -3.64
C SER E 301 -24.54 10.29 -4.17
N THR E 302 -24.52 11.29 -5.06
CA THR E 302 -23.27 11.86 -5.58
C THR E 302 -23.44 13.33 -5.97
N TYR E 303 -22.33 14.05 -6.20
CA TYR E 303 -22.38 15.45 -6.55
C TYR E 303 -22.26 15.71 -8.05
N SER E 304 -22.93 16.77 -8.53
CA SER E 304 -22.96 17.19 -9.93
C SER E 304 -22.65 18.70 -10.08
N THR E 305 -22.31 19.09 -11.33
CA THR E 305 -22.02 20.45 -11.84
C THR E 305 -21.53 21.43 -10.70
N ASN E 306 -22.19 22.58 -10.41
CA ASN E 306 -21.71 23.52 -9.41
C ASN E 306 -21.46 22.85 -8.04
N ARG E 307 -22.53 22.55 -7.33
CA ARG E 307 -22.58 21.85 -6.04
C ARG E 307 -23.94 21.14 -5.95
N THR E 308 -24.39 20.54 -7.07
CA THR E 308 -25.66 19.84 -7.22
C THR E 308 -25.56 18.46 -6.56
N MET E 309 -26.72 17.84 -6.25
CA MET E 309 -26.73 16.50 -5.67
C MET E 309 -27.76 15.61 -6.37
N ILE E 310 -27.31 14.45 -6.83
CA ILE E 310 -28.20 13.48 -7.47
C ILE E 310 -28.41 12.34 -6.49
N ARG E 311 -29.63 11.80 -6.41
CA ARG E 311 -29.91 10.70 -5.48
C ARG E 311 -30.65 9.56 -6.13
N ILE E 312 -30.21 8.31 -5.88
CA ILE E 312 -30.90 7.16 -6.43
C ILE E 312 -31.39 6.24 -5.34
N LEU E 313 -32.70 6.11 -5.22
CA LEU E 313 -33.32 5.25 -4.22
C LEU E 313 -33.99 4.07 -4.90
N PHE E 314 -33.27 2.96 -5.01
CA PHE E 314 -33.77 1.76 -5.67
C PHE E 314 -34.69 0.97 -4.78
N ALA E 315 -35.65 0.29 -5.39
CA ALA E 315 -36.53 -0.67 -4.72
C ALA E 315 -36.36 -2.01 -5.46
N PHE E 316 -36.31 -3.11 -4.71
CA PHE E 316 -36.08 -4.42 -5.32
C PHE E 316 -36.83 -5.57 -4.67
N VAL E 317 -37.25 -6.55 -5.49
CA VAL E 317 -37.90 -7.77 -5.03
C VAL E 317 -37.06 -8.93 -5.50
N SER E 318 -36.66 -9.83 -4.59
CA SER E 318 -35.83 -10.99 -4.92
C SER E 318 -36.51 -11.89 -5.96
N SER E 319 -37.74 -12.35 -5.64
CA SER E 319 -38.56 -13.17 -6.53
C SER E 319 -39.99 -12.66 -6.36
N VAL E 320 -40.59 -12.12 -7.45
CA VAL E 320 -41.95 -11.57 -7.38
C VAL E 320 -43.03 -12.66 -7.25
N ALA E 321 -44.25 -12.26 -6.85
CA ALA E 321 -45.43 -13.10 -6.68
C ALA E 321 -46.71 -12.20 -6.90
N ARG E 322 -47.95 -12.75 -6.79
CA ARG E 322 -49.15 -11.93 -6.92
C ARG E 322 -49.21 -10.86 -5.82
N ASN E 323 -48.69 -11.19 -4.61
CA ASN E 323 -48.58 -10.34 -3.43
C ASN E 323 -47.91 -9.00 -3.73
N ASP E 324 -46.84 -9.02 -4.54
CA ASP E 324 -46.01 -7.85 -4.90
C ASP E 324 -46.57 -6.98 -6.03
N THR E 325 -47.64 -7.42 -6.72
CA THR E 325 -48.22 -6.63 -7.82
C THR E 325 -48.96 -5.42 -7.23
N GLY E 326 -48.80 -4.25 -7.85
CA GLY E 326 -49.45 -3.04 -7.36
C GLY E 326 -48.82 -1.72 -7.79
N TYR E 327 -49.42 -0.61 -7.36
CA TYR E 327 -48.97 0.74 -7.69
C TYR E 327 -47.85 1.24 -6.76
N TYR E 328 -46.63 1.43 -7.33
CA TYR E 328 -45.47 1.92 -6.59
C TYR E 328 -45.24 3.39 -6.89
N THR E 329 -44.89 4.18 -5.87
CA THR E 329 -44.66 5.61 -6.08
C THR E 329 -43.46 6.13 -5.36
N CYS E 330 -42.75 7.08 -5.99
CA CYS E 330 -41.63 7.70 -5.31
C CYS E 330 -41.82 9.19 -5.15
N SER E 331 -41.66 9.67 -3.90
CA SER E 331 -41.83 11.06 -3.56
C SER E 331 -40.57 11.65 -2.97
N SER E 332 -40.27 12.91 -3.31
CA SER E 332 -39.07 13.56 -2.81
C SER E 332 -39.35 14.81 -1.99
N SER E 333 -38.51 15.06 -0.98
CA SER E 333 -38.63 16.22 -0.09
C SER E 333 -38.08 17.51 -0.72
N LYS E 334 -38.42 17.71 -2.00
CA LYS E 334 -38.11 18.84 -2.89
C LYS E 334 -38.46 18.50 -4.36
N HIS E 335 -39.35 17.51 -4.59
CA HIS E 335 -39.75 17.08 -5.94
C HIS E 335 -41.19 16.54 -6.00
N PRO E 336 -41.82 16.52 -7.19
CA PRO E 336 -43.19 15.96 -7.26
C PRO E 336 -43.21 14.43 -7.34
N SER E 337 -44.10 13.82 -6.56
CA SER E 337 -44.25 12.36 -6.48
C SER E 337 -44.69 11.72 -7.81
N GLN E 338 -43.80 10.95 -8.47
CA GLN E 338 -44.13 10.24 -9.71
C GLN E 338 -44.32 8.74 -9.43
N SER E 339 -45.25 8.10 -10.15
CA SER E 339 -45.56 6.70 -9.88
C SER E 339 -45.55 5.78 -11.08
N ALA E 340 -45.63 4.46 -10.85
CA ALA E 340 -45.66 3.42 -11.88
C ALA E 340 -46.31 2.15 -11.30
N LEU E 341 -47.16 1.47 -12.08
CA LEU E 341 -47.83 0.26 -11.60
C LEU E 341 -47.14 -1.00 -12.06
N VAL E 342 -47.05 -1.99 -11.17
CA VAL E 342 -46.44 -3.28 -11.42
C VAL E 342 -47.49 -4.37 -11.61
N ILE E 343 -47.46 -4.99 -12.78
CA ILE E 343 -48.36 -6.06 -13.16
C ILE E 343 -47.57 -7.37 -13.25
N ILE E 344 -47.82 -8.32 -12.33
CA ILE E 344 -47.05 -9.56 -12.31
C ILE E 344 -47.90 -10.82 -12.23
N VAL E 345 -48.38 -11.30 -13.39
CA VAL E 345 -49.17 -12.52 -13.48
C VAL E 345 -48.77 -13.33 -14.73
N GLU E 346 -49.02 -14.66 -14.70
CA GLU E 346 -48.77 -15.61 -15.79
C GLU E 346 -47.27 -15.70 -16.20
N LYS E 347 -46.95 -16.32 -17.37
CA LYS E 347 -45.57 -16.47 -17.81
C LYS E 347 -45.28 -15.93 -19.24
N GLY E 348 -46.25 -15.25 -19.87
CA GLY E 348 -46.03 -14.69 -21.21
C GLY E 348 -47.29 -14.33 -21.98
N PHE E 349 -47.39 -13.09 -22.47
CA PHE E 349 -48.60 -12.65 -23.21
C PHE E 349 -48.29 -11.77 -24.43
N ILE E 350 -49.19 -11.79 -25.44
CA ILE E 350 -49.15 -10.95 -26.65
C ILE E 350 -50.54 -10.39 -26.87
N ASN E 351 -50.73 -9.08 -26.65
CA ASN E 351 -52.03 -8.47 -26.89
C ASN E 351 -51.93 -7.56 -28.09
N ALA E 352 -52.65 -7.92 -29.16
CA ALA E 352 -52.66 -7.15 -30.40
C ALA E 352 -54.03 -7.26 -31.02
N THR E 353 -54.58 -6.12 -31.48
CA THR E 353 -55.90 -6.06 -32.09
C THR E 353 -55.94 -6.77 -33.44
N GLU E 357 -56.99 -8.66 -41.48
CA GLU E 357 -57.49 -7.46 -42.15
C GLU E 357 -57.18 -7.50 -43.65
N ASP E 358 -58.13 -7.02 -44.47
CA ASP E 358 -57.98 -6.98 -45.93
C ASP E 358 -57.70 -5.55 -46.40
N TYR E 359 -56.81 -5.40 -47.38
CA TYR E 359 -56.37 -4.11 -47.91
C TYR E 359 -56.30 -4.13 -49.44
N GLU E 360 -56.34 -2.94 -50.07
CA GLU E 360 -56.26 -2.79 -51.53
C GLU E 360 -55.72 -1.41 -51.88
N ILE E 361 -54.74 -1.32 -52.78
CA ILE E 361 -54.15 -0.01 -53.13
C ILE E 361 -53.86 0.13 -54.63
N ASP E 362 -53.86 1.38 -55.12
CA ASP E 362 -53.59 1.69 -56.52
C ASP E 362 -52.08 1.67 -56.77
N GLN E 363 -51.65 1.13 -57.94
CA GLN E 363 -50.24 1.01 -58.33
C GLN E 363 -49.58 2.36 -58.56
N TYR E 364 -49.24 3.02 -57.44
CA TYR E 364 -48.65 4.36 -57.35
C TYR E 364 -48.54 4.81 -55.89
N GLU E 365 -49.35 4.23 -54.97
CA GLU E 365 -49.40 4.61 -53.57
C GLU E 365 -48.30 3.98 -52.70
N GLU E 366 -47.75 4.75 -51.75
CA GLU E 366 -46.70 4.31 -50.82
C GLU E 366 -47.36 3.85 -49.53
N PHE E 367 -47.38 2.54 -49.29
CA PHE E 367 -48.05 1.98 -48.12
C PHE E 367 -47.18 1.03 -47.30
N CYS E 368 -47.42 1.00 -45.98
CA CYS E 368 -46.75 0.12 -45.04
C CYS E 368 -47.77 -0.61 -44.19
N PHE E 369 -47.67 -1.93 -44.11
CA PHE E 369 -48.53 -2.73 -43.23
C PHE E 369 -48.08 -2.47 -41.79
N SER E 370 -49.04 -2.34 -40.86
CA SER E 370 -48.71 -2.07 -39.47
C SER E 370 -49.39 -3.03 -38.48
N VAL E 371 -48.80 -3.19 -37.28
CA VAL E 371 -49.31 -4.02 -36.20
C VAL E 371 -48.88 -3.45 -34.84
N ARG E 372 -49.84 -2.96 -34.05
CA ARG E 372 -49.55 -2.42 -32.72
C ARG E 372 -49.79 -3.53 -31.71
N PHE E 373 -48.85 -3.75 -30.80
CA PHE E 373 -48.98 -4.81 -29.80
C PHE E 373 -48.32 -4.49 -28.48
N LYS E 374 -48.96 -4.87 -27.38
CA LYS E 374 -48.39 -4.74 -26.05
C LYS E 374 -48.12 -6.18 -25.65
N ALA E 375 -46.84 -6.57 -25.62
CA ALA E 375 -46.47 -7.96 -25.33
C ALA E 375 -45.24 -8.09 -24.45
N TYR E 376 -45.21 -9.12 -23.59
CA TYR E 376 -44.08 -9.40 -22.71
C TYR E 376 -43.90 -10.92 -22.50
N PRO E 377 -42.67 -11.45 -22.62
CA PRO E 377 -41.40 -10.76 -22.94
C PRO E 377 -41.25 -10.38 -24.41
N GLN E 378 -40.16 -9.67 -24.77
CA GLN E 378 -39.84 -9.23 -26.15
C GLN E 378 -40.08 -10.37 -27.15
N ILE E 379 -41.00 -10.15 -28.09
CA ILE E 379 -41.39 -11.19 -29.04
C ILE E 379 -40.46 -11.33 -30.24
N ARG E 380 -40.40 -12.55 -30.78
CA ARG E 380 -39.64 -12.84 -31.99
C ARG E 380 -40.67 -12.76 -33.11
N CYS E 381 -40.49 -11.82 -34.05
CA CYS E 381 -41.45 -11.61 -35.11
C CYS E 381 -40.95 -12.03 -36.50
N THR E 382 -41.89 -12.38 -37.39
CA THR E 382 -41.58 -12.79 -38.76
C THR E 382 -42.73 -12.46 -39.72
N TRP E 383 -42.43 -11.72 -40.80
CA TRP E 383 -43.41 -11.37 -41.83
C TRP E 383 -43.22 -12.33 -43.02
N THR E 384 -44.10 -13.33 -43.17
CA THR E 384 -43.98 -14.31 -44.26
C THR E 384 -45.05 -14.10 -45.34
N PHE E 385 -44.68 -14.35 -46.61
CA PHE E 385 -45.58 -14.20 -47.76
C PHE E 385 -45.22 -15.17 -48.86
N SER E 386 -46.18 -16.04 -49.24
CA SER E 386 -46.13 -17.10 -50.26
C SER E 386 -45.25 -18.30 -49.83
N ARG E 387 -44.06 -17.99 -49.35
CA ARG E 387 -43.00 -18.87 -48.86
C ARG E 387 -41.85 -17.98 -48.33
N LYS E 388 -41.60 -16.82 -48.99
CA LYS E 388 -40.57 -15.86 -48.64
C LYS E 388 -40.87 -15.17 -47.32
N SER E 389 -40.06 -15.49 -46.28
CA SER E 389 -40.23 -14.90 -44.96
C SER E 389 -39.11 -13.90 -44.67
N PHE E 390 -39.49 -12.68 -44.27
CA PHE E 390 -38.54 -11.61 -43.95
C PHE E 390 -38.76 -11.17 -42.49
N PRO E 391 -37.67 -10.89 -41.73
CA PRO E 391 -37.86 -10.45 -40.33
C PRO E 391 -38.41 -9.03 -40.21
N CYS E 392 -38.63 -8.53 -38.98
CA CYS E 392 -39.23 -7.21 -38.80
C CYS E 392 -38.47 -6.29 -37.86
N GLU E 393 -38.68 -4.97 -38.06
CA GLU E 393 -38.14 -3.93 -37.20
C GLU E 393 -39.20 -3.72 -36.12
N GLN E 394 -39.16 -4.57 -35.08
CA GLN E 394 -40.11 -4.55 -33.97
C GLN E 394 -39.86 -3.39 -33.01
N GLY E 400 -47.18 3.28 -25.25
CA GLY E 400 -46.93 2.14 -24.39
C GLY E 400 -46.64 0.86 -25.17
N TYR E 401 -47.45 0.59 -26.19
CA TYR E 401 -47.30 -0.58 -27.03
C TYR E 401 -46.18 -0.39 -28.08
N SER E 402 -45.75 -1.48 -28.73
CA SER E 402 -44.72 -1.46 -29.77
C SER E 402 -45.37 -1.71 -31.13
N ILE E 403 -45.00 -0.92 -32.14
CA ILE E 403 -45.59 -1.06 -33.46
C ILE E 403 -44.60 -1.60 -34.48
N SER E 404 -44.90 -2.79 -35.04
CA SER E 404 -44.05 -3.42 -36.06
C SER E 404 -44.56 -3.01 -37.45
N LYS E 405 -43.63 -2.71 -38.37
CA LYS E 405 -44.00 -2.29 -39.72
C LYS E 405 -43.36 -3.14 -40.81
N PHE E 406 -43.97 -3.14 -42.02
CA PHE E 406 -43.47 -3.86 -43.18
C PHE E 406 -43.81 -3.05 -44.41
N CYS E 407 -42.79 -2.59 -45.16
CA CYS E 407 -43.06 -1.77 -46.33
C CYS E 407 -42.55 -2.35 -47.64
N ASN E 408 -41.72 -3.42 -47.61
CA ASN E 408 -41.22 -4.03 -48.83
C ASN E 408 -42.28 -4.92 -49.51
N HIS E 409 -43.48 -4.36 -49.71
CA HIS E 409 -44.62 -5.01 -50.36
C HIS E 409 -44.32 -5.28 -51.84
N LYS E 410 -43.51 -4.41 -52.47
CA LYS E 410 -43.11 -4.45 -53.88
C LYS E 410 -44.33 -4.49 -54.80
N HIS E 411 -45.45 -3.87 -54.38
CA HIS E 411 -46.73 -3.86 -55.08
C HIS E 411 -47.23 -5.28 -55.44
N GLN E 412 -46.64 -6.32 -54.83
CA GLN E 412 -46.99 -7.72 -55.06
C GLN E 412 -48.25 -8.05 -54.28
N PRO E 413 -49.29 -8.60 -54.93
CA PRO E 413 -50.55 -8.86 -54.21
C PRO E 413 -50.61 -10.22 -53.52
N GLY E 414 -51.44 -10.33 -52.49
CA GLY E 414 -51.61 -11.59 -51.79
C GLY E 414 -51.66 -11.54 -50.29
N GLU E 415 -51.47 -12.71 -49.66
CA GLU E 415 -51.52 -12.89 -48.22
C GLU E 415 -50.19 -12.67 -47.52
N TYR E 416 -50.10 -11.60 -46.73
CA TYR E 416 -48.92 -11.24 -45.95
C TYR E 416 -49.23 -11.59 -44.49
N ILE E 417 -48.68 -12.70 -43.98
CA ILE E 417 -48.95 -13.15 -42.62
C ILE E 417 -47.85 -12.80 -41.64
N PHE E 418 -48.23 -12.16 -40.53
CA PHE E 418 -47.32 -11.73 -39.46
C PHE E 418 -47.40 -12.68 -38.27
N HIS E 419 -46.34 -13.46 -38.04
CA HIS E 419 -46.30 -14.40 -36.93
C HIS E 419 -45.31 -13.95 -35.87
N ALA E 420 -45.81 -13.58 -34.68
CA ALA E 420 -44.97 -13.10 -33.58
C ALA E 420 -45.18 -13.98 -32.35
N GLU E 421 -44.10 -14.37 -31.67
CA GLU E 421 -44.23 -15.24 -30.50
C GLU E 421 -43.14 -15.05 -29.45
N ASN E 422 -43.50 -15.20 -28.17
CA ASN E 422 -42.58 -15.15 -27.04
C ASN E 422 -42.51 -16.54 -26.34
N ASP E 423 -41.70 -16.68 -25.26
CA ASP E 423 -41.51 -17.93 -24.52
C ASP E 423 -42.79 -18.68 -24.13
N ASP E 424 -43.83 -17.97 -23.68
CA ASP E 424 -45.07 -18.62 -23.28
C ASP E 424 -46.32 -18.14 -24.02
N ALA E 425 -46.17 -17.57 -25.23
CA ALA E 425 -47.31 -17.09 -26.02
C ALA E 425 -47.01 -17.02 -27.52
N GLN E 426 -48.05 -17.14 -28.36
CA GLN E 426 -47.94 -17.08 -29.83
C GLN E 426 -49.00 -16.14 -30.44
N PHE E 427 -48.81 -15.75 -31.72
CA PHE E 427 -49.71 -14.85 -32.45
C PHE E 427 -49.48 -14.93 -33.98
N THR E 428 -50.55 -14.75 -34.77
CA THR E 428 -50.51 -14.77 -36.24
C THR E 428 -51.65 -13.90 -36.81
N LYS E 429 -51.32 -12.94 -37.69
CA LYS E 429 -52.31 -12.07 -38.32
C LYS E 429 -52.22 -12.13 -39.85
N MET E 430 -53.35 -12.43 -40.53
CA MET E 430 -53.42 -12.55 -41.99
C MET E 430 -53.81 -11.24 -42.67
N PHE E 431 -52.95 -10.71 -43.54
CA PHE E 431 -53.23 -9.44 -44.24
C PHE E 431 -53.42 -9.66 -45.75
N THR E 432 -54.67 -9.56 -46.25
CA THR E 432 -54.96 -9.69 -47.69
C THR E 432 -54.59 -8.38 -48.42
N LEU E 433 -54.07 -8.45 -49.66
CA LEU E 433 -53.68 -7.25 -50.40
C LEU E 433 -54.09 -7.29 -51.89
N ASN E 434 -54.63 -6.17 -52.40
CA ASN E 434 -55.05 -6.11 -53.79
C ASN E 434 -54.57 -4.85 -54.52
N ILE E 435 -54.69 -4.84 -55.85
CA ILE E 435 -54.26 -3.72 -56.68
C ILE E 435 -55.43 -2.94 -57.30
N ARG E 436 -55.14 -1.76 -57.88
CA ARG E 436 -56.10 -0.86 -58.51
C ARG E 436 -57.01 -1.54 -59.54
N ARG E 437 -58.28 -1.10 -59.59
CA ARG E 437 -59.27 -1.65 -60.49
C ARG E 437 -59.18 -1.19 -61.96
N LYS E 438 -57.98 -0.78 -62.45
CA LYS E 438 -57.82 -0.31 -63.84
C LYS E 438 -58.06 -1.44 -64.83
N PRO E 439 -59.08 -1.35 -65.69
CA PRO E 439 -59.38 -2.47 -66.58
C PRO E 439 -58.62 -2.52 -67.89
N GLN E 440 -58.15 -3.72 -68.24
CA GLN E 440 -57.52 -3.94 -69.52
C GLN E 440 -58.52 -4.78 -70.30
N VAL E 441 -58.99 -4.21 -71.42
CA VAL E 441 -60.01 -4.79 -72.32
C VAL E 441 -59.45 -5.28 -73.64
N LEU E 442 -58.12 -5.36 -73.79
CA LEU E 442 -57.45 -5.77 -75.02
C LEU E 442 -57.76 -7.19 -75.48
N ALA E 443 -58.26 -8.04 -74.56
CA ALA E 443 -58.60 -9.42 -74.87
C ALA E 443 -59.98 -9.55 -75.54
N GLU E 444 -60.05 -9.19 -76.82
CA GLU E 444 -61.25 -9.31 -77.63
C GLU E 444 -61.25 -10.69 -78.28
N ALA E 445 -62.43 -11.34 -78.35
CA ALA E 445 -62.60 -12.63 -79.02
C ALA E 445 -64.07 -12.94 -79.30
N SER E 446 -64.35 -13.63 -80.43
CA SER E 446 -65.70 -14.06 -80.80
C SER E 446 -65.70 -15.29 -81.69
N ALA E 447 -66.31 -16.37 -81.18
CA ALA E 447 -66.56 -17.56 -81.98
C ALA E 447 -67.75 -17.22 -82.89
N SER E 448 -67.96 -17.99 -83.96
CA SER E 448 -69.11 -17.75 -84.84
C SER E 448 -70.41 -17.95 -84.08
N GLN E 449 -71.34 -16.99 -84.20
CA GLN E 449 -72.66 -16.98 -83.54
C GLN E 449 -72.60 -16.74 -82.01
N ALA E 450 -71.43 -16.34 -81.46
CA ALA E 450 -71.26 -16.02 -80.04
C ALA E 450 -70.02 -15.13 -79.82
N SER E 451 -70.11 -14.13 -78.92
CA SER E 451 -69.02 -13.18 -78.69
C SER E 451 -68.87 -12.73 -77.23
N CYS E 452 -67.63 -12.39 -76.82
CA CYS E 452 -67.29 -11.89 -75.48
C CYS E 452 -65.90 -11.21 -75.43
N PHE E 453 -65.64 -10.43 -74.37
CA PHE E 453 -64.34 -9.78 -74.12
C PHE E 453 -63.86 -10.16 -72.71
N SER E 454 -62.54 -10.24 -72.49
CA SER E 454 -62.00 -10.56 -71.17
C SER E 454 -61.49 -9.29 -70.46
N ASP E 455 -62.00 -8.98 -69.26
CA ASP E 455 -61.62 -7.77 -68.52
C ASP E 455 -60.81 -8.01 -67.27
N GLY E 456 -59.57 -7.53 -67.28
CA GLY E 456 -58.68 -7.64 -66.13
C GLY E 456 -58.77 -6.42 -65.24
N TYR E 457 -59.76 -6.43 -64.32
CA TYR E 457 -60.00 -5.35 -63.33
C TYR E 457 -60.73 -5.88 -62.10
N PRO E 458 -60.35 -5.42 -60.89
CA PRO E 458 -61.02 -5.91 -59.66
C PRO E 458 -62.54 -5.78 -59.67
N LEU E 459 -63.06 -4.72 -60.29
CA LEU E 459 -64.50 -4.49 -60.33
C LEU E 459 -64.99 -4.21 -61.77
N PRO E 460 -65.21 -5.24 -62.60
CA PRO E 460 -65.72 -4.97 -63.95
C PRO E 460 -67.23 -4.82 -63.99
N SER E 461 -67.74 -4.03 -64.96
CA SER E 461 -69.17 -3.83 -65.26
C SER E 461 -69.30 -3.54 -66.75
N TRP E 462 -69.95 -4.44 -67.50
CA TRP E 462 -70.06 -4.41 -68.95
C TRP E 462 -71.16 -3.57 -69.60
N THR E 463 -70.87 -3.10 -70.83
CA THR E 463 -71.79 -2.41 -71.73
C THR E 463 -71.58 -3.04 -73.11
N TRP E 464 -72.66 -3.41 -73.80
CA TRP E 464 -72.55 -4.00 -75.13
C TRP E 464 -73.11 -3.06 -76.19
N SER E 471 -75.47 1.43 -86.98
CA SER E 471 -75.08 2.08 -88.22
C SER E 471 -75.43 3.58 -88.25
N PRO E 472 -76.71 4.03 -88.12
CA PRO E 472 -76.96 5.48 -88.11
C PRO E 472 -76.40 6.18 -86.87
N ASN E 473 -76.17 5.43 -85.77
CA ASN E 473 -75.63 5.99 -84.54
C ASN E 473 -74.11 5.96 -84.52
N CYS E 474 -73.51 7.08 -84.10
CA CYS E 474 -72.06 7.23 -84.05
C CYS E 474 -71.44 6.53 -82.81
N THR E 475 -71.46 5.18 -82.79
CA THR E 475 -70.92 4.30 -81.74
C THR E 475 -71.39 4.65 -80.31
N GLU E 476 -72.66 5.02 -80.16
CA GLU E 476 -73.25 5.35 -78.86
C GLU E 476 -74.45 4.47 -78.53
N GLU E 477 -75.17 3.98 -79.56
CA GLU E 477 -76.34 3.14 -79.38
C GLU E 477 -75.97 1.85 -78.67
N ILE E 478 -76.71 1.51 -77.61
CA ILE E 478 -76.44 0.33 -76.81
C ILE E 478 -77.11 -0.91 -77.38
N THR E 479 -76.34 -1.99 -77.51
CA THR E 479 -76.84 -3.28 -77.97
C THR E 479 -77.30 -4.07 -76.75
N GLU E 480 -78.59 -4.36 -76.67
CA GLU E 480 -79.27 -5.02 -75.56
C GLU E 480 -78.67 -6.37 -75.16
N GLY E 481 -78.36 -7.19 -76.14
CA GLY E 481 -77.76 -8.50 -75.91
C GLY E 481 -78.75 -9.62 -75.65
N VAL E 482 -78.26 -10.86 -75.83
CA VAL E 482 -79.06 -12.05 -75.61
C VAL E 482 -78.61 -12.78 -74.34
N TRP E 483 -77.30 -13.02 -74.19
CA TRP E 483 -76.75 -13.70 -73.02
C TRP E 483 -76.40 -12.72 -71.90
N ASN E 484 -76.30 -13.21 -70.66
CA ASN E 484 -75.90 -12.39 -69.52
C ASN E 484 -74.39 -12.51 -69.31
N ARG E 485 -73.76 -11.45 -68.77
CA ARG E 485 -72.33 -11.42 -68.50
C ARG E 485 -71.99 -12.28 -67.29
N VAL E 496 -56.30 -11.77 -58.50
CA VAL E 496 -56.38 -11.23 -59.87
C VAL E 496 -57.19 -12.16 -60.77
N SER E 497 -58.25 -11.64 -61.43
CA SER E 497 -59.07 -12.48 -62.31
C SER E 497 -59.73 -11.67 -63.43
N SER E 498 -60.02 -12.33 -64.56
CA SER E 498 -60.69 -11.70 -65.69
C SER E 498 -62.20 -11.96 -65.64
N SER E 499 -62.99 -11.20 -66.42
CA SER E 499 -64.44 -11.39 -66.49
C SER E 499 -64.97 -11.50 -67.94
N THR E 500 -66.16 -12.11 -68.12
CA THR E 500 -66.82 -12.25 -69.43
C THR E 500 -68.33 -11.99 -69.33
N MET E 503 -70.79 -13.46 -73.45
CA MET E 503 -71.47 -12.19 -73.25
C MET E 503 -72.78 -12.10 -74.05
N SER E 504 -72.76 -12.53 -75.33
CA SER E 504 -73.95 -12.50 -76.17
C SER E 504 -73.93 -13.57 -77.30
N GLU E 505 -75.08 -13.77 -77.96
CA GLU E 505 -75.28 -14.70 -79.08
C GLU E 505 -75.78 -13.87 -80.28
N ALA E 506 -75.30 -14.18 -81.50
CA ALA E 506 -75.61 -13.45 -82.72
C ALA E 506 -77.05 -13.57 -83.24
N ILE E 507 -77.60 -12.42 -83.70
CA ILE E 507 -78.91 -12.30 -84.31
C ILE E 507 -78.72 -11.58 -85.66
N LYS E 508 -78.02 -10.44 -85.64
CA LYS E 508 -77.68 -9.63 -86.82
C LYS E 508 -76.18 -9.37 -86.84
N GLY E 509 -75.57 -9.41 -88.01
CA GLY E 509 -74.14 -9.17 -88.13
C GLY E 509 -73.78 -7.72 -88.35
N PHE E 510 -72.83 -7.18 -87.56
CA PHE E 510 -72.32 -5.81 -87.59
C PHE E 510 -71.09 -5.61 -86.66
N LEU E 511 -70.41 -4.46 -86.74
CA LEU E 511 -69.33 -4.13 -85.83
C LEU E 511 -69.97 -3.66 -84.51
N VAL E 512 -69.53 -4.21 -83.36
CA VAL E 512 -70.07 -3.84 -82.04
C VAL E 512 -68.98 -3.56 -80.98
N LYS E 513 -69.14 -2.49 -80.19
CA LYS E 513 -68.18 -2.17 -79.14
C LYS E 513 -68.61 -2.77 -77.80
N CYS E 514 -67.64 -3.19 -76.98
CA CYS E 514 -67.89 -3.72 -75.63
C CYS E 514 -66.93 -3.06 -74.65
N CYS E 515 -67.48 -2.51 -73.54
CA CYS E 515 -66.80 -1.72 -72.51
C CYS E 515 -66.67 -2.35 -71.13
N ALA E 516 -65.55 -2.08 -70.45
CA ALA E 516 -65.39 -2.45 -69.05
C ALA E 516 -65.61 -1.17 -68.24
N TYR E 517 -66.30 -1.26 -67.12
CA TYR E 517 -66.51 -0.11 -66.23
C TYR E 517 -65.93 -0.40 -64.86
N ASN E 518 -65.34 0.61 -64.23
CA ASN E 518 -64.72 0.49 -62.91
C ASN E 518 -64.71 1.86 -62.18
N SER E 519 -64.22 1.90 -60.92
CA SER E 519 -64.11 3.14 -60.14
C SER E 519 -63.26 4.17 -60.89
N LEU E 520 -62.20 3.70 -61.55
CA LEU E 520 -61.33 4.50 -62.38
C LEU E 520 -61.79 4.45 -63.85
N GLY E 521 -62.98 4.94 -64.09
CA GLY E 521 -63.56 5.08 -65.43
C GLY E 521 -63.91 3.87 -66.26
N THR E 522 -63.52 3.91 -67.54
CA THR E 522 -63.86 2.94 -68.57
C THR E 522 -62.68 2.67 -69.54
N SER E 523 -62.81 1.64 -70.37
CA SER E 523 -61.98 1.21 -71.49
C SER E 523 -62.82 0.25 -72.36
N CYS E 524 -62.61 0.27 -73.68
CA CYS E 524 -63.42 -0.56 -74.59
C CYS E 524 -62.61 -1.11 -75.80
N GLU E 525 -63.19 -2.10 -76.51
CA GLU E 525 -62.64 -2.68 -77.74
C GLU E 525 -63.82 -3.05 -78.66
N THR E 526 -63.60 -3.08 -79.98
CA THR E 526 -64.68 -3.36 -80.93
C THR E 526 -64.46 -4.63 -81.76
N ILE E 527 -65.50 -5.50 -81.85
CA ILE E 527 -65.45 -6.76 -82.58
C ILE E 527 -66.53 -6.87 -83.65
N LEU E 528 -66.20 -7.49 -84.79
CA LEU E 528 -67.12 -7.70 -85.89
C LEU E 528 -67.88 -9.03 -85.70
N LEU E 529 -69.19 -9.02 -85.95
CA LEU E 529 -70.03 -10.22 -85.89
C LEU E 529 -70.15 -10.87 -87.28
N ASN E 530 -69.15 -11.65 -87.67
CA ASN E 530 -69.13 -12.30 -88.98
C ASN E 530 -69.05 -13.84 -88.86
N SER E 531 -67.88 -14.41 -88.48
CA SER E 531 -67.73 -15.85 -88.32
C SER E 531 -66.69 -16.18 -87.22
N THR F 74 -20.44 39.93 -21.61
CA THR F 74 -21.43 40.46 -22.56
C THR F 74 -22.25 39.34 -23.19
N VAL F 75 -21.58 38.30 -23.73
CA VAL F 75 -22.17 37.11 -24.38
C VAL F 75 -23.02 37.46 -25.61
N TYR F 76 -22.54 37.11 -26.81
CA TYR F 76 -23.24 37.38 -28.07
C TYR F 76 -22.95 36.27 -29.09
N GLU F 77 -24.00 35.61 -29.59
CA GLU F 77 -23.83 34.52 -30.57
C GLU F 77 -24.12 34.97 -32.02
N ALA F 78 -23.55 34.26 -33.03
CA ALA F 78 -23.73 34.63 -34.44
C ALA F 78 -24.01 33.42 -35.36
N ALA F 79 -24.66 33.66 -36.53
CA ALA F 79 -25.00 32.62 -37.53
C ALA F 79 -25.28 33.22 -38.93
N ALA F 80 -24.91 32.49 -40.00
CA ALA F 80 -25.10 32.95 -41.37
C ALA F 80 -26.34 32.36 -42.03
N VAL F 81 -27.13 33.20 -42.70
CA VAL F 81 -28.36 32.80 -43.40
C VAL F 81 -28.35 33.22 -44.88
N GLU F 82 -28.89 32.39 -45.77
CA GLU F 82 -28.93 32.71 -47.19
C GLU F 82 -30.38 32.66 -47.71
N VAL F 83 -30.87 33.76 -48.28
CA VAL F 83 -32.26 33.81 -48.78
C VAL F 83 -32.43 33.08 -50.12
N ASP F 84 -33.23 32.01 -50.09
CA ASP F 84 -33.55 31.20 -51.26
C ASP F 84 -34.97 31.60 -51.72
N VAL F 85 -35.06 32.36 -52.84
CA VAL F 85 -36.26 32.93 -53.47
C VAL F 85 -37.11 33.79 -52.48
N SER F 86 -38.10 34.57 -52.98
CA SER F 86 -38.93 35.40 -52.11
C SER F 86 -40.04 34.54 -51.46
N ALA F 87 -39.63 33.53 -50.68
CA ALA F 87 -40.49 32.56 -50.04
C ALA F 87 -40.79 32.92 -48.56
N SER F 88 -41.73 32.19 -47.92
CA SER F 88 -42.11 32.39 -46.52
C SER F 88 -41.47 31.32 -45.63
N ILE F 89 -40.39 31.67 -44.92
CA ILE F 89 -39.72 30.71 -44.05
C ILE F 89 -39.71 31.15 -42.59
N THR F 90 -39.70 30.17 -41.68
CA THR F 90 -39.71 30.38 -40.23
C THR F 90 -38.33 30.17 -39.62
N LEU F 91 -37.98 30.97 -38.61
CA LEU F 91 -36.70 30.85 -37.94
C LEU F 91 -36.90 30.60 -36.45
N GLN F 92 -36.62 29.38 -35.99
CA GLN F 92 -36.79 29.02 -34.58
C GLN F 92 -35.47 28.59 -33.91
N VAL F 93 -35.39 28.72 -32.58
CA VAL F 93 -34.22 28.32 -31.81
C VAL F 93 -34.65 27.72 -30.48
N ALA F 97 -34.62 23.53 -19.66
CA ALA F 97 -35.18 24.22 -18.50
C ALA F 97 -36.42 25.05 -18.89
N PRO F 98 -37.60 24.41 -19.01
CA PRO F 98 -38.81 25.18 -19.39
C PRO F 98 -39.29 26.09 -18.27
N GLY F 99 -39.12 27.40 -18.43
CA GLY F 99 -39.52 28.36 -17.42
C GLY F 99 -39.75 29.76 -17.95
N ASN F 100 -40.07 30.71 -17.04
CA ASN F 100 -40.33 32.12 -17.39
C ASN F 100 -39.04 32.87 -17.73
N ILE F 101 -38.50 32.59 -18.93
CA ILE F 101 -37.29 33.23 -19.43
C ILE F 101 -37.72 34.27 -20.45
N SER F 102 -37.62 35.56 -20.08
CA SER F 102 -38.01 36.71 -20.90
C SER F 102 -37.34 36.70 -22.27
N CYS F 103 -38.08 37.19 -23.27
CA CYS F 103 -37.68 37.21 -24.68
C CYS F 103 -37.90 38.60 -25.29
N LEU F 104 -37.13 38.96 -26.34
CA LEU F 104 -37.28 40.22 -27.04
C LEU F 104 -36.59 40.18 -28.40
N TRP F 105 -37.37 40.19 -29.50
CA TRP F 105 -36.79 40.17 -30.85
C TRP F 105 -36.42 41.58 -31.30
N VAL F 106 -35.19 41.74 -31.84
CA VAL F 106 -34.66 43.01 -32.32
C VAL F 106 -34.36 42.90 -33.82
N PHE F 107 -35.34 43.22 -34.66
CA PHE F 107 -35.18 43.17 -36.12
C PHE F 107 -34.32 44.33 -36.67
N LYS F 108 -34.12 44.37 -38.00
CA LYS F 108 -33.35 45.43 -38.65
C LYS F 108 -33.96 46.81 -38.36
N HIS F 109 -33.36 47.58 -37.41
CA HIS F 109 -33.77 48.93 -36.99
C HIS F 109 -35.25 49.04 -36.56
N SER F 110 -35.85 47.93 -36.09
CA SER F 110 -37.24 47.87 -35.64
C SER F 110 -37.41 46.80 -34.55
N SER F 111 -38.33 47.03 -33.62
CA SER F 111 -38.56 46.09 -32.52
C SER F 111 -39.61 45.03 -32.87
N LEU F 112 -39.60 43.91 -32.13
CA LEU F 112 -40.56 42.84 -32.36
C LEU F 112 -40.88 42.08 -31.08
N ASN F 113 -42.17 41.87 -30.83
CA ASN F 113 -42.70 41.15 -29.67
C ASN F 113 -42.40 39.65 -29.73
N CYS F 114 -42.60 38.91 -28.62
CA CYS F 114 -42.26 37.49 -28.57
C CYS F 114 -43.40 36.55 -28.13
N GLN F 115 -43.24 35.26 -28.46
CA GLN F 115 -44.17 34.20 -28.10
C GLN F 115 -43.36 32.92 -27.83
N PRO F 116 -43.01 32.64 -26.57
CA PRO F 116 -42.22 31.43 -26.28
C PRO F 116 -43.05 30.18 -25.97
N HIS F 117 -42.59 29.01 -26.45
CA HIS F 117 -43.23 27.71 -26.25
C HIS F 117 -42.27 26.71 -25.54
N PHE F 118 -42.81 25.57 -25.06
CA PHE F 118 -41.98 24.56 -24.40
C PHE F 118 -42.60 23.18 -24.54
N ARG F 123 -39.45 21.64 -23.23
CA ARG F 123 -38.07 22.09 -23.05
C ARG F 123 -37.91 23.61 -23.25
N GLY F 124 -38.16 24.13 -24.46
CA GLY F 124 -38.03 25.57 -24.72
C GLY F 124 -37.66 25.96 -26.15
N VAL F 125 -38.57 26.65 -26.84
CA VAL F 125 -38.35 27.07 -28.22
C VAL F 125 -39.07 28.38 -28.56
N VAL F 126 -38.36 29.35 -29.14
CA VAL F 126 -38.91 30.63 -29.58
C VAL F 126 -38.75 30.77 -31.11
N SER F 127 -39.63 31.53 -31.79
CA SER F 127 -39.54 31.67 -33.25
C SER F 127 -39.93 33.04 -33.83
N MET F 128 -39.41 33.35 -35.03
CA MET F 128 -39.66 34.56 -35.84
C MET F 128 -39.87 34.06 -37.26
N VAL F 129 -41.12 34.09 -37.74
CA VAL F 129 -41.46 33.62 -39.09
C VAL F 129 -41.70 34.78 -40.05
N ILE F 130 -40.97 34.83 -41.19
CA ILE F 130 -41.10 35.90 -42.19
C ILE F 130 -41.85 35.38 -43.42
N LEU F 131 -42.82 36.16 -43.91
CA LEU F 131 -43.61 35.81 -45.09
C LEU F 131 -43.13 36.65 -46.27
N LYS F 132 -42.68 35.99 -47.37
CA LYS F 132 -42.14 36.59 -48.59
C LYS F 132 -40.93 37.46 -48.27
N MET F 133 -39.72 36.85 -48.28
CA MET F 133 -38.46 37.52 -47.94
C MET F 133 -38.16 38.73 -48.80
N THR F 134 -38.54 39.92 -48.31
CA THR F 134 -38.36 41.19 -49.01
C THR F 134 -36.97 41.79 -48.73
N GLU F 135 -36.54 42.75 -49.58
CA GLU F 135 -35.28 43.46 -49.41
C GLU F 135 -35.22 44.19 -48.03
N THR F 136 -36.39 44.46 -47.43
CA THR F 136 -36.57 45.10 -46.15
C THR F 136 -36.28 44.06 -45.06
N GLN F 137 -36.83 42.84 -45.22
CA GLN F 137 -36.62 41.76 -44.26
C GLN F 137 -35.14 41.41 -44.06
N ALA F 138 -34.40 41.16 -45.16
CA ALA F 138 -32.98 40.80 -45.13
C ALA F 138 -32.05 41.68 -44.26
N GLY F 139 -31.19 41.04 -43.49
CA GLY F 139 -30.23 41.74 -42.65
C GLY F 139 -30.09 41.25 -41.21
N GLU F 140 -29.88 42.21 -40.29
CA GLU F 140 -29.68 41.96 -38.87
C GLU F 140 -30.97 41.56 -38.15
N TYR F 141 -30.93 40.41 -37.49
CA TYR F 141 -32.04 39.91 -36.67
C TYR F 141 -31.47 39.42 -35.34
N LEU F 142 -31.58 40.20 -34.28
CA LEU F 142 -31.09 39.83 -32.95
C LEU F 142 -32.21 39.30 -32.06
N LEU F 143 -31.86 38.52 -31.04
CA LEU F 143 -32.84 37.96 -30.11
C LEU F 143 -32.25 37.96 -28.68
N PHE F 144 -32.71 38.89 -27.84
CA PHE F 144 -32.19 39.01 -26.49
C PHE F 144 -33.08 38.27 -25.49
N ILE F 145 -32.47 37.56 -24.55
CA ILE F 145 -33.18 36.82 -23.52
C ILE F 145 -32.67 37.15 -22.12
N GLN F 146 -33.51 36.94 -21.10
CA GLN F 146 -33.15 37.22 -19.71
C GLN F 146 -33.92 36.30 -18.76
N SER F 147 -33.22 35.38 -18.07
CA SER F 147 -33.82 34.44 -17.10
C SER F 147 -32.73 34.02 -16.07
N GLU F 148 -31.69 33.30 -16.54
CA GLU F 148 -30.56 32.90 -15.70
C GLU F 148 -29.31 33.72 -16.09
N ALA F 149 -29.52 35.02 -16.44
CA ALA F 149 -28.53 36.02 -16.85
C ALA F 149 -29.20 37.40 -17.00
N THR F 150 -28.42 38.49 -16.88
CA THR F 150 -28.95 39.84 -17.09
C THR F 150 -29.21 40.06 -18.59
N ASN F 151 -28.30 39.54 -19.45
CA ASN F 151 -28.40 39.61 -20.90
C ASN F 151 -27.89 38.31 -21.58
N TYR F 152 -28.72 37.74 -22.45
CA TYR F 152 -28.37 36.54 -23.21
C TYR F 152 -28.74 36.86 -24.66
N THR F 153 -27.84 37.53 -25.39
CA THR F 153 -28.07 38.03 -26.73
C THR F 153 -27.61 37.12 -27.88
N ILE F 154 -28.46 36.94 -28.90
CA ILE F 154 -28.16 36.15 -30.12
C ILE F 154 -28.29 37.09 -31.35
N LEU F 155 -27.59 36.78 -32.45
CA LEU F 155 -27.65 37.62 -33.65
C LEU F 155 -27.56 36.76 -34.90
N PHE F 156 -28.38 37.04 -35.91
CA PHE F 156 -28.39 36.29 -37.17
C PHE F 156 -28.26 37.23 -38.36
N THR F 157 -27.42 36.86 -39.34
CA THR F 157 -27.20 37.68 -40.53
C THR F 157 -27.90 37.04 -41.72
N VAL F 158 -29.02 37.65 -42.17
CA VAL F 158 -29.81 37.18 -43.31
C VAL F 158 -29.36 37.86 -44.61
N SER F 159 -28.66 37.12 -45.47
CA SER F 159 -28.17 37.68 -46.75
C SER F 159 -29.23 37.50 -47.84
N ILE F 160 -29.47 38.53 -48.66
CA ILE F 160 -30.49 38.47 -49.70
C ILE F 160 -30.03 37.77 -50.97
N ASN F 162 -26.02 40.37 -53.22
CA ASN F 162 -25.62 39.02 -53.63
C ASN F 162 -26.81 38.27 -54.27
N THR F 163 -26.51 37.38 -55.25
CA THR F 163 -27.56 36.60 -55.92
C THR F 163 -27.07 35.21 -56.41
N LEU F 164 -26.05 35.15 -57.27
CA LEU F 164 -25.59 33.88 -57.82
C LEU F 164 -24.09 33.79 -58.08
N LEU F 165 -23.29 34.53 -57.31
CA LEU F 165 -21.84 34.52 -57.46
C LEU F 165 -21.15 33.56 -56.49
N TYR F 166 -21.71 32.36 -56.34
CA TYR F 166 -21.25 31.28 -55.45
C TYR F 166 -19.94 30.61 -55.92
N THR F 167 -19.11 30.15 -54.97
CA THR F 167 -17.84 29.46 -55.24
C THR F 167 -17.40 28.55 -54.05
N LEU F 168 -16.39 27.69 -54.27
CA LEU F 168 -15.82 26.79 -53.27
C LEU F 168 -14.37 26.43 -53.65
N ARG F 169 -13.46 27.40 -53.52
CA ARG F 169 -12.04 27.20 -53.82
C ARG F 169 -11.36 26.48 -52.66
N ARG F 170 -10.73 25.32 -52.96
CA ARG F 170 -10.01 24.43 -52.05
C ARG F 170 -9.10 25.17 -51.05
N PRO F 171 -8.90 24.62 -49.84
CA PRO F 171 -8.09 25.33 -48.84
C PRO F 171 -6.62 25.50 -49.19
N TYR F 172 -6.04 26.63 -48.77
CA TYR F 172 -4.62 26.88 -48.93
C TYR F 172 -3.99 27.13 -47.56
N PHE F 173 -2.66 27.09 -47.44
CA PHE F 173 -1.99 27.25 -46.16
C PHE F 173 -1.10 28.49 -46.09
N ARG F 174 -1.00 29.07 -44.91
CA ARG F 174 -0.17 30.25 -44.70
C ARG F 174 0.34 30.23 -43.26
N LYS F 175 1.65 30.31 -43.06
CA LYS F 175 2.23 30.28 -41.72
C LYS F 175 1.98 31.60 -40.99
N MET F 176 1.37 31.54 -39.78
CA MET F 176 1.10 32.73 -38.95
C MET F 176 2.40 33.46 -38.66
N GLU F 177 2.45 34.75 -38.98
CA GLU F 177 3.61 35.61 -38.88
C GLU F 177 4.23 35.66 -37.49
N ASN F 178 3.40 35.53 -36.45
CA ASN F 178 3.90 35.59 -35.08
C ASN F 178 4.75 34.39 -34.67
N GLN F 179 4.19 33.18 -34.76
CA GLN F 179 4.91 31.99 -34.31
C GLN F 179 4.98 30.89 -35.36
N ASP F 180 5.45 29.69 -34.97
CA ASP F 180 5.58 28.53 -35.83
C ASP F 180 4.30 27.69 -35.74
N ALA F 181 3.26 28.14 -36.45
CA ALA F 181 1.94 27.51 -36.51
C ALA F 181 1.28 27.85 -37.86
N LEU F 182 0.53 26.90 -38.43
CA LEU F 182 -0.10 27.06 -39.75
C LEU F 182 -1.54 27.59 -39.65
N VAL F 183 -2.02 28.27 -40.71
CA VAL F 183 -3.35 28.86 -40.82
C VAL F 183 -4.03 28.45 -42.13
N CYS F 184 -5.29 28.03 -42.07
CA CYS F 184 -6.02 27.58 -43.24
C CYS F 184 -6.88 28.64 -43.87
N ILE F 185 -6.54 29.00 -45.12
CA ILE F 185 -7.27 29.99 -45.89
C ILE F 185 -8.02 29.33 -47.07
N SER F 186 -9.31 29.03 -46.86
CA SER F 186 -10.15 28.42 -47.90
C SER F 186 -11.12 29.49 -48.38
N GLU F 187 -11.17 29.77 -49.70
CA GLU F 187 -12.07 30.81 -50.22
C GLU F 187 -13.36 30.21 -50.73
N SER F 188 -14.50 30.88 -50.50
CA SER F 188 -15.80 30.36 -50.93
C SER F 188 -16.93 31.37 -50.74
N VAL F 189 -18.01 31.18 -51.53
CA VAL F 189 -19.26 31.93 -51.47
C VAL F 189 -20.38 30.88 -51.45
N PRO F 190 -21.07 30.63 -50.31
CA PRO F 190 -20.93 31.29 -49.00
C PRO F 190 -19.67 30.90 -48.24
N GLU F 191 -19.29 31.68 -47.21
CA GLU F 191 -18.11 31.41 -46.38
C GLU F 191 -18.21 30.02 -45.73
N PRO F 192 -17.11 29.25 -45.76
CA PRO F 192 -17.20 27.86 -45.27
C PRO F 192 -16.71 27.60 -43.85
N ILE F 193 -17.01 26.39 -43.34
CA ILE F 193 -16.49 25.97 -42.05
C ILE F 193 -15.12 25.36 -42.30
N VAL F 194 -14.10 25.94 -41.67
CA VAL F 194 -12.72 25.51 -41.85
C VAL F 194 -12.31 24.62 -40.67
N GLU F 195 -12.20 23.31 -40.93
CA GLU F 195 -11.86 22.33 -39.90
C GLU F 195 -10.58 21.57 -40.21
N TRP F 196 -9.67 21.53 -39.24
CA TRP F 196 -8.42 20.81 -39.39
C TRP F 196 -8.58 19.40 -38.91
N VAL F 197 -8.14 18.40 -39.69
CA VAL F 197 -8.26 17.01 -39.26
C VAL F 197 -6.91 16.30 -39.22
N LEU F 198 -6.50 15.86 -38.04
CA LEU F 198 -5.26 15.14 -37.88
C LEU F 198 -5.63 13.76 -37.38
N CYS F 199 -5.28 12.71 -38.11
CA CYS F 199 -5.61 11.33 -37.70
C CYS F 199 -4.51 10.38 -38.15
N ASP F 200 -4.18 9.34 -37.35
CA ASP F 200 -3.09 8.41 -37.73
C ASP F 200 -3.30 7.71 -39.09
N SER F 201 -2.31 7.85 -40.01
CA SER F 201 -2.37 7.28 -41.36
C SER F 201 -2.17 5.76 -41.38
N GLN F 202 -3.28 5.02 -41.30
CA GLN F 202 -3.37 3.55 -41.30
C GLN F 202 -2.54 2.91 -40.18
N GLY F 203 -3.14 2.85 -38.99
CA GLY F 203 -2.50 2.27 -37.81
C GLY F 203 -3.11 0.94 -37.41
N GLU F 204 -4.30 0.99 -36.76
CA GLU F 204 -5.06 -0.17 -36.29
C GLU F 204 -4.26 -1.12 -35.41
N GLU F 208 -9.26 9.55 -42.41
CA GLU F 208 -10.28 8.98 -43.29
C GLU F 208 -11.21 8.04 -42.54
N GLU F 209 -12.50 8.05 -42.92
CA GLU F 209 -13.57 7.23 -42.35
C GLU F 209 -13.79 7.43 -40.84
N SER F 210 -13.24 8.53 -40.28
CA SER F 210 -13.26 8.98 -38.87
C SER F 210 -13.71 7.93 -37.80
N PRO F 211 -12.95 6.83 -37.61
CA PRO F 211 -13.34 5.85 -36.57
C PRO F 211 -12.99 6.36 -35.16
N ALA F 212 -11.83 7.02 -35.05
CA ALA F 212 -11.27 7.68 -33.87
C ALA F 212 -10.27 8.80 -34.29
N VAL F 213 -10.40 9.33 -35.54
CA VAL F 213 -9.60 10.42 -36.10
C VAL F 213 -9.96 11.73 -35.39
N VAL F 214 -9.00 12.65 -35.24
CA VAL F 214 -9.27 13.89 -34.51
C VAL F 214 -9.61 15.07 -35.41
N LYS F 215 -10.83 15.59 -35.27
CA LYS F 215 -11.27 16.75 -36.01
C LYS F 215 -11.27 17.94 -35.06
N LYS F 216 -10.68 19.05 -35.50
CA LYS F 216 -10.56 20.26 -34.69
C LYS F 216 -10.81 21.50 -35.56
N GLU F 217 -12.03 22.07 -35.49
CA GLU F 217 -12.38 23.26 -36.26
C GLU F 217 -11.78 24.49 -35.56
N GLU F 218 -10.66 25.01 -36.08
CA GLU F 218 -9.97 26.13 -35.44
C GLU F 218 -9.47 27.20 -36.42
N LYS F 219 -9.26 26.83 -37.70
CA LYS F 219 -8.73 27.71 -38.74
C LYS F 219 -7.24 28.08 -38.51
N VAL F 220 -6.69 27.81 -37.30
CA VAL F 220 -5.29 28.04 -36.92
C VAL F 220 -4.78 26.81 -36.14
N LEU F 221 -3.86 26.02 -36.73
CA LEU F 221 -3.31 24.81 -36.12
C LEU F 221 -1.90 25.05 -35.59
N HIS F 222 -1.64 24.65 -34.33
CA HIS F 222 -0.33 24.82 -33.69
C HIS F 222 0.40 23.48 -33.55
N GLU F 223 -0.35 22.38 -33.33
CA GLU F 223 0.21 21.02 -33.17
C GLU F 223 0.39 20.34 -34.53
N LEU F 224 1.32 20.86 -35.34
CA LEU F 224 1.62 20.37 -36.68
C LEU F 224 2.35 19.02 -36.74
N PHE F 225 2.69 18.45 -35.59
CA PHE F 225 3.35 17.16 -35.51
C PHE F 225 2.36 16.04 -35.64
N GLY F 226 2.86 14.96 -36.23
CA GLY F 226 2.22 13.67 -36.37
C GLY F 226 1.00 13.51 -37.23
N MET F 227 0.73 12.24 -37.56
CA MET F 227 -0.44 11.74 -38.26
C MET F 227 -0.61 12.28 -39.70
N ASP F 228 -1.84 12.21 -40.26
CA ASP F 228 -2.21 12.70 -41.58
C ASP F 228 -3.02 13.99 -41.39
N ILE F 229 -2.35 15.12 -41.59
CA ILE F 229 -2.92 16.44 -41.42
C ILE F 229 -3.54 16.93 -42.72
N ARG F 230 -4.86 17.20 -42.69
CA ARG F 230 -5.61 17.64 -43.86
C ARG F 230 -6.67 18.65 -43.44
N CYS F 231 -6.80 19.76 -44.17
CA CYS F 231 -7.84 20.73 -43.84
C CYS F 231 -9.03 20.63 -44.76
N CYS F 232 -10.21 20.86 -44.22
CA CYS F 232 -11.45 20.72 -44.97
C CYS F 232 -12.37 21.96 -44.88
N ALA F 233 -12.82 22.44 -46.05
CA ALA F 233 -13.74 23.57 -46.15
C ALA F 233 -15.12 23.04 -46.51
N ARG F 234 -16.18 23.48 -45.82
CA ARG F 234 -17.54 23.04 -46.11
C ARG F 234 -18.51 24.21 -46.14
N ASN F 235 -19.09 24.47 -47.32
CA ASN F 235 -20.08 25.54 -47.52
C ASN F 235 -21.38 24.95 -48.13
N GLU F 236 -22.28 25.82 -48.65
CA GLU F 236 -23.53 25.37 -49.26
C GLU F 236 -23.29 24.47 -50.49
N LEU F 237 -22.19 24.72 -51.24
CA LEU F 237 -21.83 23.93 -52.42
C LEU F 237 -21.39 22.51 -52.03
N GLY F 238 -20.53 22.40 -51.03
CA GLY F 238 -20.04 21.11 -50.56
C GLY F 238 -18.75 21.17 -49.75
N ARG F 239 -17.94 20.09 -49.80
CA ARG F 239 -16.67 20.05 -49.06
C ARG F 239 -15.45 19.76 -49.96
N GLU F 240 -14.48 20.70 -49.97
CA GLU F 240 -13.23 20.56 -50.70
C GLU F 240 -12.10 20.52 -49.66
N CYS F 241 -11.20 19.52 -49.76
CA CYS F 241 -10.11 19.38 -48.77
C CYS F 241 -8.72 19.37 -49.39
N THR F 242 -7.76 19.96 -48.69
CA THR F 242 -6.38 19.95 -49.14
C THR F 242 -5.53 19.31 -48.06
N ARG F 243 -4.85 18.21 -48.38
CA ARG F 243 -4.01 17.49 -47.42
C ARG F 243 -2.59 18.05 -47.45
N LEU F 244 -1.94 18.19 -46.29
CA LEU F 244 -0.59 18.70 -46.24
C LEU F 244 0.37 17.59 -46.65
N PHE F 245 1.10 17.77 -47.77
CA PHE F 245 2.04 16.80 -48.33
C PHE F 245 3.17 16.50 -47.35
N THR F 246 3.28 15.26 -46.92
CA THR F 246 4.27 14.86 -45.93
C THR F 246 5.29 13.86 -46.46
N ILE F 247 6.52 13.94 -45.95
CA ILE F 247 7.62 13.03 -46.28
C ILE F 247 8.15 12.52 -44.93
N ASP F 248 7.78 11.29 -44.57
CA ASP F 248 8.23 10.73 -43.29
C ASP F 248 9.48 9.91 -43.52
N LEU F 249 10.65 10.43 -43.13
CA LEU F 249 11.92 9.68 -43.28
C LEU F 249 11.96 8.47 -42.37
N ASN F 250 11.24 8.54 -41.23
CA ASN F 250 11.06 7.48 -40.24
C ASN F 250 10.22 6.32 -40.82
N GLN F 251 9.28 6.62 -41.77
CA GLN F 251 8.42 5.63 -42.44
C GLN F 251 9.16 4.86 -43.53
N THR F 252 8.64 3.68 -43.89
CA THR F 252 9.20 2.73 -44.84
C THR F 252 9.55 3.32 -46.21
N PRO F 253 10.67 2.89 -46.83
CA PRO F 253 11.04 3.44 -48.13
C PRO F 253 10.03 3.10 -49.23
N GLN F 254 9.35 4.13 -49.73
CA GLN F 254 8.33 3.97 -50.76
C GLN F 254 8.99 3.83 -52.12
N THR F 255 8.84 2.64 -52.74
CA THR F 255 9.45 2.32 -54.03
C THR F 255 8.87 3.08 -55.24
N THR F 256 8.15 4.18 -55.00
CA THR F 256 7.56 5.02 -56.04
C THR F 256 7.74 6.48 -55.65
N LEU F 257 8.63 7.18 -56.39
CA LEU F 257 9.02 8.59 -56.29
C LEU F 257 7.79 9.48 -56.43
N PRO F 258 7.19 9.88 -55.30
CA PRO F 258 5.94 10.66 -55.38
C PRO F 258 6.01 11.96 -56.18
N GLN F 259 4.93 12.24 -56.90
CA GLN F 259 4.79 13.42 -57.73
C GLN F 259 3.75 14.38 -57.10
N LEU F 260 4.11 15.66 -56.95
CA LEU F 260 3.24 16.68 -56.38
C LEU F 260 2.87 17.68 -57.48
N PHE F 261 1.59 17.74 -57.86
CA PHE F 261 1.15 18.67 -58.90
C PHE F 261 0.40 19.86 -58.30
N LEU F 262 0.57 21.06 -58.89
CA LEU F 262 -0.12 22.29 -58.44
C LEU F 262 -0.06 23.41 -59.50
N LYS F 263 -1.16 24.19 -59.62
CA LYS F 263 -1.29 25.26 -60.60
C LYS F 263 -0.44 26.46 -60.22
N VAL F 264 0.23 27.09 -61.21
CA VAL F 264 1.07 28.28 -61.00
C VAL F 264 0.30 29.39 -60.25
N GLY F 265 0.87 29.80 -59.13
CA GLY F 265 0.27 30.81 -58.24
C GLY F 265 -0.11 30.25 -56.89
N GLU F 266 -0.41 28.93 -56.84
CA GLU F 266 -0.80 28.19 -55.63
C GLU F 266 0.38 28.06 -54.65
N PRO F 267 0.13 27.88 -53.34
CA PRO F 267 1.25 27.76 -52.40
C PRO F 267 1.73 26.31 -52.18
N LEU F 268 3.03 26.08 -52.38
CA LEU F 268 3.61 24.76 -52.19
C LEU F 268 3.88 24.50 -50.71
N TRP F 269 3.54 23.32 -50.21
CA TRP F 269 3.78 22.97 -48.83
C TRP F 269 4.22 21.53 -48.76
N ILE F 270 5.50 21.28 -48.38
CA ILE F 270 6.05 19.92 -48.25
C ILE F 270 6.70 19.76 -46.89
N ARG F 271 6.06 19.04 -45.97
CA ARG F 271 6.56 18.86 -44.60
C ARG F 271 7.37 17.60 -44.45
N CYS F 272 8.58 17.72 -43.93
CA CYS F 272 9.37 16.55 -43.69
C CYS F 272 9.48 16.20 -42.24
N LYS F 273 8.93 15.04 -41.82
CA LYS F 273 9.00 14.58 -40.42
C LYS F 273 9.95 13.39 -40.26
N ALA F 274 10.79 13.43 -39.24
CA ALA F 274 11.74 12.36 -39.00
C ALA F 274 11.78 12.06 -37.56
N VAL F 275 11.66 10.80 -37.18
CA VAL F 275 11.68 10.42 -35.77
C VAL F 275 12.99 9.77 -35.46
N HIS F 276 13.67 10.23 -34.41
CA HIS F 276 14.95 9.67 -33.98
C HIS F 276 15.04 9.65 -32.44
N VAL F 277 15.76 8.68 -31.87
CA VAL F 277 15.94 8.66 -30.43
C VAL F 277 17.24 9.35 -30.09
N ASN F 278 17.19 10.36 -29.21
CA ASN F 278 18.33 11.15 -28.75
C ASN F 278 18.29 12.65 -29.13
N HIS F 279 17.42 13.06 -30.08
CA HIS F 279 17.37 14.46 -30.54
C HIS F 279 18.58 14.91 -31.38
N GLY F 280 19.63 14.10 -31.40
CA GLY F 280 20.85 14.42 -32.15
C GLY F 280 20.74 14.03 -33.59
N PHE F 281 20.14 14.90 -34.39
CA PHE F 281 19.96 14.68 -35.83
C PHE F 281 19.37 15.95 -36.46
N GLY F 282 19.82 16.25 -37.66
CA GLY F 282 19.37 17.42 -38.40
C GLY F 282 18.65 17.05 -39.67
N LEU F 283 17.94 17.99 -40.29
CA LEU F 283 17.21 17.75 -41.53
C LEU F 283 17.58 18.83 -42.56
N THR F 284 17.64 18.48 -43.85
CA THR F 284 18.00 19.46 -44.88
C THR F 284 17.23 19.25 -46.16
N TRP F 285 16.77 20.36 -46.76
CA TRP F 285 16.05 20.37 -48.04
C TRP F 285 16.97 20.79 -49.17
N GLU F 286 16.71 20.29 -50.38
CA GLU F 286 17.42 20.71 -51.58
C GLU F 286 16.60 20.42 -52.83
N LEU F 287 16.42 21.44 -53.68
CA LEU F 287 15.70 21.31 -54.95
C LEU F 287 16.81 21.28 -55.99
N GLU F 288 17.66 22.33 -56.02
CA GLU F 288 18.86 22.34 -56.85
C GLU F 288 19.96 21.42 -56.26
N ASN F 289 19.62 20.62 -55.23
CA ASN F 289 20.46 19.69 -54.49
C ASN F 289 21.73 20.43 -53.98
N LYS F 290 22.89 20.28 -54.65
CA LYS F 290 24.16 20.93 -54.28
C LYS F 290 24.55 20.71 -52.81
N LEU F 292 18.12 26.13 -51.16
CA LEU F 292 16.75 26.63 -50.98
C LEU F 292 16.75 28.07 -50.45
N GLU F 293 15.73 28.86 -50.79
CA GLU F 293 15.61 30.26 -50.33
C GLU F 293 15.40 30.36 -48.82
N GLU F 294 15.93 31.41 -48.17
CA GLU F 294 15.85 31.65 -46.72
C GLU F 294 14.41 31.71 -46.17
N GLY F 295 13.53 32.34 -46.94
CA GLY F 295 12.13 32.45 -46.56
C GLY F 295 11.26 31.36 -47.13
N ASN F 296 11.87 30.21 -47.43
CA ASN F 296 11.18 29.05 -48.00
C ASN F 296 11.39 27.77 -47.18
N TYR F 297 12.03 27.85 -46.02
CA TYR F 297 12.28 26.69 -45.19
C TYR F 297 12.19 27.05 -43.71
N PHE F 298 11.76 26.11 -42.86
CA PHE F 298 11.72 26.34 -41.43
C PHE F 298 11.53 25.05 -40.64
N GLU F 299 12.15 25.00 -39.44
CA GLU F 299 12.10 23.79 -38.65
C GLU F 299 11.58 23.94 -37.23
N MET F 300 10.80 22.95 -36.85
CA MET F 300 10.20 22.78 -35.52
C MET F 300 10.64 21.43 -34.92
N SER F 301 10.57 21.28 -33.59
CA SER F 301 10.97 20.02 -32.95
C SER F 301 10.22 19.78 -31.66
N THR F 302 9.92 18.52 -31.33
CA THR F 302 9.25 18.18 -30.06
C THR F 302 9.65 16.77 -29.58
N TYR F 303 9.37 16.45 -28.31
CA TYR F 303 9.73 15.16 -27.76
C TYR F 303 8.56 14.18 -27.72
N SER F 304 8.83 12.89 -27.88
CA SER F 304 7.85 11.81 -27.92
C SER F 304 8.15 10.69 -26.90
N THR F 305 7.13 9.88 -26.57
CA THR F 305 7.11 8.71 -25.66
C THR F 305 8.34 8.72 -24.65
N ASN F 306 9.29 7.76 -24.67
CA ASN F 306 10.40 7.76 -23.73
C ASN F 306 11.61 8.44 -24.35
N ARG F 307 11.67 9.77 -24.19
CA ARG F 307 12.70 10.70 -24.62
C ARG F 307 13.06 10.61 -26.10
N THR F 308 12.07 10.30 -26.95
CA THR F 308 12.19 10.25 -28.43
C THR F 308 12.10 11.70 -28.99
N MET F 309 12.53 11.94 -30.24
CA MET F 309 12.45 13.29 -30.80
C MET F 309 11.91 13.29 -32.21
N ILE F 310 10.96 14.19 -32.51
CA ILE F 310 10.37 14.33 -33.85
C ILE F 310 10.80 15.69 -34.39
N ARG F 311 11.24 15.75 -35.64
CA ARG F 311 11.68 17.01 -36.25
C ARG F 311 10.91 17.31 -37.54
N ILE F 312 10.38 18.52 -37.68
CA ILE F 312 9.66 18.90 -38.89
C ILE F 312 10.44 19.97 -39.59
N LEU F 313 10.86 19.71 -40.82
CA LEU F 313 11.57 20.69 -41.62
C LEU F 313 10.77 20.83 -42.88
N PHE F 314 9.77 21.72 -42.87
CA PHE F 314 8.97 21.86 -44.09
C PHE F 314 9.35 23.05 -44.91
N ALA F 315 9.19 22.86 -46.22
CA ALA F 315 9.50 23.84 -47.23
C ALA F 315 8.20 24.43 -47.78
N PHE F 316 8.20 25.75 -48.00
CA PHE F 316 7.01 26.43 -48.50
C PHE F 316 7.26 27.49 -49.57
N VAL F 317 6.37 27.60 -50.55
CA VAL F 317 6.44 28.60 -51.61
C VAL F 317 5.18 29.43 -51.52
N SER F 318 5.31 30.75 -51.43
CA SER F 318 4.17 31.66 -51.33
C SER F 318 3.23 31.50 -52.53
N SER F 319 3.77 31.69 -53.74
CA SER F 319 3.05 31.56 -55.00
C SER F 319 4.01 30.84 -55.96
N VAL F 320 3.66 29.62 -56.41
CA VAL F 320 4.52 28.85 -57.30
C VAL F 320 4.55 29.42 -58.74
N ALA F 321 5.56 29.01 -59.52
CA ALA F 321 5.79 29.39 -60.90
C ALA F 321 6.60 28.24 -61.61
N ARG F 322 6.96 28.38 -62.91
CA ARG F 322 7.76 27.37 -63.59
C ARG F 322 9.13 27.22 -62.90
N ASN F 323 9.69 28.33 -62.37
CA ASN F 323 10.95 28.43 -61.63
C ASN F 323 11.04 27.39 -60.49
N ASP F 324 9.92 27.20 -59.74
CA ASP F 324 9.82 26.33 -58.57
C ASP F 324 9.58 24.85 -58.87
N THR F 325 9.29 24.49 -60.14
CA THR F 325 9.07 23.09 -60.50
C THR F 325 10.41 22.33 -60.48
N GLY F 326 10.40 21.11 -59.95
CA GLY F 326 11.63 20.32 -59.86
C GLY F 326 11.65 19.23 -58.82
N TYR F 327 12.75 18.50 -58.76
CA TYR F 327 12.94 17.39 -57.83
C TYR F 327 13.46 17.86 -56.45
N TYR F 328 12.62 17.73 -55.40
CA TYR F 328 12.95 18.13 -54.04
C TYR F 328 13.31 16.92 -53.21
N THR F 329 14.36 17.02 -52.40
CA THR F 329 14.78 15.91 -51.56
C THR F 329 15.14 16.33 -50.18
N CYS F 330 14.81 15.48 -49.22
CA CYS F 330 15.13 15.74 -47.84
C CYS F 330 16.01 14.67 -47.25
N SER F 331 17.13 15.09 -46.64
CA SER F 331 18.08 14.17 -46.03
C SER F 331 18.26 14.48 -44.55
N SER F 332 18.40 13.43 -43.73
CA SER F 332 18.60 13.62 -42.30
C SER F 332 19.93 13.07 -41.81
N SER F 333 20.50 13.74 -40.80
CA SER F 333 21.77 13.37 -40.19
C SER F 333 21.58 12.23 -39.17
N LYS F 334 20.83 11.20 -39.59
CA LYS F 334 20.50 9.94 -38.92
C LYS F 334 19.35 9.20 -39.64
N HIS F 335 19.09 9.52 -40.92
CA HIS F 335 18.01 8.91 -41.69
C HIS F 335 18.31 8.83 -43.20
N PRO F 336 17.62 7.94 -43.97
CA PRO F 336 17.84 7.88 -45.41
C PRO F 336 17.09 8.98 -46.18
N SER F 337 17.79 9.62 -47.10
CA SER F 337 17.27 10.71 -47.91
C SER F 337 16.08 10.31 -48.80
N GLN F 338 14.86 10.81 -48.48
CA GLN F 338 13.66 10.54 -49.29
C GLN F 338 13.30 11.76 -50.15
N SER F 339 12.77 11.52 -51.35
CA SER F 339 12.50 12.61 -52.28
C SER F 339 11.11 12.59 -52.91
N ALA F 340 10.75 13.70 -53.60
CA ALA F 340 9.50 13.86 -54.33
C ALA F 340 9.66 14.96 -55.40
N LEU F 341 9.08 14.76 -56.59
CA LEU F 341 9.18 15.75 -57.66
C LEU F 341 7.94 16.63 -57.73
N VAL F 342 8.15 17.92 -57.98
CA VAL F 342 7.09 18.93 -58.07
C VAL F 342 6.85 19.31 -59.53
N ILE F 343 5.62 19.08 -59.98
CA ILE F 343 5.16 19.38 -61.33
C ILE F 343 4.18 20.53 -61.30
N ILE F 344 4.57 21.64 -61.92
CA ILE F 344 3.73 22.83 -61.99
C ILE F 344 2.82 22.70 -63.21
N VAL F 345 1.52 22.98 -63.05
CA VAL F 345 0.60 22.88 -64.17
C VAL F 345 0.07 24.27 -64.52
N GLU F 346 0.26 24.71 -65.78
CA GLU F 346 -0.20 26.03 -66.18
C GLU F 346 -1.72 26.16 -66.06
N LYS F 347 -2.44 25.07 -66.29
CA LYS F 347 -3.90 25.01 -66.19
C LYS F 347 -4.32 23.65 -65.62
N GLY F 348 -5.60 23.51 -65.27
CA GLY F 348 -6.14 22.26 -64.75
C GLY F 348 -6.19 21.23 -65.86
N PHE F 349 -5.90 19.96 -65.54
CA PHE F 349 -5.85 18.92 -66.57
C PHE F 349 -6.39 17.57 -66.12
N ILE F 350 -6.83 16.75 -67.08
CA ILE F 350 -7.29 15.39 -66.90
C ILE F 350 -6.67 14.56 -68.01
N ASN F 351 -5.69 13.71 -67.67
CA ASN F 351 -5.05 12.86 -68.68
C ASN F 351 -5.47 11.43 -68.43
N ALA F 352 -6.17 10.86 -69.40
CA ALA F 352 -6.66 9.49 -69.30
C ALA F 352 -6.60 8.83 -70.66
N THR F 353 -5.87 7.71 -70.74
CA THR F 353 -5.66 6.96 -71.96
C THR F 353 -6.82 6.01 -72.13
N ASN F 354 -7.80 6.38 -72.96
CA ASN F 354 -8.95 5.51 -73.22
C ASN F 354 -8.52 4.31 -74.07
N SER F 355 -8.67 3.09 -73.52
CA SER F 355 -8.28 1.88 -74.23
C SER F 355 -9.44 0.88 -74.33
N SER F 356 -9.41 0.04 -75.38
CA SER F 356 -10.42 -0.98 -75.73
C SER F 356 -11.73 -0.35 -76.28
N GLU F 357 -12.40 0.53 -75.50
CA GLU F 357 -13.63 1.29 -75.83
C GLU F 357 -14.90 0.42 -76.03
N ASP F 358 -14.85 -0.59 -76.90
CA ASP F 358 -15.98 -1.50 -77.11
C ASP F 358 -15.67 -2.85 -76.45
N TYR F 359 -16.66 -3.41 -75.74
CA TYR F 359 -16.53 -4.66 -74.99
C TYR F 359 -17.72 -5.61 -75.26
N GLU F 360 -17.58 -6.88 -74.81
CA GLU F 360 -18.63 -7.88 -74.93
C GLU F 360 -18.65 -8.80 -73.70
N ILE F 361 -19.84 -9.02 -73.12
CA ILE F 361 -19.96 -9.87 -71.93
C ILE F 361 -19.85 -11.35 -72.28
N ASP F 362 -19.45 -12.16 -71.31
CA ASP F 362 -19.28 -13.59 -71.53
C ASP F 362 -20.20 -14.46 -70.67
N GLN F 363 -21.37 -13.89 -70.27
CA GLN F 363 -22.41 -14.54 -69.46
C GLN F 363 -22.01 -14.76 -67.99
N TYR F 364 -20.76 -15.16 -67.73
CA TYR F 364 -20.25 -15.44 -66.39
C TYR F 364 -18.88 -14.81 -66.08
N GLU F 365 -18.40 -13.92 -66.95
CA GLU F 365 -17.11 -13.28 -66.75
C GLU F 365 -17.18 -12.19 -65.69
N GLU F 366 -16.36 -12.33 -64.63
N GLU F 366 -16.42 -12.34 -64.58
CA GLU F 366 -16.27 -11.39 -63.51
CA GLU F 366 -16.43 -11.33 -63.52
C GLU F 366 -15.55 -10.11 -63.94
C GLU F 366 -15.62 -10.12 -63.93
N PHE F 367 -16.27 -9.20 -64.64
CA PHE F 367 -15.65 -7.99 -65.15
C PHE F 367 -16.04 -6.73 -64.39
N CYS F 368 -15.22 -5.69 -64.55
CA CYS F 368 -15.40 -4.34 -64.03
C CYS F 368 -14.81 -3.40 -65.06
N PHE F 369 -15.58 -2.38 -65.48
CA PHE F 369 -15.08 -1.35 -66.38
C PHE F 369 -14.06 -0.50 -65.60
N SER F 370 -12.94 -0.15 -66.25
CA SER F 370 -11.91 0.62 -65.57
C SER F 370 -11.48 1.86 -66.35
N VAL F 371 -10.91 2.84 -65.64
CA VAL F 371 -10.39 4.09 -66.20
C VAL F 371 -9.24 4.62 -65.32
N ARG F 372 -8.01 4.59 -65.83
CA ARG F 372 -6.86 5.10 -65.09
C ARG F 372 -6.64 6.53 -65.54
N PHE F 373 -6.45 7.47 -64.61
CA PHE F 373 -6.28 8.88 -64.96
C PHE F 373 -5.38 9.64 -64.00
N LYS F 374 -4.54 10.50 -64.57
CA LYS F 374 -3.67 11.37 -63.81
C LYS F 374 -4.22 12.75 -64.04
N ALA F 375 -4.76 13.39 -63.00
CA ALA F 375 -5.37 14.71 -63.11
C ALA F 375 -5.06 15.55 -61.86
N TYR F 376 -4.67 16.86 -62.02
CA TYR F 376 -4.31 17.65 -60.82
C TYR F 376 -5.52 17.93 -59.91
N PRO F 377 -6.54 18.76 -60.27
CA PRO F 377 -7.63 18.97 -59.31
C PRO F 377 -8.40 17.67 -59.21
N GLN F 378 -8.57 17.08 -57.98
CA GLN F 378 -9.33 15.83 -57.81
C GLN F 378 -10.68 15.93 -58.55
N ILE F 379 -10.93 15.06 -59.52
CA ILE F 379 -12.07 15.19 -60.40
C ILE F 379 -13.40 14.70 -59.83
N ARG F 380 -14.50 15.31 -60.29
CA ARG F 380 -15.85 14.90 -59.94
C ARG F 380 -16.27 13.95 -61.05
N CYS F 381 -16.53 12.70 -60.71
CA CYS F 381 -16.84 11.67 -61.70
C CYS F 381 -18.29 11.20 -61.65
N THR F 382 -18.80 10.71 -62.81
CA THR F 382 -20.16 10.19 -62.94
C THR F 382 -20.24 9.13 -64.03
N TRP F 383 -20.75 7.92 -63.69
CA TRP F 383 -20.94 6.83 -64.63
C TRP F 383 -22.43 6.81 -65.05
N THR F 384 -22.76 7.31 -66.24
CA THR F 384 -24.15 7.35 -66.71
C THR F 384 -24.44 6.32 -67.81
N PHE F 385 -25.65 5.74 -67.81
CA PHE F 385 -26.08 4.75 -68.80
C PHE F 385 -27.59 4.79 -69.02
N SER F 386 -28.01 5.02 -70.28
CA SER F 386 -29.38 5.13 -70.80
C SER F 386 -30.08 6.42 -70.36
N ARG F 387 -29.99 6.72 -69.06
CA ARG F 387 -30.52 7.87 -68.34
C ARG F 387 -30.05 7.76 -66.88
N LYS F 388 -29.98 6.52 -66.33
CA LYS F 388 -29.54 6.22 -64.98
C LYS F 388 -28.07 6.54 -64.76
N SER F 389 -27.79 7.58 -63.97
CA SER F 389 -26.43 7.99 -63.66
C SER F 389 -26.08 7.64 -62.21
N PHE F 390 -24.98 6.93 -62.01
CA PHE F 390 -24.50 6.52 -60.70
C PHE F 390 -23.09 7.09 -60.45
N PRO F 391 -22.79 7.58 -59.24
CA PRO F 391 -21.43 8.10 -58.98
C PRO F 391 -20.36 7.01 -58.92
N CYS F 392 -19.09 7.38 -58.69
CA CYS F 392 -18.01 6.41 -58.73
C CYS F 392 -17.09 6.44 -57.52
N GLU F 393 -16.43 5.28 -57.28
CA GLU F 393 -15.43 5.12 -56.24
C GLU F 393 -14.11 5.50 -56.89
N GLN F 394 -13.83 6.82 -56.95
CA GLN F 394 -12.62 7.39 -57.55
C GLN F 394 -11.37 7.16 -56.69
N LYS F 395 -11.00 5.90 -56.47
CA LYS F 395 -9.85 5.48 -55.67
C LYS F 395 -8.53 5.76 -56.39
N GLY F 396 -7.46 5.94 -55.62
CA GLY F 396 -6.13 6.22 -56.15
C GLY F 396 -5.26 4.98 -56.25
N LEU F 397 -4.50 4.88 -57.35
CA LEU F 397 -3.63 3.74 -57.59
C LEU F 397 -2.19 3.97 -57.08
N ASP F 398 -1.49 2.87 -56.75
CA ASP F 398 -0.12 2.94 -56.25
C ASP F 398 0.87 3.00 -57.41
N ASN F 399 0.81 4.11 -58.14
CA ASN F 399 1.66 4.41 -59.29
C ASN F 399 1.73 5.93 -59.58
N GLY F 400 0.78 6.70 -59.04
CA GLY F 400 0.64 8.14 -59.21
C GLY F 400 -0.77 8.50 -59.64
N TYR F 401 -1.28 7.79 -60.66
CA TYR F 401 -2.62 8.01 -61.20
C TYR F 401 -3.71 7.39 -60.32
N SER F 402 -4.98 7.79 -60.53
CA SER F 402 -6.12 7.25 -59.80
C SER F 402 -6.96 6.40 -60.75
N ILE F 403 -7.39 5.22 -60.30
CA ILE F 403 -8.18 4.33 -61.15
C ILE F 403 -9.61 4.21 -60.67
N SER F 404 -10.57 4.67 -61.49
CA SER F 404 -12.00 4.59 -61.17
C SER F 404 -12.58 3.29 -61.76
N LYS F 405 -13.45 2.62 -60.99
CA LYS F 405 -14.05 1.36 -61.43
C LYS F 405 -15.59 1.37 -61.38
N PHE F 406 -16.22 0.49 -62.16
CA PHE F 406 -17.67 0.32 -62.21
C PHE F 406 -17.96 -1.16 -62.47
N CYS F 407 -18.65 -1.83 -61.55
CA CYS F 407 -18.92 -3.26 -61.70
C CYS F 407 -20.40 -3.62 -61.80
N ASN F 408 -21.30 -2.71 -61.37
CA ASN F 408 -22.74 -2.96 -61.39
C ASN F 408 -23.34 -2.88 -62.80
N HIS F 409 -22.72 -3.59 -63.75
CA HIS F 409 -23.15 -3.68 -65.14
C HIS F 409 -24.50 -4.39 -65.27
N LYS F 410 -24.78 -5.34 -64.34
CA LYS F 410 -25.99 -6.16 -64.28
C LYS F 410 -26.24 -6.90 -65.59
N HIS F 411 -25.16 -7.26 -66.30
CA HIS F 411 -25.19 -7.91 -67.61
C HIS F 411 -26.07 -7.17 -68.64
N GLN F 412 -26.44 -5.90 -68.35
CA GLN F 412 -27.27 -5.05 -69.21
C GLN F 412 -26.41 -4.49 -70.34
N PRO F 413 -26.82 -4.66 -71.60
CA PRO F 413 -25.98 -4.18 -72.71
C PRO F 413 -26.22 -2.72 -73.10
N GLY F 414 -25.21 -2.10 -73.69
CA GLY F 414 -25.34 -0.72 -74.14
C GLY F 414 -24.15 0.18 -73.87
N GLU F 415 -24.41 1.49 -73.97
CA GLU F 415 -23.43 2.54 -73.80
C GLU F 415 -23.29 3.01 -72.37
N TYR F 416 -22.14 2.73 -71.76
CA TYR F 416 -21.80 3.15 -70.40
C TYR F 416 -20.80 4.30 -70.52
N ILE F 417 -21.26 5.55 -70.33
CA ILE F 417 -20.40 6.72 -70.50
C ILE F 417 -19.89 7.27 -69.17
N PHE F 418 -18.57 7.45 -69.07
CA PHE F 418 -17.89 7.97 -67.89
C PHE F 418 -17.52 9.44 -68.09
N HIS F 419 -18.19 10.36 -67.37
CA HIS F 419 -17.91 11.79 -67.49
C HIS F 419 -17.25 12.29 -66.21
N ALA F 420 -15.98 12.70 -66.31
CA ALA F 420 -15.23 13.21 -65.17
C ALA F 420 -14.73 14.62 -65.46
N GLU F 421 -14.83 15.54 -64.49
CA GLU F 421 -14.37 16.91 -64.70
C GLU F 421 -13.85 17.59 -63.44
N ASN F 422 -12.82 18.43 -63.62
CA ASN F 422 -12.21 19.22 -62.55
C ASN F 422 -12.41 20.72 -62.81
N ASP F 423 -11.91 21.60 -61.91
CA ASP F 423 -12.04 23.05 -61.95
C ASP F 423 -11.75 23.70 -63.30
N ASP F 424 -10.69 23.27 -64.01
CA ASP F 424 -10.35 23.87 -65.29
C ASP F 424 -10.26 22.86 -66.46
N ALA F 425 -10.91 21.69 -66.34
CA ALA F 425 -10.88 20.66 -67.39
C ALA F 425 -12.08 19.69 -67.35
N GLN F 426 -12.40 19.07 -68.49
CA GLN F 426 -13.50 18.10 -68.62
C GLN F 426 -13.05 16.81 -69.36
N PHE F 427 -13.86 15.74 -69.28
CA PHE F 427 -13.55 14.43 -69.91
C PHE F 427 -14.82 13.55 -70.03
N THR F 428 -14.88 12.72 -71.07
CA THR F 428 -15.99 11.80 -71.32
C THR F 428 -15.50 10.60 -72.13
N LYS F 429 -15.75 9.36 -71.64
CA LYS F 429 -15.33 8.14 -72.34
C LYS F 429 -16.54 7.21 -72.56
N MET F 430 -16.78 6.82 -73.82
CA MET F 430 -17.90 5.96 -74.22
C MET F 430 -17.51 4.47 -74.22
N PHE F 431 -18.20 3.65 -73.40
CA PHE F 431 -17.89 2.22 -73.33
C PHE F 431 -19.07 1.37 -73.89
N THR F 432 -18.91 0.82 -75.10
CA THR F 432 -19.93 -0.03 -75.72
C THR F 432 -19.92 -1.43 -75.11
N LEU F 433 -21.09 -2.07 -74.98
CA LEU F 433 -21.16 -3.42 -74.41
C LEU F 433 -22.14 -4.35 -75.17
N ASN F 434 -21.67 -5.54 -75.57
CA ASN F 434 -22.50 -6.49 -76.32
C ASN F 434 -22.48 -7.92 -75.74
N ILE F 435 -23.25 -8.15 -74.67
CA ILE F 435 -23.34 -9.45 -74.02
C ILE F 435 -24.21 -10.47 -74.88
N ARG F 436 -25.55 -10.62 -74.60
CA ARG F 436 -26.53 -11.53 -75.24
C ARG F 436 -26.13 -13.02 -75.09
N ARG F 437 -25.12 -13.48 -75.86
CA ARG F 437 -24.56 -14.83 -75.84
C ARG F 437 -25.55 -15.99 -75.91
N LYS F 438 -26.80 -15.76 -76.36
CA LYS F 438 -27.77 -16.85 -76.48
C LYS F 438 -28.75 -16.69 -77.64
N PRO F 439 -28.78 -17.68 -78.56
CA PRO F 439 -29.69 -17.58 -79.72
C PRO F 439 -31.19 -17.62 -79.40
N GLN F 440 -31.96 -16.74 -80.04
CA GLN F 440 -33.40 -16.70 -79.87
C GLN F 440 -34.05 -17.21 -81.15
N VAL F 441 -34.84 -18.26 -81.02
CA VAL F 441 -35.49 -18.99 -82.10
C VAL F 441 -36.54 -18.17 -82.90
N LEU F 442 -36.99 -18.70 -84.06
CA LEU F 442 -37.98 -18.10 -84.96
C LEU F 442 -39.36 -18.03 -84.28
N ALA F 443 -40.21 -17.06 -84.69
CA ALA F 443 -41.53 -16.93 -84.10
C ALA F 443 -42.63 -16.49 -85.07
N GLU F 444 -42.33 -15.62 -86.04
CA GLU F 444 -43.33 -15.11 -86.96
C GLU F 444 -43.65 -16.03 -88.11
N ALA F 445 -44.95 -16.16 -88.41
CA ALA F 445 -45.51 -16.89 -89.54
C ALA F 445 -46.26 -15.86 -90.38
N SER F 446 -45.74 -15.54 -91.57
CA SER F 446 -46.33 -14.51 -92.41
C SER F 446 -46.65 -14.95 -93.84
N ALA F 447 -47.88 -14.67 -94.30
CA ALA F 447 -48.29 -14.98 -95.67
C ALA F 447 -47.70 -13.95 -96.64
N SER F 448 -47.53 -12.69 -96.20
CA SER F 448 -46.98 -11.59 -96.99
C SER F 448 -45.53 -11.84 -97.35
N GLN F 449 -45.26 -12.05 -98.66
CA GLN F 449 -43.95 -12.31 -99.30
C GLN F 449 -43.35 -13.66 -98.84
N ALA F 450 -43.00 -13.79 -97.55
CA ALA F 450 -42.48 -14.97 -96.87
C ALA F 450 -42.39 -14.73 -95.35
N SER F 451 -42.32 -15.80 -94.54
CA SER F 451 -42.23 -15.68 -93.08
C SER F 451 -40.92 -15.02 -92.62
N CYS F 452 -40.88 -14.52 -91.38
CA CYS F 452 -39.71 -13.83 -90.86
C CYS F 452 -38.87 -14.67 -89.88
N PHE F 453 -37.62 -14.26 -89.63
CA PHE F 453 -36.69 -15.01 -88.78
C PHE F 453 -36.57 -14.45 -87.32
N SER F 454 -35.93 -13.28 -87.09
CA SER F 454 -35.74 -12.67 -85.77
C SER F 454 -34.84 -13.50 -84.81
N ASP F 455 -33.59 -13.03 -84.57
CA ASP F 455 -32.61 -13.70 -83.71
C ASP F 455 -31.92 -12.74 -82.75
N GLY F 456 -31.96 -13.06 -81.47
CA GLY F 456 -31.27 -12.29 -80.44
C GLY F 456 -29.92 -12.85 -80.06
N TYR F 457 -28.90 -12.66 -80.92
CA TYR F 457 -27.50 -13.09 -80.69
C TYR F 457 -26.53 -12.05 -81.33
N PRO F 458 -25.36 -11.73 -80.70
CA PRO F 458 -24.47 -10.73 -81.34
C PRO F 458 -23.79 -11.24 -82.61
N LEU F 459 -24.39 -10.90 -83.75
CA LEU F 459 -24.01 -11.25 -85.11
C LEU F 459 -24.31 -12.72 -85.47
N PRO F 460 -25.59 -13.03 -85.72
CA PRO F 460 -25.94 -14.40 -86.14
C PRO F 460 -25.73 -14.64 -87.64
N SER F 461 -25.74 -15.91 -88.07
CA SER F 461 -25.61 -16.25 -89.48
C SER F 461 -26.64 -17.32 -89.84
N TRP F 462 -27.70 -16.96 -90.56
CA TRP F 462 -28.76 -17.93 -90.86
C TRP F 462 -28.66 -18.56 -92.25
N THR F 463 -29.20 -19.78 -92.37
CA THR F 463 -29.23 -20.58 -93.59
C THR F 463 -30.67 -20.98 -93.90
N TRP F 464 -31.09 -20.83 -95.17
CA TRP F 464 -32.44 -21.19 -95.60
C TRP F 464 -32.41 -22.29 -96.66
N LYS F 466 -34.11 -23.98 -93.34
CA LYS F 466 -33.67 -24.88 -94.40
C LYS F 466 -34.82 -25.69 -95.01
N CYS F 467 -34.60 -26.26 -96.20
CA CYS F 467 -35.60 -27.06 -96.92
C CYS F 467 -35.64 -28.51 -96.44
N SER F 468 -34.50 -29.04 -95.95
CA SER F 468 -34.39 -30.42 -95.47
C SER F 468 -34.92 -30.55 -94.03
N ASP F 469 -36.19 -30.17 -93.84
CA ASP F 469 -36.86 -30.17 -92.54
C ASP F 469 -37.81 -31.37 -92.39
N LYS F 470 -37.51 -32.25 -91.40
CA LYS F 470 -38.25 -33.46 -91.01
C LYS F 470 -38.26 -34.60 -92.05
N SER F 471 -38.55 -34.32 -93.33
CA SER F 471 -38.62 -35.37 -94.34
C SER F 471 -37.37 -35.44 -95.26
N PRO F 472 -36.96 -34.37 -96.01
CA PRO F 472 -35.75 -34.51 -96.85
C PRO F 472 -34.46 -34.57 -96.02
N GLU F 477 -31.08 -28.80 -98.31
CA GLU F 477 -31.05 -27.94 -99.48
C GLU F 477 -30.87 -26.48 -99.10
N ILE F 478 -29.93 -25.78 -99.75
CA ILE F 478 -29.69 -24.36 -99.50
C ILE F 478 -30.39 -23.51 -100.56
N THR F 479 -31.28 -22.59 -100.15
CA THR F 479 -32.00 -21.75 -101.09
C THR F 479 -31.93 -20.26 -100.69
N GLU F 480 -32.14 -19.35 -101.67
CA GLU F 480 -32.05 -17.90 -101.53
C GLU F 480 -33.23 -17.23 -100.80
N GLY F 481 -32.91 -16.25 -99.95
CA GLY F 481 -33.89 -15.48 -99.18
C GLY F 481 -33.54 -14.01 -99.15
N VAL F 482 -34.36 -13.18 -99.82
CA VAL F 482 -34.15 -11.73 -99.95
C VAL F 482 -34.93 -10.89 -98.92
N TRP F 483 -34.23 -10.03 -98.16
CA TRP F 483 -34.90 -9.20 -97.16
C TRP F 483 -34.53 -7.70 -97.22
N ASN F 484 -35.45 -6.85 -96.73
CA ASN F 484 -35.26 -5.40 -96.70
C ASN F 484 -34.50 -5.00 -95.43
N SER F 498 -32.16 -7.72 -82.24
CA SER F 498 -32.59 -8.84 -83.06
C SER F 498 -32.20 -8.66 -84.54
N SER F 499 -32.13 -9.78 -85.29
CA SER F 499 -31.80 -9.75 -86.72
C SER F 499 -32.83 -10.56 -87.50
N THR F 500 -33.83 -9.89 -88.09
CA THR F 500 -34.92 -10.52 -88.82
C THR F 500 -34.52 -10.92 -90.26
N LEU F 501 -35.31 -11.80 -90.91
CA LEU F 501 -35.07 -12.22 -92.29
C LEU F 501 -36.33 -12.64 -93.03
N ASN F 502 -36.65 -11.91 -94.08
CA ASN F 502 -37.71 -12.25 -95.02
C ASN F 502 -37.07 -13.27 -95.99
N MET F 503 -37.84 -14.29 -96.39
CA MET F 503 -37.32 -15.36 -97.26
C MET F 503 -37.91 -15.29 -98.67
N SER F 504 -38.11 -14.08 -99.19
CA SER F 504 -38.70 -13.89 -100.52
C SER F 504 -37.86 -12.96 -101.39
N CYS F 514 -35.39 -21.51 -91.24
CA CYS F 514 -34.10 -20.82 -91.18
C CYS F 514 -33.38 -21.17 -89.88
N CYS F 515 -32.11 -21.61 -89.97
CA CYS F 515 -31.33 -21.98 -88.79
C CYS F 515 -30.16 -21.04 -88.51
N ALA F 516 -29.99 -20.64 -87.25
CA ALA F 516 -28.93 -19.71 -86.85
C ALA F 516 -27.59 -20.41 -86.63
N TYR F 517 -26.50 -19.70 -86.93
CA TYR F 517 -25.14 -20.19 -86.76
C TYR F 517 -24.42 -19.24 -85.81
N ASN F 518 -24.02 -19.76 -84.65
CA ASN F 518 -23.37 -19.02 -83.57
C ASN F 518 -22.18 -19.85 -83.01
N SER F 519 -21.67 -19.49 -81.83
CA SER F 519 -20.59 -20.22 -81.21
C SER F 519 -21.18 -21.17 -80.16
N LEU F 520 -22.16 -20.69 -79.37
CA LEU F 520 -22.82 -21.50 -78.35
C LEU F 520 -24.13 -22.08 -78.89
N THR F 522 -29.14 -23.20 -82.26
CA THR F 522 -30.51 -22.70 -82.36
C THR F 522 -31.41 -23.60 -83.22
N SER F 523 -32.75 -23.45 -83.12
CA SER F 523 -33.66 -24.29 -83.90
C SER F 523 -34.91 -23.55 -84.38
N CYS F 524 -35.54 -24.06 -85.46
CA CYS F 524 -36.76 -23.48 -86.02
C CYS F 524 -37.61 -24.52 -86.78
N GLU F 525 -38.86 -24.19 -87.10
CA GLU F 525 -39.72 -25.08 -87.88
C GLU F 525 -40.19 -24.34 -89.13
N THR F 526 -39.92 -24.91 -90.32
CA THR F 526 -40.27 -24.26 -91.57
C THR F 526 -41.66 -24.70 -92.06
N LEU G 164 -6.65 -38.58 32.98
CA LEU G 164 -6.11 -38.54 31.62
C LEU G 164 -4.63 -38.95 31.60
N LEU G 165 -4.18 -39.56 30.48
CA LEU G 165 -2.79 -40.01 30.33
C LEU G 165 -1.85 -38.84 30.09
N TYR G 166 -1.43 -38.17 31.18
CA TYR G 166 -0.53 -37.02 31.16
C TYR G 166 0.91 -37.37 30.79
N THR G 167 1.55 -36.54 29.96
CA THR G 167 2.92 -36.81 29.51
C THR G 167 3.78 -35.51 29.37
N LEU G 168 5.10 -35.69 29.17
CA LEU G 168 6.07 -34.60 28.96
C LEU G 168 7.28 -35.13 28.17
N ARG G 169 7.07 -35.41 26.88
CA ARG G 169 8.11 -35.92 25.98
C ARG G 169 9.04 -34.80 25.54
N ARG G 170 10.34 -34.98 25.81
CA ARG G 170 11.44 -34.06 25.53
C ARG G 170 11.37 -33.41 24.14
N PRO G 171 11.86 -32.16 23.99
CA PRO G 171 11.75 -31.48 22.69
C PRO G 171 12.54 -32.11 21.54
N TYR G 172 11.99 -32.03 20.32
CA TYR G 172 12.71 -32.46 19.13
C TYR G 172 12.79 -31.29 18.14
N PHE G 173 13.64 -31.40 17.10
CA PHE G 173 13.82 -30.28 16.16
C PHE G 173 13.38 -30.56 14.73
N ARG G 174 12.93 -29.52 14.04
CA ARG G 174 12.50 -29.64 12.65
C ARG G 174 12.76 -28.31 11.97
N LYS G 175 13.49 -28.31 10.85
CA LYS G 175 13.79 -27.08 10.12
C LYS G 175 12.57 -26.59 9.36
N MET G 176 12.16 -25.32 9.58
CA MET G 176 11.00 -24.74 8.92
C MET G 176 11.16 -24.78 7.42
N GLU G 177 10.18 -25.38 6.73
CA GLU G 177 10.19 -25.60 5.29
C GLU G 177 10.28 -24.30 4.49
N ASN G 178 9.74 -23.21 5.03
CA ASN G 178 9.77 -21.94 4.34
C ASN G 178 11.16 -21.28 4.28
N GLN G 179 11.81 -21.09 5.43
CA GLN G 179 13.09 -20.39 5.48
C GLN G 179 14.22 -21.17 6.19
N ASP G 180 15.36 -20.51 6.44
CA ASP G 180 16.51 -21.07 7.14
C ASP G 180 16.40 -20.71 8.63
N ALA G 181 15.58 -21.49 9.35
CA ALA G 181 15.31 -21.34 10.78
C ALA G 181 14.85 -22.68 11.37
N LEU G 182 15.10 -22.91 12.66
CA LEU G 182 14.72 -24.16 13.31
C LEU G 182 13.42 -24.01 14.13
N VAL G 183 12.70 -25.12 14.35
CA VAL G 183 11.42 -25.15 15.08
C VAL G 183 11.44 -26.24 16.15
N CYS G 184 11.03 -25.90 17.38
CA CYS G 184 11.02 -26.81 18.53
C CYS G 184 9.68 -27.53 18.71
N ILE G 185 9.67 -28.85 18.47
CA ILE G 185 8.47 -29.68 18.61
C ILE G 185 8.58 -30.55 19.87
N SER G 186 8.00 -30.08 20.99
CA SER G 186 8.00 -30.82 22.24
C SER G 186 6.58 -31.33 22.49
N GLU G 187 6.41 -32.63 22.70
CA GLU G 187 5.07 -33.21 22.91
C GLU G 187 4.76 -33.35 24.39
N SER G 188 3.50 -33.10 24.81
CA SER G 188 3.10 -33.21 26.21
C SER G 188 1.60 -33.05 26.43
N VAL G 189 1.10 -33.63 27.54
CA VAL G 189 -0.28 -33.53 28.01
C VAL G 189 -0.21 -33.16 29.49
N PRO G 190 -0.47 -31.89 29.91
CA PRO G 190 -0.93 -30.73 29.11
C PRO G 190 0.15 -30.11 28.23
N GLU G 191 -0.27 -29.29 27.23
CA GLU G 191 0.63 -28.61 26.29
C GLU G 191 1.63 -27.75 27.06
N PRO G 192 2.92 -27.80 26.66
CA PRO G 192 3.95 -27.11 27.45
C PRO G 192 4.43 -25.75 26.94
N ILE G 193 5.23 -25.08 27.78
CA ILE G 193 5.90 -23.82 27.47
C ILE G 193 7.14 -24.17 26.67
N VAL G 194 7.22 -23.74 25.40
CA VAL G 194 8.38 -24.03 24.57
C VAL G 194 9.23 -22.77 24.48
N GLU G 195 10.38 -22.77 25.17
CA GLU G 195 11.28 -21.61 25.18
C GLU G 195 12.66 -21.94 24.67
N TRP G 196 13.17 -21.16 23.71
CA TRP G 196 14.52 -21.37 23.16
C TRP G 196 15.52 -20.59 24.02
N VAL G 197 16.62 -21.23 24.48
CA VAL G 197 17.60 -20.54 25.32
C VAL G 197 19.00 -20.60 24.73
N LEU G 198 19.56 -19.43 24.41
CA LEU G 198 20.91 -19.32 23.88
C LEU G 198 21.79 -18.73 24.99
N CYS G 199 22.71 -19.53 25.56
CA CYS G 199 23.55 -19.11 26.67
C CYS G 199 24.54 -17.98 26.34
N ASP G 200 25.34 -18.11 25.28
CA ASP G 200 26.27 -17.05 24.91
C ASP G 200 26.08 -16.63 23.45
N GLU G 204 28.05 -21.06 27.87
CA GLU G 204 29.26 -21.64 27.31
C GLU G 204 29.33 -23.13 27.62
N SER G 205 28.49 -23.95 26.93
CA SER G 205 28.38 -25.41 27.07
C SER G 205 28.16 -25.89 28.51
N CYS G 206 27.62 -25.01 29.36
CA CYS G 206 27.38 -25.28 30.77
C CYS G 206 26.08 -24.59 31.19
N LYS G 207 25.92 -23.30 30.86
CA LYS G 207 24.75 -22.46 31.18
C LYS G 207 24.36 -22.54 32.66
N GLU G 208 25.37 -22.48 33.55
CA GLU G 208 25.22 -22.58 35.00
C GLU G 208 24.20 -21.60 35.61
N GLU G 209 24.37 -20.29 35.35
CA GLU G 209 23.48 -19.29 35.92
C GLU G 209 22.51 -18.69 34.88
N SER G 210 21.82 -17.57 35.20
CA SER G 210 20.86 -16.96 34.28
C SER G 210 21.06 -15.44 33.97
N PRO G 211 22.15 -14.72 34.38
CA PRO G 211 22.25 -13.29 34.01
C PRO G 211 22.80 -13.07 32.60
N ALA G 212 23.81 -13.87 32.20
CA ALA G 212 24.44 -13.84 30.87
C ALA G 212 23.59 -14.59 29.84
N VAL G 213 22.90 -15.65 30.28
CA VAL G 213 22.00 -16.50 29.51
C VAL G 213 20.84 -15.69 28.93
N VAL G 214 20.45 -15.99 27.69
CA VAL G 214 19.34 -15.29 27.05
C VAL G 214 18.21 -16.25 26.68
N LYS G 215 17.02 -15.98 27.22
CA LYS G 215 15.85 -16.79 26.95
C LYS G 215 14.92 -16.07 25.97
N LYS G 216 14.35 -16.83 25.02
CA LYS G 216 13.42 -16.31 24.03
C LYS G 216 12.30 -17.33 23.85
N GLU G 217 11.26 -17.22 24.68
CA GLU G 217 10.11 -18.12 24.64
C GLU G 217 9.21 -17.80 23.47
N GLU G 218 9.50 -18.41 22.32
CA GLU G 218 8.73 -18.23 21.10
C GLU G 218 9.02 -19.41 20.20
N LYS G 219 7.96 -20.00 19.63
CA LYS G 219 8.05 -21.12 18.70
C LYS G 219 8.85 -20.68 17.47
N VAL G 220 9.79 -21.51 17.01
CA VAL G 220 10.66 -21.22 15.87
C VAL G 220 11.72 -20.17 16.22
N LEU G 221 12.96 -20.62 16.22
CA LEU G 221 14.15 -19.82 16.44
C LEU G 221 14.76 -19.50 15.07
N HIS G 222 15.12 -18.23 14.85
CA HIS G 222 15.70 -17.75 13.60
C HIS G 222 17.19 -17.44 13.78
N GLU G 223 17.58 -16.93 14.96
CA GLU G 223 18.98 -16.58 15.26
C GLU G 223 19.74 -17.79 15.81
N LEU G 224 19.99 -18.80 14.94
CA LEU G 224 20.67 -20.05 15.27
C LEU G 224 22.18 -19.94 15.52
N PHE G 225 22.75 -18.75 15.36
CA PHE G 225 24.17 -18.51 15.64
C PHE G 225 24.31 -18.26 17.16
N GLY G 226 25.33 -18.82 17.78
CA GLY G 226 25.54 -18.63 19.22
C GLY G 226 26.17 -19.80 19.90
N MET G 227 26.66 -19.61 21.13
CA MET G 227 27.36 -20.65 21.86
C MET G 227 26.48 -21.85 22.32
N ASP G 228 25.65 -21.73 23.38
CA ASP G 228 24.88 -22.88 23.85
C ASP G 228 23.39 -22.76 23.60
N ILE G 229 22.92 -23.37 22.51
CA ILE G 229 21.51 -23.37 22.14
C ILE G 229 20.82 -24.63 22.63
N ARG G 230 19.76 -24.48 23.40
CA ARG G 230 19.01 -25.60 23.96
C ARG G 230 17.54 -25.20 24.02
N CYS G 231 16.61 -26.10 23.65
CA CYS G 231 15.20 -25.72 23.70
C CYS G 231 14.74 -25.46 25.16
N CYS G 232 14.23 -26.44 25.92
CA CYS G 232 13.91 -26.27 27.35
C CYS G 232 12.43 -25.91 27.66
N ALA G 233 12.13 -25.93 28.98
CA ALA G 233 10.87 -25.66 29.67
C ALA G 233 9.80 -26.73 29.38
N ARG G 234 8.75 -26.81 30.24
CA ARG G 234 7.72 -27.81 30.04
C ARG G 234 6.32 -27.37 30.61
N ASN G 235 5.58 -28.28 31.26
CA ASN G 235 4.22 -28.07 31.74
C ASN G 235 4.16 -28.26 33.28
N GLU G 236 3.02 -28.74 33.82
CA GLU G 236 2.85 -29.02 35.24
C GLU G 236 3.74 -30.19 35.71
N LEU G 237 4.12 -31.11 34.79
CA LEU G 237 4.97 -32.26 35.05
C LEU G 237 6.37 -31.82 35.51
N GLY G 238 6.96 -30.86 34.80
CA GLY G 238 8.28 -30.36 35.15
C GLY G 238 8.91 -29.49 34.10
N ARG G 239 10.09 -29.91 33.61
CA ARG G 239 10.85 -29.18 32.59
C ARG G 239 11.82 -30.15 31.92
N GLU G 240 11.58 -30.50 30.64
CA GLU G 240 12.47 -31.41 29.90
C GLU G 240 13.17 -30.63 28.80
N CYS G 241 14.50 -30.78 28.70
CA CYS G 241 15.28 -30.00 27.74
C CYS G 241 16.09 -30.83 26.79
N THR G 242 16.20 -30.36 25.55
CA THR G 242 17.06 -31.00 24.57
C THR G 242 18.01 -29.95 24.02
N ARG G 243 19.32 -30.16 24.22
CA ARG G 243 20.34 -29.23 23.76
C ARG G 243 20.78 -29.59 22.35
N LEU G 244 20.98 -28.57 21.50
CA LEU G 244 21.41 -28.82 20.14
C LEU G 244 22.90 -29.14 20.13
N PHE G 245 23.24 -30.34 19.63
CA PHE G 245 24.63 -30.81 19.56
C PHE G 245 25.46 -29.93 18.66
N THR G 246 26.52 -29.33 19.21
CA THR G 246 27.36 -28.41 18.47
C THR G 246 28.82 -28.88 18.37
N ILE G 247 29.49 -28.52 17.26
CA ILE G 247 30.89 -28.80 17.02
C ILE G 247 31.54 -27.48 16.61
N ASP G 248 32.26 -26.81 17.52
CA ASP G 248 32.87 -25.52 17.20
C ASP G 248 34.31 -25.70 16.78
N LEU G 249 34.59 -25.58 15.47
CA LEU G 249 35.94 -25.72 14.93
C LEU G 249 36.85 -24.57 15.36
N ASN G 250 36.28 -23.37 15.57
CA ASN G 250 37.07 -22.23 16.02
C ASN G 250 37.54 -22.43 17.48
N GLN G 251 36.73 -23.12 18.31
CA GLN G 251 36.98 -23.36 19.73
C GLN G 251 37.94 -24.50 20.04
N THR G 252 38.46 -24.56 21.29
CA THR G 252 39.36 -25.62 21.76
C THR G 252 38.59 -26.96 21.82
N PRO G 253 39.28 -28.11 21.63
CA PRO G 253 38.56 -29.41 21.67
C PRO G 253 37.99 -29.75 23.05
N GLN G 254 36.68 -30.04 23.10
CA GLN G 254 36.02 -30.33 24.36
C GLN G 254 36.29 -31.78 24.91
N THR G 255 35.51 -32.80 24.47
CA THR G 255 35.66 -34.16 24.99
C THR G 255 36.43 -35.08 24.06
N THR G 256 37.37 -34.52 23.27
CA THR G 256 38.22 -35.19 22.28
C THR G 256 37.33 -35.92 21.23
N LEU G 257 36.78 -37.12 21.52
CA LEU G 257 35.89 -37.79 20.58
C LEU G 257 34.46 -37.94 21.13
N PRO G 258 33.66 -36.84 21.13
CA PRO G 258 32.29 -36.94 21.65
C PRO G 258 31.40 -38.00 21.02
N GLN G 259 30.57 -38.62 21.86
CA GLN G 259 29.63 -39.67 21.45
C GLN G 259 28.19 -39.14 21.58
N LEU G 260 27.40 -39.31 20.52
CA LEU G 260 25.99 -38.86 20.51
C LEU G 260 25.09 -40.08 20.43
N PHE G 261 24.29 -40.33 21.47
CA PHE G 261 23.38 -41.48 21.47
C PHE G 261 21.93 -41.05 21.27
N LEU G 262 21.13 -41.87 20.55
CA LEU G 262 19.71 -41.60 20.30
C LEU G 262 18.96 -42.84 19.79
N LYS G 263 17.70 -43.01 20.23
CA LYS G 263 16.87 -44.14 19.87
C LYS G 263 16.41 -44.09 18.41
N VAL G 264 16.38 -45.26 17.74
CA VAL G 264 15.95 -45.39 16.33
C VAL G 264 14.57 -44.76 16.12
N GLY G 265 14.51 -43.81 15.20
CA GLY G 265 13.29 -43.07 14.87
C GLY G 265 13.40 -41.59 15.23
N GLU G 266 14.24 -41.26 16.22
CA GLU G 266 14.48 -39.89 16.69
C GLU G 266 15.23 -39.06 15.64
N PRO G 267 15.11 -37.70 15.64
CA PRO G 267 15.84 -36.91 14.64
C PRO G 267 17.24 -36.47 15.07
N LEU G 268 18.24 -36.79 14.24
CA LEU G 268 19.64 -36.42 14.53
C LEU G 268 19.90 -34.98 14.14
N TRP G 269 20.57 -34.22 15.01
CA TRP G 269 20.88 -32.82 14.73
C TRP G 269 22.28 -32.48 15.20
N ILE G 270 23.17 -32.12 14.27
CA ILE G 270 24.55 -31.76 14.59
C ILE G 270 24.92 -30.46 13.89
N ARG G 271 25.09 -29.38 14.64
CA ARG G 271 25.43 -28.09 14.07
C ARG G 271 26.91 -27.85 14.11
N CYS G 272 27.50 -27.50 12.98
CA CYS G 272 28.93 -27.25 12.93
C CYS G 272 29.18 -25.79 12.75
N LYS G 273 29.76 -25.13 13.77
CA LYS G 273 30.06 -23.69 13.71
C LYS G 273 31.55 -23.39 13.61
N ALA G 274 31.91 -22.45 12.76
CA ALA G 274 33.29 -22.05 12.59
C ALA G 274 33.38 -20.55 12.34
N VAL G 275 34.34 -19.89 12.96
CA VAL G 275 34.49 -18.45 12.80
C VAL G 275 35.80 -18.15 12.14
N HIS G 276 35.77 -17.37 11.06
CA HIS G 276 37.01 -16.99 10.36
C HIS G 276 37.05 -15.49 10.12
N VAL G 277 38.27 -14.92 9.96
CA VAL G 277 38.49 -13.49 9.73
C VAL G 277 37.81 -13.01 8.46
N ASN G 278 38.14 -13.59 7.31
CA ASN G 278 37.45 -13.22 6.08
C ASN G 278 36.37 -14.27 5.74
N HIS G 279 35.51 -13.98 4.77
CA HIS G 279 34.47 -14.93 4.36
C HIS G 279 35.02 -16.10 3.53
N GLY G 280 36.28 -16.02 3.10
CA GLY G 280 36.92 -17.03 2.28
C GLY G 280 37.25 -18.29 3.05
N PHE G 281 36.24 -19.17 3.18
CA PHE G 281 36.31 -20.45 3.85
C PHE G 281 34.99 -21.18 3.72
N GLY G 282 35.07 -22.49 3.61
CA GLY G 282 33.89 -23.33 3.51
C GLY G 282 33.84 -24.35 4.62
N LEU G 283 32.71 -25.03 4.74
CA LEU G 283 32.53 -26.08 5.75
C LEU G 283 31.94 -27.31 5.07
N THR G 284 32.35 -28.50 5.52
CA THR G 284 31.87 -29.73 4.91
C THR G 284 31.67 -30.82 5.95
N TRP G 285 30.60 -31.60 5.77
CA TRP G 285 30.31 -32.74 6.63
C TRP G 285 30.74 -34.02 5.91
N GLU G 286 31.19 -35.02 6.66
CA GLU G 286 31.57 -36.30 6.07
C GLU G 286 31.29 -37.45 7.03
N LEU G 287 30.71 -38.53 6.51
CA LEU G 287 30.43 -39.71 7.30
C LEU G 287 31.56 -40.67 6.98
N GLU G 288 32.65 -40.59 7.77
CA GLU G 288 33.85 -41.42 7.67
C GLU G 288 34.41 -41.49 6.24
N ASN G 289 35.00 -40.39 5.76
CA ASN G 289 35.60 -40.25 4.41
C ASN G 289 34.59 -40.44 3.26
N LYS G 290 33.31 -40.12 3.47
CA LYS G 290 32.28 -40.23 2.43
C LYS G 290 31.30 -39.04 2.51
N ALA G 291 30.92 -38.49 1.35
CA ALA G 291 30.03 -37.32 1.23
C ALA G 291 28.64 -37.48 1.87
N LEU G 292 27.97 -36.36 2.20
CA LEU G 292 26.65 -36.41 2.82
C LEU G 292 25.51 -36.13 1.82
N GLU G 293 24.31 -36.70 2.09
CA GLU G 293 23.12 -36.55 1.24
C GLU G 293 22.64 -35.10 1.19
N GLU G 294 22.10 -34.68 0.03
CA GLU G 294 21.62 -33.31 -0.22
C GLU G 294 20.53 -32.86 0.74
N GLY G 295 19.64 -33.77 1.10
CA GLY G 295 18.56 -33.49 2.05
C GLY G 295 18.91 -33.82 3.49
N ASN G 296 20.21 -33.80 3.80
CA ASN G 296 20.72 -34.07 5.13
C ASN G 296 21.67 -32.96 5.63
N TYR G 297 21.74 -31.80 4.92
CA TYR G 297 22.53 -30.66 5.33
C TYR G 297 21.96 -29.31 4.88
N PHE G 298 22.34 -28.22 5.56
CA PHE G 298 21.97 -26.84 5.20
C PHE G 298 22.89 -25.80 5.87
N GLU G 299 23.45 -24.88 5.07
CA GLU G 299 24.40 -23.91 5.60
C GLU G 299 23.94 -22.47 5.59
N MET G 300 24.21 -21.80 6.72
CA MET G 300 23.89 -20.40 6.96
C MET G 300 25.17 -19.60 7.26
N SER G 301 25.12 -18.27 7.11
CA SER G 301 26.30 -17.44 7.37
C SER G 301 25.92 -16.04 7.82
N THR G 302 26.72 -15.41 8.68
CA THR G 302 26.48 -14.04 9.14
C THR G 302 27.81 -13.34 9.49
N TYR G 303 27.78 -12.02 9.63
CA TYR G 303 28.97 -11.25 9.94
C TYR G 303 29.10 -10.90 11.42
N SER G 304 30.34 -10.83 11.92
CA SER G 304 30.70 -10.53 13.31
C SER G 304 31.77 -9.43 13.40
N THR G 305 31.89 -8.82 14.59
CA THR G 305 32.84 -7.78 15.03
C THR G 305 33.49 -6.99 13.82
N ASN G 306 34.83 -7.07 13.58
CA ASN G 306 35.52 -6.37 12.51
C ASN G 306 35.59 -7.27 11.27
N ARG G 307 34.52 -7.22 10.44
CA ARG G 307 34.32 -7.94 9.18
C ARG G 307 34.55 -9.46 9.27
N THR G 308 34.29 -10.05 10.44
CA THR G 308 34.42 -11.48 10.70
C THR G 308 33.24 -12.22 10.08
N MET G 309 33.37 -13.52 9.82
CA MET G 309 32.28 -14.31 9.26
C MET G 309 32.10 -15.62 10.03
N ILE G 310 30.89 -15.87 10.49
CA ILE G 310 30.58 -17.12 11.19
C ILE G 310 29.77 -17.99 10.22
N ARG G 311 30.03 -19.30 10.20
CA ARG G 311 29.29 -20.20 9.32
C ARG G 311 28.79 -21.42 10.04
N ILE G 312 27.54 -21.80 9.79
CA ILE G 312 26.97 -23.00 10.41
C ILE G 312 26.46 -23.97 9.36
N LEU G 313 27.01 -25.17 9.36
CA LEU G 313 26.61 -26.21 8.42
C LEU G 313 26.01 -27.37 9.20
N PHE G 314 24.71 -27.32 9.47
CA PHE G 314 24.03 -28.38 10.22
C PHE G 314 23.90 -29.63 9.39
N ALA G 315 23.91 -30.79 10.05
CA ALA G 315 23.59 -32.08 9.44
C ALA G 315 22.38 -32.64 10.19
N PHE G 316 21.40 -33.17 9.46
CA PHE G 316 20.17 -33.65 10.08
C PHE G 316 19.60 -34.93 9.47
N VAL G 317 19.00 -35.77 10.32
CA VAL G 317 18.33 -37.00 9.92
C VAL G 317 16.89 -36.89 10.40
N SER G 318 15.93 -37.09 9.50
CA SER G 318 14.50 -36.99 9.83
C SER G 318 14.12 -38.02 10.92
N SER G 319 14.40 -39.30 10.66
CA SER G 319 14.17 -40.41 11.57
C SER G 319 15.38 -41.33 11.46
N VAL G 320 16.18 -41.49 12.56
CA VAL G 320 17.38 -42.32 12.54
C VAL G 320 17.06 -43.82 12.48
N ALA G 321 18.07 -44.64 12.12
CA ALA G 321 18.01 -46.10 12.01
C ALA G 321 19.46 -46.66 12.22
N ARG G 322 19.67 -48.00 12.19
CA ARG G 322 21.02 -48.56 12.34
C ARG G 322 21.94 -48.06 11.19
N ASN G 323 21.36 -47.88 9.98
CA ASN G 323 21.99 -47.38 8.76
C ASN G 323 22.77 -46.06 9.00
N ASP G 324 22.17 -45.14 9.78
CA ASP G 324 22.70 -43.80 10.06
C ASP G 324 23.75 -43.74 11.19
N THR G 325 23.97 -44.84 11.92
CA THR G 325 24.96 -44.85 13.01
C THR G 325 26.37 -44.82 12.42
N GLY G 326 27.27 -44.03 13.02
CA GLY G 326 28.64 -43.91 12.52
C GLY G 326 29.40 -42.66 12.92
N TYR G 327 30.67 -42.57 12.48
CA TYR G 327 31.56 -41.45 12.78
C TYR G 327 31.39 -40.27 11.81
N TYR G 328 30.86 -39.13 12.32
CA TYR G 328 30.66 -37.92 11.53
C TYR G 328 31.75 -36.90 11.79
N THR G 329 32.23 -36.21 10.76
CA THR G 329 33.32 -35.25 10.92
C THR G 329 33.06 -33.98 10.14
N CYS G 330 33.42 -32.84 10.73
CA CYS G 330 33.27 -31.54 10.09
C CYS G 330 34.64 -30.92 9.80
N SER G 331 34.90 -30.55 8.55
CA SER G 331 36.18 -29.94 8.16
C SER G 331 35.95 -28.62 7.49
N SER G 332 36.82 -27.65 7.75
CA SER G 332 36.69 -26.33 7.16
C SER G 332 37.88 -25.93 6.32
N SER G 333 37.64 -25.16 5.24
CA SER G 333 38.66 -24.68 4.32
C SER G 333 39.40 -23.45 4.89
N LYS G 334 39.80 -23.55 6.16
CA LYS G 334 40.55 -22.61 6.99
C LYS G 334 40.48 -23.00 8.48
N HIS G 335 40.16 -24.27 8.80
CA HIS G 335 40.03 -24.75 10.19
C HIS G 335 40.38 -26.25 10.33
N PRO G 336 40.73 -26.72 11.55
CA PRO G 336 41.03 -28.14 11.72
C PRO G 336 39.78 -29.03 11.85
N SER G 337 39.76 -30.14 11.14
CA SER G 337 38.63 -31.08 11.13
C SER G 337 38.36 -31.75 12.49
N GLN G 338 37.22 -31.42 13.13
CA GLN G 338 36.84 -32.05 14.40
C GLN G 338 35.71 -33.08 14.16
N SER G 339 35.70 -34.19 14.92
CA SER G 339 34.71 -35.24 14.71
C SER G 339 33.91 -35.67 15.94
N ALA G 340 32.84 -36.48 15.74
CA ALA G 340 31.96 -37.02 16.77
C ALA G 340 31.25 -38.27 16.25
N LEU G 341 31.12 -39.33 17.08
CA LEU G 341 30.48 -40.56 16.64
C LEU G 341 29.04 -40.65 17.10
N VAL G 342 28.17 -41.14 16.22
CA VAL G 342 26.75 -41.32 16.46
C VAL G 342 26.41 -42.78 16.73
N ILE G 343 25.86 -43.04 17.91
CA ILE G 343 25.47 -44.37 18.35
C ILE G 343 23.95 -44.44 18.42
N ILE G 344 23.36 -45.29 17.60
CA ILE G 344 21.93 -45.48 17.58
C ILE G 344 21.58 -46.60 18.54
N VAL G 345 20.52 -46.42 19.34
CA VAL G 345 20.13 -47.43 20.32
C VAL G 345 18.71 -47.94 20.11
N GLU G 346 18.51 -49.24 20.33
CA GLU G 346 17.19 -49.85 20.24
C GLU G 346 16.74 -49.98 21.68
N LYS G 347 16.04 -48.95 22.19
CA LYS G 347 15.54 -48.83 23.56
C LYS G 347 16.58 -48.22 24.50
N GLY G 348 16.07 -47.57 25.55
CA GLY G 348 16.85 -46.90 26.58
C GLY G 348 17.83 -47.80 27.29
N PHE G 349 18.96 -47.22 27.73
CA PHE G 349 19.99 -48.00 28.41
C PHE G 349 20.65 -47.25 29.57
N ILE G 350 21.17 -48.01 30.54
CA ILE G 350 21.90 -47.51 31.69
C ILE G 350 23.13 -48.40 31.84
N ASN G 351 24.32 -47.88 31.53
CA ASN G 351 25.55 -48.66 31.70
C ASN G 351 26.35 -48.09 32.86
N ALA G 352 26.47 -48.86 33.94
CA ALA G 352 27.18 -48.46 35.14
C ALA G 352 27.82 -49.70 35.74
N THR G 353 29.06 -49.57 36.19
CA THR G 353 29.83 -50.68 36.79
C THR G 353 29.15 -51.26 38.07
N ASN G 354 28.14 -52.12 37.87
CA ASN G 354 27.33 -52.72 38.92
C ASN G 354 28.06 -53.83 39.63
N SER G 355 28.34 -53.61 40.92
CA SER G 355 29.03 -54.55 41.79
C SER G 355 28.68 -54.28 43.25
N SER G 356 28.70 -55.32 44.08
CA SER G 356 28.41 -55.19 45.51
C SER G 356 29.54 -54.43 46.19
N GLU G 357 29.38 -53.11 46.40
CA GLU G 357 30.44 -52.32 47.03
C GLU G 357 30.20 -52.00 48.50
N ASP G 358 31.17 -52.41 49.33
CA ASP G 358 31.14 -52.18 50.76
C ASP G 358 32.17 -51.12 51.12
N TYR G 359 31.81 -50.24 52.05
CA TYR G 359 32.66 -49.15 52.51
C TYR G 359 32.66 -49.05 54.02
N GLU G 360 33.69 -48.42 54.59
CA GLU G 360 33.79 -48.24 56.03
C GLU G 360 34.57 -46.96 56.35
N ILE G 361 33.88 -45.97 56.92
CA ILE G 361 34.48 -44.71 57.31
C ILE G 361 35.03 -44.82 58.74
N ASP G 362 35.87 -43.87 59.15
CA ASP G 362 36.45 -43.90 60.49
C ASP G 362 35.43 -43.43 61.57
N GLN G 363 35.32 -42.12 61.85
CA GLN G 363 34.36 -41.61 62.85
C GLN G 363 33.95 -40.16 62.60
N TYR G 364 34.74 -39.40 61.81
CA TYR G 364 34.49 -37.99 61.51
C TYR G 364 34.95 -37.59 60.10
N GLU G 365 35.73 -38.45 59.42
CA GLU G 365 36.26 -38.23 58.08
C GLU G 365 35.16 -37.92 57.03
N GLU G 366 35.51 -37.17 55.97
CA GLU G 366 34.58 -36.81 54.90
C GLU G 366 34.60 -37.88 53.80
N PHE G 367 33.52 -38.65 53.69
CA PHE G 367 33.41 -39.69 52.69
C PHE G 367 32.17 -39.48 51.84
N CYS G 368 32.29 -39.75 50.53
N CYS G 368 32.29 -39.78 50.54
CA CYS G 368 31.20 -39.57 49.59
CA CYS G 368 31.18 -39.62 49.63
C CYS G 368 31.00 -40.80 48.73
C CYS G 368 31.01 -40.85 48.79
N PHE G 369 29.76 -41.27 48.60
CA PHE G 369 29.46 -42.42 47.76
C PHE G 369 29.38 -41.92 46.31
N SER G 370 29.94 -42.67 45.37
CA SER G 370 29.92 -42.27 43.96
C SER G 370 29.42 -43.37 43.03
N VAL G 371 28.91 -42.98 41.85
CA VAL G 371 28.41 -43.87 40.79
C VAL G 371 28.60 -43.23 39.42
N ARG G 372 29.50 -43.79 38.60
CA ARG G 372 29.74 -43.29 37.26
C ARG G 372 28.88 -44.10 36.28
N PHE G 373 28.16 -43.41 35.38
CA PHE G 373 27.27 -44.10 34.46
C PHE G 373 27.12 -43.40 33.13
N LYS G 374 27.03 -44.15 32.05
CA LYS G 374 26.76 -43.61 30.73
C LYS G 374 25.36 -44.14 30.42
N ALA G 375 24.35 -43.26 30.46
CA ALA G 375 22.96 -43.67 30.28
C ALA G 375 22.14 -42.71 29.43
N TYR G 376 21.19 -43.25 28.64
CA TYR G 376 20.31 -42.45 27.78
C TYR G 376 18.92 -43.10 27.68
N PRO G 377 17.82 -42.33 27.82
CA PRO G 377 17.75 -40.89 28.10
C PRO G 377 18.09 -40.54 29.56
N GLN G 378 18.15 -39.23 29.89
CA GLN G 378 18.44 -38.71 31.25
C GLN G 378 17.66 -39.48 32.32
N ILE G 379 18.37 -40.16 33.22
CA ILE G 379 17.75 -41.01 34.22
C ILE G 379 17.21 -40.28 35.45
N ARG G 380 16.16 -40.85 36.05
CA ARG G 380 15.57 -40.35 37.29
C ARG G 380 16.25 -41.15 38.38
N CYS G 381 17.01 -40.48 39.25
CA CYS G 381 17.77 -41.17 40.29
C CYS G 381 17.22 -40.93 41.69
N THR G 382 17.47 -41.90 42.59
CA THR G 382 17.03 -41.82 43.98
C THR G 382 17.98 -42.61 44.91
N TRP G 383 18.50 -41.96 45.95
CA TRP G 383 19.37 -42.59 46.94
C TRP G 383 18.52 -42.92 48.18
N THR G 384 18.12 -44.19 48.36
CA THR G 384 17.28 -44.60 49.49
C THR G 384 18.05 -45.40 50.54
N PHE G 385 17.70 -45.20 51.83
CA PHE G 385 18.34 -45.90 52.94
C PHE G 385 17.38 -46.06 54.11
N SER G 386 17.15 -47.32 54.50
CA SER G 386 16.27 -47.81 55.58
C SER G 386 14.77 -47.68 55.22
N ARG G 387 14.40 -46.51 54.75
CA ARG G 387 13.08 -46.07 54.32
C ARG G 387 13.22 -44.63 53.76
N LYS G 388 14.11 -43.81 54.37
CA LYS G 388 14.38 -42.43 53.98
C LYS G 388 15.06 -42.35 52.61
N SER G 389 14.33 -41.84 51.62
CA SER G 389 14.85 -41.69 50.27
C SER G 389 15.11 -40.22 49.96
N PHE G 390 16.33 -39.90 49.49
CA PHE G 390 16.73 -38.54 49.14
C PHE G 390 17.14 -38.51 47.65
N PRO G 391 16.78 -37.45 46.90
CA PRO G 391 17.17 -37.40 45.48
C PRO G 391 18.66 -37.12 45.27
N CYS G 392 19.12 -37.07 44.00
CA CYS G 392 20.55 -36.90 43.73
C CYS G 392 20.88 -35.81 42.74
N GLU G 393 22.11 -35.30 42.85
CA GLU G 393 22.66 -34.32 41.94
C GLU G 393 23.35 -35.11 40.84
N GLN G 394 22.56 -35.56 39.85
CA GLN G 394 23.02 -36.38 38.72
C GLN G 394 23.83 -35.56 37.70
N LYS G 395 24.97 -34.99 38.15
CA LYS G 395 25.87 -34.16 37.35
C LYS G 395 26.69 -34.97 36.34
N GLY G 396 27.10 -34.32 35.25
CA GLY G 396 27.87 -34.96 34.20
C GLY G 396 29.36 -34.75 34.32
N ASP G 398 35.33 -34.25 28.95
CA ASP G 398 35.40 -34.52 30.38
C ASP G 398 34.74 -35.86 30.72
N ASN G 399 35.49 -36.96 30.49
CA ASN G 399 35.14 -38.35 30.75
C ASN G 399 34.07 -38.94 29.82
N GLY G 400 32.94 -38.24 29.67
CA GLY G 400 31.84 -38.69 28.81
C GLY G 400 30.61 -39.12 29.60
N TYR G 401 30.83 -39.96 30.61
CA TYR G 401 29.77 -40.46 31.50
C TYR G 401 29.37 -39.39 32.54
N SER G 402 28.26 -39.63 33.26
CA SER G 402 27.78 -38.73 34.31
C SER G 402 28.01 -39.39 35.67
N ILE G 403 28.53 -38.63 36.64
CA ILE G 403 28.82 -39.19 37.96
C ILE G 403 27.90 -38.62 39.02
N SER G 404 27.08 -39.48 39.65
CA SER G 404 26.16 -39.08 40.71
C SER G 404 26.85 -39.26 42.07
N LYS G 405 26.66 -38.31 42.99
CA LYS G 405 27.30 -38.37 44.31
C LYS G 405 26.28 -38.26 45.46
N PHE G 406 26.67 -38.75 46.66
CA PHE G 406 25.87 -38.69 47.89
C PHE G 406 26.82 -38.56 49.07
N CYS G 407 26.74 -37.45 49.81
CA CYS G 407 27.64 -37.22 50.94
C CYS G 407 26.95 -37.09 52.29
N ASN G 408 25.62 -36.87 52.31
CA ASN G 408 24.87 -36.71 53.56
C ASN G 408 24.63 -38.06 54.27
N HIS G 409 25.70 -38.85 54.45
CA HIS G 409 25.71 -40.14 55.12
C HIS G 409 25.37 -40.02 56.60
N LYS G 410 25.71 -38.85 57.20
CA LYS G 410 25.52 -38.53 58.62
C LYS G 410 26.17 -39.55 59.53
N HIS G 411 27.27 -40.19 59.06
CA HIS G 411 28.00 -41.24 59.75
C HIS G 411 27.08 -42.41 60.20
N GLN G 412 25.85 -42.48 59.64
CA GLN G 412 24.85 -43.51 59.94
C GLN G 412 25.22 -44.77 59.18
N PRO G 413 25.33 -45.94 59.85
CA PRO G 413 25.74 -47.15 59.13
C PRO G 413 24.60 -47.93 58.49
N GLU G 415 22.88 -50.01 54.70
CA GLU G 415 22.65 -50.21 53.28
C GLU G 415 22.09 -48.97 52.59
N TYR G 416 22.92 -48.34 51.75
CA TYR G 416 22.56 -47.16 50.96
C TYR G 416 22.37 -47.63 49.51
N ILE G 417 21.11 -47.76 49.08
CA ILE G 417 20.82 -48.25 47.75
C ILE G 417 20.49 -47.12 46.77
N PHE G 418 21.17 -47.13 45.61
CA PHE G 418 21.00 -46.15 44.54
C PHE G 418 20.17 -46.74 43.41
N HIS G 419 18.93 -46.26 43.24
CA HIS G 419 18.04 -46.73 42.19
C HIS G 419 17.85 -45.67 41.12
N ALA G 420 18.35 -45.93 39.92
CA ALA G 420 18.24 -44.99 38.81
C ALA G 420 17.54 -45.65 37.63
N GLU G 421 16.61 -44.94 36.98
CA GLU G 421 15.86 -45.53 35.86
C GLU G 421 15.40 -44.51 34.83
N ASN G 422 15.39 -44.92 33.56
CA ASN G 422 14.88 -44.13 32.44
C ASN G 422 13.63 -44.83 31.82
N ASP G 423 13.02 -44.22 30.78
CA ASP G 423 11.81 -44.72 30.12
C ASP G 423 11.82 -46.21 29.74
N ASP G 424 12.95 -46.72 29.24
CA ASP G 424 13.04 -48.12 28.84
C ASP G 424 14.16 -48.92 29.51
N ALA G 425 14.63 -48.48 30.69
CA ALA G 425 15.69 -49.18 31.44
C ALA G 425 15.67 -48.87 32.95
N GLN G 426 16.15 -49.82 33.77
CA GLN G 426 16.22 -49.67 35.23
C GLN G 426 17.62 -50.06 35.78
N PHE G 427 17.92 -49.67 37.04
CA PHE G 427 19.20 -49.94 37.70
C PHE G 427 19.09 -49.78 39.23
N THR G 428 19.86 -50.57 39.99
CA THR G 428 19.91 -50.52 41.45
C THR G 428 21.28 -51.02 41.95
N LYS G 429 21.97 -50.22 42.79
CA LYS G 429 23.28 -50.60 43.34
C LYS G 429 23.28 -50.52 44.88
N MET G 430 23.65 -51.62 45.55
CA MET G 430 23.67 -51.74 47.01
C MET G 430 25.03 -51.35 47.62
N PHE G 431 25.06 -50.33 48.48
CA PHE G 431 26.30 -49.88 49.11
C PHE G 431 26.31 -50.11 50.64
N THR G 432 27.12 -51.06 51.13
CA THR G 432 27.23 -51.31 52.56
C THR G 432 28.12 -50.26 53.23
N LEU G 433 27.83 -49.85 54.48
CA LEU G 433 28.63 -48.82 55.17
C LEU G 433 28.90 -49.12 56.64
N ASN G 434 30.14 -48.87 57.12
CA ASN G 434 30.51 -49.11 58.51
C ASN G 434 31.27 -47.91 59.14
N ILE G 435 31.44 -47.93 60.47
CA ILE G 435 32.12 -46.87 61.20
C ILE G 435 33.16 -47.46 62.15
N ARG G 436 34.39 -47.65 61.67
CA ARG G 436 35.47 -48.23 62.47
C ARG G 436 35.86 -47.29 63.59
N ARG G 437 35.33 -47.54 64.78
CA ARG G 437 35.61 -46.72 65.95
C ARG G 437 36.53 -47.43 66.95
N LYS G 438 37.20 -46.66 67.82
CA LYS G 438 38.05 -47.19 68.87
C LYS G 438 37.15 -47.92 69.88
N PRO G 439 37.58 -49.07 70.41
CA PRO G 439 36.70 -49.85 71.29
C PRO G 439 36.30 -49.19 72.59
N GLN G 440 35.04 -49.41 72.98
CA GLN G 440 34.58 -48.94 74.26
C GLN G 440 34.47 -50.17 75.14
N VAL G 441 35.23 -50.15 76.24
CA VAL G 441 35.32 -51.23 77.21
C VAL G 441 34.68 -50.92 78.55
N LEU G 442 33.97 -49.79 78.67
CA LEU G 442 33.36 -49.37 79.92
C LEU G 442 32.24 -50.28 80.42
N ALA G 443 31.75 -51.21 79.58
CA ALA G 443 30.71 -52.13 79.97
C ALA G 443 31.26 -53.36 80.71
N GLU G 444 31.67 -53.15 81.97
CA GLU G 444 32.15 -54.21 82.85
C GLU G 444 30.97 -54.78 83.62
N ALA G 445 30.90 -56.11 83.77
CA ALA G 445 29.85 -56.77 84.54
C ALA G 445 30.28 -58.16 84.98
N SER G 446 29.85 -58.59 86.19
CA SER G 446 30.20 -59.91 86.72
C SER G 446 29.17 -60.53 87.66
N ALA G 447 28.57 -61.63 87.24
CA ALA G 447 27.69 -62.42 88.09
C ALA G 447 28.60 -63.27 89.00
N SER G 448 28.06 -63.85 90.08
CA SER G 448 28.85 -64.70 90.97
C SER G 448 29.34 -65.95 90.22
N GLN G 449 30.65 -66.27 90.36
CA GLN G 449 31.35 -67.39 89.73
C GLN G 449 31.49 -67.29 88.21
N ALA G 450 31.17 -66.13 87.61
CA ALA G 450 31.30 -65.88 86.18
C ALA G 450 31.43 -64.38 85.92
N SER G 451 32.42 -63.96 85.14
CA SER G 451 32.66 -62.53 84.88
C SER G 451 33.02 -62.29 83.43
N CYS G 452 32.59 -61.14 82.86
CA CYS G 452 32.88 -60.80 81.46
C CYS G 452 32.77 -59.28 81.19
N PHE G 453 33.29 -58.82 80.02
CA PHE G 453 33.23 -57.41 79.59
C PHE G 453 32.59 -57.33 78.19
N SER G 454 31.93 -56.21 77.88
CA SER G 454 31.32 -56.00 76.58
C SER G 454 32.12 -54.96 75.77
N ASP G 455 32.59 -55.33 74.56
CA ASP G 455 33.40 -54.44 73.72
C ASP G 455 32.71 -53.97 72.43
N GLY G 456 32.56 -52.65 72.31
CA GLY G 456 31.98 -52.05 71.12
C GLY G 456 33.01 -51.50 70.16
N TYR G 457 33.44 -52.33 69.17
CA TYR G 457 34.41 -51.98 68.12
C TYR G 457 34.31 -52.89 66.88
N PRO G 458 34.59 -52.40 65.65
CA PRO G 458 34.52 -53.30 64.47
C PRO G 458 35.55 -54.43 64.47
N LEU G 459 36.66 -54.25 65.18
CA LEU G 459 37.74 -55.24 65.26
C LEU G 459 38.12 -55.57 66.73
N PRO G 460 37.31 -56.36 67.48
CA PRO G 460 37.70 -56.67 68.87
C PRO G 460 38.65 -57.86 69.00
N SER G 461 39.57 -57.82 69.99
CA SER G 461 40.49 -58.91 70.33
C SER G 461 40.87 -58.79 71.81
N TRP G 462 40.48 -59.77 72.62
CA TRP G 462 40.65 -59.74 74.07
C TRP G 462 42.01 -60.17 74.67
N THR G 463 42.28 -59.68 75.90
CA THR G 463 43.39 -60.04 76.79
C THR G 463 42.82 -60.09 78.22
N TRP G 464 43.11 -61.16 78.98
CA TRP G 464 42.60 -61.33 80.34
C TRP G 464 43.67 -61.19 81.44
N ASN G 473 52.10 -59.57 90.88
CA ASN G 473 51.55 -58.22 90.96
C ASN G 473 50.23 -58.06 90.16
N CYS G 474 49.56 -56.93 90.31
CA CYS G 474 48.28 -56.62 89.68
C CYS G 474 48.40 -56.13 88.23
N THR G 475 47.57 -56.70 87.34
CA THR G 475 47.43 -56.37 85.91
C THR G 475 48.77 -56.35 85.14
N GLU G 476 49.64 -57.32 85.41
CA GLU G 476 50.93 -57.43 84.71
C GLU G 476 51.06 -58.74 83.92
N GLU G 477 50.29 -59.78 84.29
CA GLU G 477 50.34 -61.10 83.67
C GLU G 477 49.03 -61.46 82.95
N ILE G 478 49.14 -62.23 81.85
CA ILE G 478 47.97 -62.65 81.06
C ILE G 478 47.49 -64.03 81.49
N THR G 479 46.22 -64.13 81.88
CA THR G 479 45.65 -65.40 82.31
C THR G 479 44.87 -66.07 81.18
N GLU G 480 45.23 -67.32 80.84
CA GLU G 480 44.53 -68.08 79.80
C GLU G 480 43.68 -69.17 80.45
N GLY G 481 42.68 -68.74 81.20
CA GLY G 481 41.80 -69.63 81.94
C GLY G 481 40.53 -70.03 81.22
N VAL G 482 39.42 -69.34 81.52
CA VAL G 482 38.10 -69.66 80.96
C VAL G 482 37.72 -68.72 79.81
N TRP G 483 37.14 -69.26 78.73
CA TRP G 483 36.77 -68.48 77.55
C TRP G 483 35.33 -68.81 77.09
N ASN G 484 34.71 -67.91 76.31
CA ASN G 484 33.34 -68.07 75.78
C ASN G 484 33.08 -66.96 74.74
N ARG G 485 34.06 -66.71 73.86
CA ARG G 485 34.04 -65.69 72.82
C ARG G 485 32.83 -65.74 71.87
N LYS G 486 32.52 -64.61 71.22
CA LYS G 486 31.39 -64.55 70.29
C LYS G 486 31.83 -64.71 68.83
N ALA G 487 31.47 -65.84 68.23
CA ALA G 487 31.77 -66.17 66.84
C ALA G 487 30.75 -65.48 65.86
N ASN G 488 30.88 -65.65 64.51
CA ASN G 488 29.97 -65.05 63.52
C ASN G 488 28.55 -65.65 63.58
N ARG G 489 27.74 -65.15 64.52
CA ARG G 489 26.35 -65.55 64.73
C ARG G 489 25.41 -64.40 64.34
N LYS G 490 25.74 -63.68 63.25
CA LYS G 490 24.99 -62.53 62.75
C LYS G 490 25.29 -62.37 61.26
N VAL G 491 24.77 -63.28 60.43
CA VAL G 491 24.96 -63.26 58.99
C VAL G 491 23.95 -62.31 58.33
N PHE G 492 24.41 -61.43 57.41
CA PHE G 492 23.63 -60.41 56.69
C PHE G 492 23.23 -59.20 57.58
N GLY G 493 23.26 -59.39 58.90
CA GLY G 493 22.95 -58.35 59.87
C GLY G 493 24.18 -57.86 60.61
N GLN G 494 25.35 -57.95 59.98
CA GLN G 494 26.63 -57.52 60.55
C GLN G 494 26.82 -56.01 60.39
N TRP G 495 26.35 -55.22 61.37
CA TRP G 495 26.44 -53.77 61.33
C TRP G 495 27.04 -53.25 62.64
N VAL G 496 26.34 -53.44 63.78
CA VAL G 496 26.80 -53.01 65.10
C VAL G 496 26.59 -54.15 66.10
N SER G 497 27.66 -54.60 66.76
CA SER G 497 27.57 -55.67 67.76
C SER G 497 28.69 -55.58 68.80
N SER G 498 28.40 -56.01 70.03
CA SER G 498 29.38 -56.03 71.10
C SER G 498 29.99 -57.45 71.22
N SER G 499 31.12 -57.58 71.94
CA SER G 499 31.76 -58.87 72.12
C SER G 499 31.92 -59.23 73.60
N ASN G 502 32.20 -61.90 76.36
CA ASN G 502 33.27 -62.90 76.40
C ASN G 502 33.67 -63.19 77.85
N MET G 503 33.27 -64.37 78.36
CA MET G 503 33.57 -64.78 79.73
C MET G 503 35.06 -64.95 80.00
N SER G 504 35.52 -64.26 81.05
CA SER G 504 36.90 -64.20 81.53
C SER G 504 37.03 -64.68 82.99
N GLU G 505 35.11 -67.84 84.05
CA GLU G 505 34.55 -68.51 85.22
C GLU G 505 35.55 -68.44 86.38
N ALA G 506 35.07 -68.16 87.60
CA ALA G 506 35.92 -68.01 88.79
C ALA G 506 36.56 -69.29 89.32
N ILE G 507 37.86 -69.21 89.68
CA ILE G 507 38.65 -70.28 90.29
C ILE G 507 39.29 -69.71 91.56
N LYS G 508 39.94 -68.54 91.44
CA LYS G 508 40.57 -67.81 92.55
C LYS G 508 40.07 -66.37 92.52
N GLY G 509 39.79 -65.80 93.68
CA GLY G 509 39.30 -64.43 93.77
C GLY G 509 40.40 -63.39 93.87
N PHE G 510 40.35 -62.34 93.02
CA PHE G 510 41.28 -61.21 92.94
C PHE G 510 40.80 -60.13 91.95
N LEU G 511 41.46 -58.95 91.92
CA LEU G 511 41.16 -57.92 90.94
C LEU G 511 41.86 -58.33 89.64
N VAL G 512 41.14 -58.29 88.49
CA VAL G 512 41.67 -58.66 87.17
C VAL G 512 41.32 -57.64 86.07
N LYS G 513 42.29 -57.30 85.20
CA LYS G 513 42.04 -56.38 84.09
C LYS G 513 41.68 -57.15 82.81
N CYS G 514 40.80 -56.57 81.97
CA CYS G 514 40.43 -57.14 80.67
C CYS G 514 40.46 -56.04 79.61
N CYS G 515 41.17 -56.30 78.48
CA CYS G 515 41.45 -55.37 77.38
C CYS G 515 40.77 -55.67 76.05
N ALA G 516 40.40 -54.62 75.31
CA ALA G 516 39.93 -54.76 73.94
C ALA G 516 41.09 -54.34 73.04
N TYR G 517 41.31 -55.03 71.93
CA TYR G 517 42.37 -54.69 70.97
C TYR G 517 41.76 -54.42 69.61
N ASN G 518 42.30 -53.43 68.89
CA ASN G 518 41.83 -53.06 67.56
C ASN G 518 42.97 -52.40 66.74
N SER G 519 42.70 -52.03 65.47
CA SER G 519 43.67 -51.36 64.60
C SER G 519 44.13 -50.04 65.24
N LEU G 520 43.21 -49.34 65.90
CA LEU G 520 43.48 -48.11 66.65
C LEU G 520 43.73 -48.45 68.13
N GLY G 521 44.78 -49.21 68.38
CA GLY G 521 45.24 -49.54 69.73
C GLY G 521 44.42 -50.42 70.65
N THR G 522 44.32 -49.97 71.91
CA THR G 522 43.71 -50.70 73.02
C THR G 522 42.94 -49.76 73.98
N SER G 523 42.16 -50.36 74.89
CA SER G 523 41.42 -49.80 76.02
C SER G 523 41.08 -50.96 76.98
N CYS G 524 41.06 -50.70 78.30
CA CYS G 524 40.80 -51.77 79.29
C CYS G 524 39.96 -51.29 80.49
N GLU G 525 39.44 -52.23 81.28
CA GLU G 525 38.70 -51.99 82.53
C GLU G 525 39.01 -53.13 83.50
N THR G 526 38.94 -52.86 84.81
CA THR G 526 39.29 -53.86 85.83
C THR G 526 38.12 -54.26 86.73
N ILE G 527 37.91 -55.58 86.90
CA ILE G 527 36.83 -56.11 87.73
C ILE G 527 37.32 -57.03 88.83
N LEU G 528 36.66 -56.97 90.00
CA LEU G 528 36.98 -57.81 91.14
C LEU G 528 36.22 -59.13 91.04
N LEU G 529 36.89 -60.25 91.36
CA LEU G 529 36.28 -61.58 91.37
C LEU G 529 35.78 -61.92 92.78
N ASN G 530 34.58 -61.41 93.14
CA ASN G 530 33.92 -61.60 94.42
C ASN G 530 32.43 -61.96 94.22
N SER G 531 31.77 -62.56 95.22
CA SER G 531 30.36 -62.92 95.11
C SER G 531 29.42 -61.71 95.29
N PHE H 156 57.65 3.73 40.95
CA PHE H 156 58.97 3.23 41.37
C PHE H 156 59.03 2.86 42.86
N THR H 157 58.11 3.39 43.68
CA THR H 157 58.07 3.12 45.12
C THR H 157 56.66 2.99 45.70
N VAL H 158 55.61 3.06 44.87
CA VAL H 158 54.24 2.93 45.35
C VAL H 158 53.88 1.45 45.51
N SER H 159 54.33 0.81 46.60
CA SER H 159 54.06 -0.61 46.83
C SER H 159 52.78 -0.83 47.61
N ILE H 160 52.14 -2.00 47.43
CA ILE H 160 50.92 -2.35 48.14
C ILE H 160 51.23 -3.13 49.46
N ARG H 161 52.38 -2.81 50.08
CA ARG H 161 52.84 -3.39 51.34
C ARG H 161 53.10 -2.25 52.32
N ASN H 162 52.12 -1.97 53.19
CA ASN H 162 52.23 -0.86 54.14
C ASN H 162 51.52 -1.13 55.50
N THR H 163 51.28 -0.07 56.33
CA THR H 163 50.66 -0.08 57.66
C THR H 163 49.35 -0.89 57.74
N LEU H 164 49.02 -1.39 58.94
CA LEU H 164 47.84 -2.22 59.15
C LEU H 164 46.69 -1.53 59.90
N LEU H 165 46.43 -0.25 59.61
CA LEU H 165 45.32 0.46 60.24
C LEU H 165 43.99 0.07 59.57
N TYR H 166 43.75 0.50 58.31
CA TYR H 166 42.56 0.24 57.47
C TYR H 166 41.23 0.76 58.06
N THR H 167 40.37 1.31 57.19
CA THR H 167 39.04 1.83 57.55
C THR H 167 38.03 1.77 56.37
N LEU H 168 36.73 2.05 56.64
CA LEU H 168 35.65 2.05 55.65
C LEU H 168 34.52 3.01 56.08
N ARG H 169 34.78 4.31 55.96
CA ARG H 169 33.82 5.35 56.30
C ARG H 169 32.78 5.50 55.18
N ARG H 170 31.50 5.37 55.55
CA ARG H 170 30.32 5.46 54.68
C ARG H 170 30.37 6.63 53.68
N PRO H 171 29.76 6.47 52.49
CA PRO H 171 29.83 7.54 51.49
C PRO H 171 29.17 8.86 51.85
N TYR H 172 29.73 9.97 51.39
CA TYR H 172 29.10 11.27 51.54
C TYR H 172 28.94 11.94 50.16
N PHE H 173 28.15 13.02 50.05
CA PHE H 173 27.88 13.62 48.75
C PHE H 173 28.38 15.05 48.60
N ARG H 174 28.77 15.41 47.39
CA ARG H 174 29.26 16.76 47.11
C ARG H 174 28.92 17.10 45.66
N LYS H 175 28.25 18.25 45.43
CA LYS H 175 27.88 18.66 44.09
C LYS H 175 29.09 19.18 43.31
N MET H 176 29.37 18.59 42.12
CA MET H 176 30.51 19.01 41.28
C MET H 176 30.35 20.46 40.88
N GLU H 177 31.46 21.22 41.01
CA GLU H 177 31.68 22.64 40.71
C GLU H 177 30.35 23.44 40.38
N ASN H 178 30.22 24.00 39.17
CA ASN H 178 29.07 24.76 38.73
C ASN H 178 28.02 23.84 38.12
N GLN H 179 28.48 22.82 37.35
CA GLN H 179 27.62 21.87 36.65
C GLN H 179 26.70 21.10 37.59
N ASP H 180 25.50 20.82 37.10
CA ASP H 180 24.49 20.13 37.88
C ASP H 180 24.66 18.60 37.79
N ALA H 181 25.52 18.07 38.66
CA ALA H 181 25.84 16.65 38.80
C ALA H 181 26.43 16.41 40.19
N LEU H 182 26.09 15.27 40.82
CA LEU H 182 26.55 14.91 42.16
C LEU H 182 27.77 13.98 42.13
N VAL H 183 28.59 14.00 43.20
CA VAL H 183 29.82 13.22 43.32
C VAL H 183 29.85 12.47 44.65
N CYS H 184 30.19 11.18 44.61
CA CYS H 184 30.24 10.33 45.80
C CYS H 184 31.63 10.25 46.43
N ILE H 185 31.79 10.82 47.63
CA ILE H 185 33.05 10.81 48.36
C ILE H 185 32.99 9.84 49.55
N SER H 186 33.47 8.62 49.34
CA SER H 186 33.51 7.61 50.39
C SER H 186 34.96 7.42 50.82
N GLU H 187 35.25 7.56 52.13
CA GLU H 187 36.63 7.44 52.62
C GLU H 187 36.91 6.04 53.13
N SER H 188 38.15 5.58 52.98
CA SER H 188 38.57 4.26 53.43
C SER H 188 40.07 4.17 53.21
N VAL H 189 40.83 3.62 54.18
CA VAL H 189 42.29 3.49 54.05
C VAL H 189 42.64 2.68 52.76
N PRO H 190 42.10 1.45 52.54
CA PRO H 190 42.25 0.85 51.20
C PRO H 190 41.13 1.53 50.38
N GLU H 191 41.49 2.35 49.36
CA GLU H 191 40.51 3.07 48.55
C GLU H 191 39.44 2.13 47.96
N PRO H 192 38.16 2.49 48.07
CA PRO H 192 37.10 1.56 47.66
C PRO H 192 36.50 1.75 46.26
N ILE H 193 35.66 0.79 45.85
CA ILE H 193 34.89 0.80 44.62
C ILE H 193 33.67 1.67 44.91
N VAL H 194 33.53 2.80 44.21
CA VAL H 194 32.40 3.71 44.43
C VAL H 194 31.39 3.51 43.30
N GLU H 195 30.24 2.90 43.61
CA GLU H 195 29.20 2.62 42.61
C GLU H 195 27.86 3.26 42.96
N TRP H 196 27.29 3.98 42.00
CA TRP H 196 26.00 4.62 42.17
C TRP H 196 24.93 3.64 41.71
N VAL H 197 23.86 3.42 42.50
CA VAL H 197 22.80 2.50 42.08
C VAL H 197 21.44 3.19 42.07
N LEU H 198 20.76 3.15 40.91
CA LEU H 198 19.43 3.73 40.76
C LEU H 198 18.40 2.60 40.57
N CYS H 199 17.49 2.44 41.53
CA CYS H 199 16.45 1.39 41.54
C CYS H 199 15.00 1.98 41.34
N ASP H 200 13.92 1.14 41.45
CA ASP H 200 12.53 1.59 41.26
C ASP H 200 11.56 1.05 42.31
N SER H 201 10.95 1.94 43.13
CA SER H 201 9.99 1.58 44.18
C SER H 201 10.58 0.66 45.26
N GLN H 202 11.92 0.71 45.45
CA GLN H 202 12.64 -0.13 46.41
C GLN H 202 12.90 0.59 47.74
N SER H 205 13.44 -4.27 46.04
CA SER H 205 14.57 -3.91 46.90
C SER H 205 15.78 -4.87 46.79
N CYS H 206 15.75 -5.81 45.82
CA CYS H 206 16.84 -6.76 45.66
C CYS H 206 18.08 -6.12 45.02
N LYS H 207 19.17 -6.00 45.81
CA LYS H 207 20.43 -5.40 45.35
C LYS H 207 21.18 -6.20 44.29
N GLU H 208 20.77 -7.47 44.03
CA GLU H 208 21.41 -8.31 43.03
C GLU H 208 20.46 -8.62 41.86
N GLU H 209 19.56 -7.68 41.52
CA GLU H 209 18.61 -7.84 40.43
C GLU H 209 18.81 -6.74 39.37
N SER H 210 19.18 -7.12 38.14
CA SER H 210 19.42 -6.13 37.09
C SER H 210 18.37 -6.04 35.93
N PRO H 211 17.09 -6.49 36.04
CA PRO H 211 16.16 -6.32 34.91
C PRO H 211 15.41 -4.98 34.93
N ALA H 212 15.41 -4.28 36.08
CA ALA H 212 14.78 -2.99 36.25
C ALA H 212 15.76 -2.09 36.99
N VAL H 213 16.38 -2.59 38.09
CA VAL H 213 17.36 -1.83 38.86
C VAL H 213 18.68 -1.75 38.09
N VAL H 214 19.39 -0.63 38.20
CA VAL H 214 20.64 -0.44 37.47
C VAL H 214 21.79 0.04 38.34
N LYS H 215 22.97 -0.51 38.08
CA LYS H 215 24.19 -0.16 38.79
C LYS H 215 25.12 0.54 37.81
N LYS H 216 25.71 1.65 38.24
CA LYS H 216 26.62 2.43 37.43
C LYS H 216 27.80 2.91 38.28
N GLU H 217 28.94 2.19 38.21
CA GLU H 217 30.16 2.52 38.96
C GLU H 217 30.86 3.65 38.22
N GLU H 218 30.69 4.90 38.69
CA GLU H 218 31.27 6.07 38.03
C GLU H 218 31.88 7.08 39.00
N LYS H 219 31.46 7.06 40.29
CA LYS H 219 31.90 8.02 41.32
C LYS H 219 31.29 9.43 41.11
N VAL H 220 30.85 9.73 39.87
CA VAL H 220 30.23 10.99 39.50
C VAL H 220 28.91 10.67 38.77
N LEU H 221 27.77 11.01 39.37
CA LEU H 221 26.45 10.74 38.80
C LEU H 221 25.85 12.01 38.22
N HIS H 222 25.35 11.94 36.97
CA HIS H 222 24.72 13.08 36.29
C HIS H 222 23.21 12.90 36.20
N GLU H 223 22.74 11.65 36.03
CA GLU H 223 21.31 11.33 35.92
C GLU H 223 20.68 11.15 37.30
N LEU H 224 20.58 12.24 38.08
CA LEU H 224 20.03 12.26 39.43
C LEU H 224 18.51 12.07 39.54
N PHE H 225 17.82 11.96 38.41
CA PHE H 225 16.38 11.73 38.41
C PHE H 225 16.14 10.23 38.54
N GLY H 226 15.15 9.81 39.33
CA GLY H 226 14.88 8.39 39.50
C GLY H 226 14.37 8.03 40.87
N MET H 227 13.86 6.80 41.02
CA MET H 227 13.26 6.38 42.27
C MET H 227 14.25 6.19 43.46
N ASP H 228 15.04 5.10 43.52
CA ASP H 228 15.92 4.86 44.67
C ASP H 228 17.40 5.04 44.35
N ILE H 229 17.94 6.22 44.65
CA ILE H 229 19.35 6.53 44.41
C ILE H 229 20.16 6.33 45.68
N ARG H 230 21.17 5.48 45.62
CA ARG H 230 22.01 5.19 46.76
C ARG H 230 23.45 4.94 46.31
N CYS H 231 24.43 5.48 47.02
CA CYS H 231 25.83 5.25 46.67
C CYS H 231 26.40 4.15 47.55
N CYS H 232 27.24 3.27 46.98
CA CYS H 232 27.85 2.14 47.71
C CYS H 232 29.38 2.09 47.56
N ALA H 233 30.09 2.00 48.71
CA ALA H 233 31.55 1.90 48.75
C ALA H 233 31.92 0.47 49.09
N ARG H 234 32.89 -0.13 48.38
CA ARG H 234 33.31 -1.50 48.67
C ARG H 234 34.84 -1.65 48.63
N ASN H 235 35.47 -1.98 49.78
CA ASN H 235 36.93 -2.14 49.81
C ASN H 235 37.48 -2.98 50.94
N GLU H 236 37.81 -4.27 50.65
CA GLU H 236 38.41 -5.29 51.54
C GLU H 236 37.58 -5.58 52.82
N LEU H 237 37.35 -4.54 53.65
CA LEU H 237 36.56 -4.55 54.88
C LEU H 237 35.11 -4.93 54.56
N GLY H 238 34.56 -4.37 53.48
CA GLY H 238 33.20 -4.68 53.08
C GLY H 238 32.54 -3.58 52.27
N ARG H 239 31.21 -3.50 52.35
CA ARG H 239 30.42 -2.51 51.61
C ARG H 239 29.48 -1.67 52.47
N GLU H 240 29.80 -0.38 52.64
CA GLU H 240 28.97 0.57 53.39
C GLU H 240 28.24 1.47 52.38
N CYS H 241 26.91 1.64 52.53
CA CYS H 241 26.15 2.45 51.58
C CYS H 241 25.37 3.57 52.24
N THR H 242 25.26 4.68 51.53
CA THR H 242 24.46 5.81 52.00
C THR H 242 23.39 6.14 50.97
N ARG H 243 22.11 6.08 51.38
N ARG H 243 22.11 6.10 51.39
CA ARG H 243 20.95 6.35 50.52
CA ARG H 243 20.95 6.37 50.53
C ARG H 243 20.65 7.85 50.48
C ARG H 243 20.65 7.85 50.48
N LEU H 244 20.28 8.36 49.30
CA LEU H 244 19.95 9.79 49.17
C LEU H 244 18.52 10.03 49.56
N PHE H 245 18.30 10.82 50.65
CA PHE H 245 16.97 11.12 51.19
C PHE H 245 16.09 11.81 50.18
N THR H 246 14.97 11.17 49.82
CA THR H 246 14.08 11.70 48.80
C THR H 246 12.68 11.98 49.30
N ILE H 247 12.02 13.00 48.72
CA ILE H 247 10.66 13.40 49.03
C ILE H 247 9.91 13.47 47.69
N ASP H 248 9.07 12.47 47.39
CA ASP H 248 8.29 12.43 46.14
C ASP H 248 6.90 13.00 46.40
N LEU H 249 6.61 14.22 45.93
CA LEU H 249 5.31 14.85 46.16
C LEU H 249 4.15 14.12 45.46
N ASN H 250 4.46 13.31 44.43
CA ASN H 250 3.46 12.51 43.71
C ASN H 250 3.09 11.31 44.55
N GLN H 251 4.09 10.66 45.22
CA GLN H 251 3.87 9.50 46.09
C GLN H 251 2.85 9.86 47.17
N THR H 252 1.92 8.92 47.43
CA THR H 252 0.79 9.00 48.38
C THR H 252 1.20 9.56 49.74
N PRO H 253 0.31 10.34 50.41
CA PRO H 253 0.69 10.92 51.72
C PRO H 253 1.03 9.89 52.77
N GLN H 254 2.32 9.82 53.12
CA GLN H 254 2.83 8.85 54.09
C GLN H 254 2.50 9.29 55.51
N THR H 255 1.63 8.52 56.20
CA THR H 255 1.26 8.83 57.57
C THR H 255 2.36 8.38 58.55
N THR H 256 3.55 9.00 58.47
CA THR H 256 4.70 8.67 59.32
C THR H 256 5.63 9.85 59.62
N LEU H 257 5.65 10.93 58.78
CA LEU H 257 6.55 12.10 58.95
C LEU H 257 8.01 11.65 59.11
N PRO H 258 8.68 11.33 58.00
CA PRO H 258 10.05 10.79 58.10
C PRO H 258 11.05 11.58 58.90
N GLN H 259 11.90 10.87 59.65
CA GLN H 259 12.95 11.45 60.48
C GLN H 259 14.32 11.10 59.91
N LEU H 260 15.16 12.12 59.72
CA LEU H 260 16.50 11.98 59.16
C LEU H 260 17.53 12.29 60.23
N PHE H 261 18.34 11.30 60.63
CA PHE H 261 19.37 11.52 61.65
C PHE H 261 20.75 11.60 61.02
N LEU H 262 21.63 12.47 61.57
CA LEU H 262 23.02 12.59 61.11
C LEU H 262 23.91 13.32 62.14
N LYS H 263 25.17 12.87 62.26
CA LYS H 263 26.13 13.41 63.20
C LYS H 263 26.61 14.77 62.78
N VAL H 264 26.78 15.69 63.76
CA VAL H 264 27.25 17.06 63.53
C VAL H 264 28.57 17.06 62.74
N GLY H 265 28.56 17.73 61.60
CA GLY H 265 29.71 17.81 60.70
C GLY H 265 29.44 17.14 59.36
N GLU H 266 28.54 16.15 59.34
CA GLU H 266 28.15 15.40 58.15
C GLU H 266 27.35 16.30 57.16
N PRO H 267 27.33 15.98 55.85
CA PRO H 267 26.57 16.82 54.91
C PRO H 267 25.13 16.38 54.71
N LEU H 268 24.18 17.31 54.92
CA LEU H 268 22.75 17.03 54.76
C LEU H 268 22.36 17.09 53.28
N TRP H 269 21.58 16.11 52.82
CA TRP H 269 21.14 16.07 51.43
C TRP H 269 19.70 15.60 51.37
N ILE H 270 18.80 16.47 50.88
CA ILE H 270 17.36 16.18 50.76
C ILE H 270 16.88 16.55 49.36
N ARG H 271 16.56 15.55 48.56
CA ARG H 271 16.12 15.76 47.20
C ARG H 271 14.63 15.75 47.10
N CYS H 272 14.05 16.78 46.50
CA CYS H 272 12.61 16.81 46.32
C CYS H 272 12.24 16.63 44.87
N LYS H 273 11.66 15.47 44.50
CA LYS H 273 11.26 15.16 43.12
C LYS H 273 9.75 15.18 42.96
N ALA H 274 9.24 15.96 42.01
CA ALA H 274 7.82 16.04 41.76
C ALA H 274 7.57 15.93 40.28
N VAL H 275 6.56 15.18 39.87
CA VAL H 275 6.25 15.01 38.46
C VAL H 275 4.90 15.59 38.13
N HIS H 276 4.87 16.53 37.19
CA HIS H 276 3.63 17.15 36.78
C HIS H 276 3.40 17.00 35.27
N VAL H 277 2.13 17.02 34.83
CA VAL H 277 1.73 16.88 33.44
C VAL H 277 2.48 17.85 32.52
N ASN H 278 2.37 19.16 32.75
CA ASN H 278 3.13 20.14 31.98
C ASN H 278 4.23 20.78 32.88
N HIS H 279 5.08 21.65 32.33
CA HIS H 279 6.15 22.28 33.10
C HIS H 279 5.67 23.36 34.08
N GLY H 280 4.41 23.79 33.95
CA GLY H 280 3.81 24.84 34.75
C GLY H 280 3.60 24.48 36.22
N PHE H 281 4.66 24.65 37.01
CA PHE H 281 4.69 24.38 38.44
C PHE H 281 6.08 24.67 38.98
N GLY H 282 6.13 25.08 40.23
CA GLY H 282 7.40 25.33 40.91
C GLY H 282 7.56 24.50 42.17
N LEU H 283 8.75 24.50 42.77
CA LEU H 283 9.01 23.78 44.00
C LEU H 283 9.71 24.71 44.99
N THR H 284 9.43 24.59 46.29
CA THR H 284 10.04 25.46 47.29
C THR H 284 10.35 24.75 48.58
N TRP H 285 11.52 25.05 49.16
CA TRP H 285 11.96 24.50 50.44
C TRP H 285 11.70 25.54 51.53
N GLU H 286 11.19 25.09 52.67
CA GLU H 286 10.95 25.96 53.81
C GLU H 286 11.60 25.36 55.06
N LEU H 287 12.58 26.11 55.59
CA LEU H 287 13.33 25.74 56.78
C LEU H 287 12.43 26.17 57.90
N GLU H 288 11.49 25.30 58.30
CA GLU H 288 10.44 25.57 59.28
C GLU H 288 9.71 26.89 58.97
N ASN H 289 9.10 26.98 57.78
CA ASN H 289 8.37 28.16 57.27
C ASN H 289 9.23 29.46 57.20
N LYS H 290 10.54 29.31 56.97
CA LYS H 290 11.48 30.44 56.85
C LYS H 290 12.45 30.18 55.70
N ALA H 291 12.91 31.27 55.07
CA ALA H 291 13.79 31.28 53.89
C ALA H 291 15.03 30.37 53.96
N LEU H 292 15.44 29.81 52.80
CA LEU H 292 16.62 28.97 52.73
C LEU H 292 17.80 29.74 52.12
N GLU H 293 19.03 29.45 52.59
CA GLU H 293 20.24 30.12 52.11
C GLU H 293 20.51 29.86 50.62
N GLU H 294 21.09 30.84 49.91
CA GLU H 294 21.40 30.79 48.48
C GLU H 294 22.30 29.61 48.09
N GLY H 295 23.29 29.32 48.94
CA GLY H 295 24.20 28.20 48.69
C GLY H 295 23.76 26.91 49.35
N ASN H 296 22.46 26.77 49.61
CA ASN H 296 21.89 25.60 50.23
C ASN H 296 20.76 24.96 49.39
N TYR H 297 20.53 25.42 48.14
CA TYR H 297 19.51 24.83 47.27
C TYR H 297 19.88 24.92 45.79
N PHE H 298 19.30 24.03 44.98
CA PHE H 298 19.48 24.06 43.53
C PHE H 298 18.38 23.24 42.82
N GLU H 299 17.94 23.73 41.67
CA GLU H 299 16.87 23.11 40.91
C GLU H 299 17.29 22.54 39.56
N MET H 300 16.92 21.29 39.32
CA MET H 300 17.14 20.62 38.05
C MET H 300 15.79 20.21 37.45
N SER H 301 15.72 19.98 36.12
CA SER H 301 14.46 19.57 35.49
C SER H 301 14.68 18.72 34.28
N THR H 302 13.78 17.74 34.02
CA THR H 302 13.84 16.90 32.81
C THR H 302 12.44 16.46 32.35
N TYR H 303 12.32 16.02 31.08
CA TYR H 303 11.05 15.58 30.54
C TYR H 303 10.89 14.07 30.57
N SER H 304 9.67 13.60 30.78
CA SER H 304 9.34 12.17 30.91
C SER H 304 8.24 11.72 29.95
N THR H 305 8.05 10.37 29.81
CA THR H 305 7.04 9.61 29.08
C THR H 305 6.27 10.50 28.05
N ASN H 306 4.98 10.90 28.28
CA ASN H 306 4.32 11.81 27.34
C ASN H 306 5.01 13.23 27.49
N ARG H 307 4.30 14.37 27.47
CA ARG H 307 4.99 15.66 27.63
C ARG H 307 5.24 15.95 29.10
N THR H 308 5.52 14.92 29.93
CA THR H 308 5.67 15.02 31.40
C THR H 308 6.90 15.78 31.84
N MET H 309 6.87 16.39 33.02
CA MET H 309 8.00 17.14 33.53
C MET H 309 8.31 16.73 34.95
N ILE H 310 9.55 16.37 35.21
CA ILE H 310 10.01 16.01 36.55
C ILE H 310 10.92 17.14 37.01
N ARG H 311 10.69 17.62 38.23
CA ARG H 311 11.49 18.70 38.77
C ARG H 311 12.17 18.25 40.04
N ILE H 312 13.43 18.62 40.18
CA ILE H 312 14.23 18.29 41.35
C ILE H 312 14.60 19.60 42.06
N LEU H 313 14.32 19.67 43.36
CA LEU H 313 14.66 20.84 44.15
C LEU H 313 15.36 20.35 45.39
N PHE H 314 16.66 20.20 45.29
CA PHE H 314 17.55 19.71 46.31
C PHE H 314 17.89 20.73 47.36
N ALA H 315 18.10 20.28 48.60
CA ALA H 315 18.57 21.15 49.68
C ALA H 315 19.81 20.49 50.30
N PHE H 316 20.89 21.26 50.48
CA PHE H 316 22.14 20.69 51.01
C PHE H 316 22.84 21.55 52.07
N VAL H 317 23.48 20.89 53.05
CA VAL H 317 24.27 21.54 54.09
C VAL H 317 25.67 20.97 54.00
N SER H 318 26.68 21.85 53.89
CA SER H 318 28.07 21.43 53.78
C SER H 318 28.52 20.58 54.98
N SER H 319 28.36 21.13 56.19
CA SER H 319 28.68 20.47 57.45
C SER H 319 27.57 20.87 58.43
N VAL H 320 26.77 19.88 58.90
CA VAL H 320 25.66 20.16 59.81
C VAL H 320 26.14 20.53 61.24
N ALA H 321 25.22 21.10 62.04
CA ALA H 321 25.43 21.51 63.42
C ALA H 321 24.04 21.50 64.15
N ARG H 322 23.96 21.85 65.46
CA ARG H 322 22.67 21.91 66.16
C ARG H 322 21.73 22.94 65.49
N ASN H 323 22.31 24.04 64.97
CA ASN H 323 21.69 25.17 64.27
C ASN H 323 20.78 24.68 63.12
N ASP H 324 21.24 23.65 62.35
CA ASP H 324 20.58 23.08 61.16
C ASP H 324 19.52 22.02 61.46
N THR H 325 19.40 21.56 62.72
CA THR H 325 18.39 20.57 63.08
C THR H 325 16.99 21.21 63.05
N GLY H 326 16.01 20.50 62.51
CA GLY H 326 14.65 21.03 62.42
C GLY H 326 13.75 20.41 61.36
N TYR H 327 12.51 20.88 61.29
CA TYR H 327 11.51 20.40 60.36
C TYR H 327 11.61 21.07 58.98
N TYR H 328 11.96 20.28 57.95
CA TYR H 328 12.08 20.76 56.57
C TYR H 328 10.85 20.36 55.77
N THR H 329 10.33 21.26 54.95
CA THR H 329 9.16 20.95 54.14
C THR H 329 9.26 21.45 52.73
N CYS H 330 8.72 20.68 51.80
CA CYS H 330 8.69 21.09 50.41
C CYS H 330 7.29 21.20 49.86
N SER H 331 6.97 22.36 49.27
CA SER H 331 5.67 22.60 48.67
C SER H 331 5.81 22.87 47.17
N SER H 332 4.85 22.38 46.38
CA SER H 332 4.88 22.61 44.94
C SER H 332 3.66 23.41 44.47
N SER H 333 3.85 24.24 43.45
CA SER H 333 2.78 25.06 42.89
C SER H 333 1.93 24.24 41.93
N LYS H 334 1.50 23.06 42.40
CA LYS H 334 0.64 22.07 41.76
C LYS H 334 0.61 20.73 42.51
N HIS H 335 1.18 20.67 43.73
CA HIS H 335 1.23 19.43 44.52
C HIS H 335 1.05 19.71 46.04
N PRO H 336 0.68 18.69 46.86
CA PRO H 336 0.56 18.92 48.31
C PRO H 336 1.91 18.91 49.05
N SER H 337 2.11 19.88 49.93
CA SER H 337 3.33 20.07 50.71
C SER H 337 3.68 18.88 51.63
N GLN H 338 4.76 18.13 51.32
CA GLN H 338 5.23 17.01 52.15
C GLN H 338 6.47 17.40 52.95
N SER H 339 6.63 16.85 54.14
CA SER H 339 7.72 17.25 55.01
C SER H 339 8.51 16.11 55.64
N ALA H 340 9.66 16.44 56.27
CA ALA H 340 10.56 15.52 56.99
C ALA H 340 11.39 16.28 58.01
N LEU H 341 11.59 15.70 59.20
CA LEU H 341 12.35 16.37 60.25
C LEU H 341 13.78 15.87 60.34
N VAL H 342 14.72 16.79 60.56
CA VAL H 342 16.13 16.50 60.68
C VAL H 342 16.58 16.55 62.15
N ILE H 343 17.11 15.43 62.63
CA ILE H 343 17.61 15.28 63.98
C ILE H 343 19.13 15.13 63.95
N ILE H 344 19.80 16.08 64.56
CA ILE H 344 21.26 16.09 64.63
C ILE H 344 21.70 15.31 65.87
N VAL H 345 22.77 14.52 65.74
CA VAL H 345 23.29 13.76 66.87
C VAL H 345 24.76 14.04 67.14
N GLU H 346 25.15 14.12 68.42
CA GLU H 346 26.55 14.31 68.78
C GLU H 346 27.03 12.93 69.15
N LYS H 347 27.57 12.21 68.17
CA LYS H 347 28.03 10.81 68.35
C LYS H 347 26.94 9.74 68.13
N GLY H 348 27.31 8.63 67.50
CA GLY H 348 26.39 7.54 67.23
C GLY H 348 25.61 7.10 68.46
N PHE H 349 24.40 6.59 68.26
CA PHE H 349 23.56 6.17 69.38
C PHE H 349 22.74 4.93 69.06
N ILE H 350 22.34 4.20 70.11
CA ILE H 350 21.45 3.05 70.02
C ILE H 350 20.42 3.18 71.15
N ASN H 351 19.18 3.50 70.80
CA ASN H 351 18.14 3.64 71.81
C ASN H 351 17.17 2.49 71.67
N ALA H 352 17.09 1.66 72.71
CA ALA H 352 16.20 0.51 72.72
C ALA H 352 15.66 0.33 74.12
N THR H 353 14.35 0.07 74.23
CA THR H 353 13.69 -0.08 75.51
C THR H 353 14.17 -1.25 76.36
N ASN H 354 14.19 -2.49 75.80
CA ASN H 354 14.54 -3.72 76.51
C ASN H 354 13.48 -3.95 77.60
N SER H 355 12.28 -4.37 77.18
CA SER H 355 11.19 -4.60 78.12
C SER H 355 10.70 -6.06 78.08
N SER H 356 11.58 -7.01 77.75
CA SER H 356 11.21 -8.41 77.68
C SER H 356 12.35 -9.33 78.12
N GLU H 357 13.15 -8.92 79.13
CA GLU H 357 14.30 -9.67 79.65
C GLU H 357 14.03 -11.19 79.82
N ASP H 358 12.94 -11.56 80.47
CA ASP H 358 12.58 -12.96 80.67
C ASP H 358 11.26 -13.27 79.95
N TYR H 359 11.07 -14.52 79.51
CA TYR H 359 9.82 -14.94 78.85
C TYR H 359 9.41 -16.37 79.26
N GLU H 360 8.16 -16.76 79.00
CA GLU H 360 7.69 -18.10 79.35
C GLU H 360 6.70 -18.63 78.32
N ILE H 361 6.95 -19.82 77.75
CA ILE H 361 6.07 -20.41 76.73
C ILE H 361 5.90 -21.93 76.86
N ASP H 362 4.78 -22.46 76.35
CA ASP H 362 4.47 -23.89 76.37
C ASP H 362 5.29 -24.69 75.34
N GLN H 363 5.35 -26.02 75.53
CA GLN H 363 6.12 -26.99 74.74
C GLN H 363 5.92 -26.96 73.20
N TYR H 364 4.90 -26.26 72.67
CA TYR H 364 4.69 -26.21 71.22
C TYR H 364 4.05 -24.88 70.79
N GLU H 365 4.57 -23.76 71.32
CA GLU H 365 4.05 -22.43 71.00
C GLU H 365 4.94 -21.72 69.98
N GLU H 366 4.32 -20.98 69.04
CA GLU H 366 5.04 -20.24 68.01
C GLU H 366 5.49 -18.87 68.53
N PHE H 367 6.80 -18.69 68.77
CA PHE H 367 7.33 -17.43 69.31
C PHE H 367 8.65 -16.95 68.66
N CYS H 368 8.80 -15.63 68.59
CA CYS H 368 9.97 -14.96 68.07
C CYS H 368 10.43 -13.89 69.04
N PHE H 369 11.72 -13.91 69.43
CA PHE H 369 12.30 -12.89 70.28
C PHE H 369 12.39 -11.60 69.46
N SER H 370 12.05 -10.46 70.07
CA SER H 370 12.05 -9.18 69.36
C SER H 370 12.84 -8.11 70.11
N VAL H 371 13.31 -7.10 69.35
CA VAL H 371 14.03 -5.93 69.86
C VAL H 371 13.75 -4.72 68.96
N ARG H 372 13.02 -3.73 69.48
CA ARG H 372 12.72 -2.51 68.73
C ARG H 372 13.76 -1.48 69.10
N PHE H 373 14.37 -0.80 68.12
CA PHE H 373 15.41 0.17 68.39
C PHE H 373 15.47 1.30 67.39
N LYS H 374 15.75 2.50 67.86
CA LYS H 374 15.96 3.64 66.99
C LYS H 374 17.44 3.93 67.16
N ALA H 375 18.25 3.64 66.14
CA ALA H 375 19.69 3.78 66.24
C ALA H 375 20.32 4.34 64.97
N TYR H 376 21.39 5.13 65.12
CA TYR H 376 22.12 5.69 63.99
C TYR H 376 23.61 5.79 64.30
N PRO H 377 24.51 5.40 63.37
CA PRO H 377 24.26 4.81 62.05
C PRO H 377 23.79 3.35 62.12
N GLN H 378 23.40 2.76 60.95
CA GLN H 378 22.93 1.35 60.87
C GLN H 378 23.85 0.41 61.65
N ILE H 379 23.29 -0.28 62.65
CA ILE H 379 24.07 -1.11 63.56
C ILE H 379 24.40 -2.50 63.02
N ARG H 380 25.52 -3.06 63.50
CA ARG H 380 25.94 -4.42 63.20
C ARG H 380 25.41 -5.27 64.34
N CYS H 381 24.51 -6.20 64.05
CA CYS H 381 23.87 -6.99 65.10
C CYS H 381 24.29 -8.46 65.09
N THR H 382 24.21 -9.12 66.26
CA THR H 382 24.54 -10.53 66.42
C THR H 382 23.75 -11.18 67.57
N TRP H 383 23.04 -12.27 67.27
CA TRP H 383 22.29 -13.03 68.27
C TRP H 383 23.11 -14.26 68.69
N THR H 384 23.75 -14.22 69.87
CA THR H 384 24.57 -15.34 70.34
C THR H 384 23.91 -16.12 71.50
N PHE H 385 24.11 -17.44 71.52
CA PHE H 385 23.53 -18.32 72.56
C PHE H 385 24.39 -19.56 72.77
N SER H 386 24.86 -19.76 74.02
CA SER H 386 25.70 -20.86 74.52
C SER H 386 27.15 -20.79 74.03
N ARG H 387 27.30 -20.56 72.73
CA ARG H 387 28.52 -20.43 71.95
C ARG H 387 28.13 -20.10 70.50
N LYS H 388 27.01 -20.71 70.00
CA LYS H 388 26.48 -20.54 68.67
C LYS H 388 25.94 -19.12 68.44
N SER H 389 26.65 -18.35 67.61
CA SER H 389 26.26 -16.98 67.28
C SER H 389 25.73 -16.92 65.84
N PHE H 390 24.52 -16.38 65.66
CA PHE H 390 23.87 -16.26 64.36
C PHE H 390 23.57 -14.78 64.08
N PRO H 391 23.75 -14.29 62.84
CA PRO H 391 23.42 -12.88 62.55
C PRO H 391 21.91 -12.60 62.53
N CYS H 392 21.51 -11.34 62.29
CA CYS H 392 20.09 -10.99 62.35
C CYS H 392 19.58 -10.23 61.14
N GLU H 393 18.26 -10.34 60.91
CA GLU H 393 17.56 -9.62 59.88
C GLU H 393 17.11 -8.31 60.54
N GLN H 394 18.02 -7.32 60.58
CA GLN H 394 17.78 -6.00 61.19
C GLN H 394 16.87 -5.12 60.34
N ASN H 399 5.91 3.68 61.19
CA ASN H 399 6.93 3.36 62.20
C ASN H 399 8.26 4.06 61.91
N GLY H 400 8.99 4.40 62.97
CA GLY H 400 10.27 5.08 62.86
C GLY H 400 11.44 4.21 63.23
N TYR H 401 11.29 3.40 64.28
CA TYR H 401 12.33 2.50 64.75
C TYR H 401 12.43 1.22 63.89
N SER H 402 13.53 0.47 64.05
CA SER H 402 13.78 -0.80 63.34
C SER H 402 13.63 -1.96 64.32
N ILE H 403 12.94 -3.02 63.93
CA ILE H 403 12.73 -4.16 64.82
C ILE H 403 13.47 -5.40 64.34
N SER H 404 14.42 -5.88 65.15
CA SER H 404 15.20 -7.09 64.83
C SER H 404 14.50 -8.30 65.46
N LYS H 405 14.45 -9.42 64.72
CA LYS H 405 13.78 -10.64 65.21
C LYS H 405 14.68 -11.87 65.17
N PHE H 406 14.35 -12.88 65.99
CA PHE H 406 15.04 -14.18 66.07
C PHE H 406 14.01 -15.25 66.39
N CYS H 407 13.83 -16.24 65.51
CA CYS H 407 12.80 -17.27 65.73
C CYS H 407 13.33 -18.68 65.88
N ASN H 408 14.59 -18.94 65.47
CA ASN H 408 15.17 -20.28 65.54
C ASN H 408 15.56 -20.67 66.97
N HIS H 409 14.63 -20.50 67.93
CA HIS H 409 14.79 -20.84 69.33
C HIS H 409 14.95 -22.34 69.53
N LYS H 410 14.28 -23.15 68.66
CA LYS H 410 14.26 -24.61 68.67
C LYS H 410 13.83 -25.16 70.02
N HIS H 411 12.95 -24.42 70.72
CA HIS H 411 12.47 -24.74 72.07
C HIS H 411 13.61 -25.00 73.08
N GLN H 412 14.86 -24.63 72.72
CA GLN H 412 16.04 -24.81 73.55
C GLN H 412 16.07 -23.73 74.63
N PRO H 413 16.21 -24.10 75.91
CA PRO H 413 16.21 -23.08 76.97
C PRO H 413 17.58 -22.48 77.28
N GLY H 414 17.60 -21.27 77.81
CA GLY H 414 18.85 -20.62 78.17
C GLY H 414 18.92 -19.14 77.87
N GLU H 415 20.15 -18.62 77.90
CA GLU H 415 20.43 -17.20 77.68
C GLU H 415 20.71 -16.87 76.21
N TYR H 416 19.79 -16.11 75.60
CA TYR H 416 19.91 -15.64 74.22
C TYR H 416 20.29 -14.15 74.28
N ILE H 417 21.57 -13.83 74.03
CA ILE H 417 22.05 -12.46 74.13
C ILE H 417 22.17 -11.78 72.77
N PHE H 418 21.56 -10.59 72.64
CA PHE H 418 21.57 -9.78 71.43
C PHE H 418 22.56 -8.63 71.58
N HIS H 419 23.68 -8.68 70.83
CA HIS H 419 24.69 -7.63 70.88
C HIS H 419 24.70 -6.84 69.58
N ALA H 420 24.33 -5.56 69.65
CA ALA H 420 24.28 -4.69 68.47
C ALA H 420 25.16 -3.47 68.70
N GLU H 421 25.94 -3.06 67.70
CA GLU H 421 26.82 -1.90 67.85
C GLU H 421 27.09 -1.14 66.56
N ASN H 422 27.23 0.18 66.66
CA ASN H 422 27.59 1.06 65.55
C ASN H 422 28.97 1.72 65.83
N ASP H 423 29.48 2.56 64.90
CA ASP H 423 30.78 3.24 64.99
C ASP H 423 31.09 3.93 66.32
N ASP H 424 30.10 4.62 66.92
CA ASP H 424 30.34 5.32 68.18
C ASP H 424 29.41 4.90 69.33
N ALA H 425 28.81 3.68 69.26
CA ALA H 425 27.92 3.19 70.31
C ALA H 425 27.82 1.65 70.34
N GLN H 426 27.49 1.10 71.52
CA GLN H 426 27.34 -0.35 71.72
C GLN H 426 26.04 -0.69 72.48
N PHE H 427 25.61 -1.97 72.47
CA PHE H 427 24.41 -2.47 73.13
C PHE H 427 24.43 -3.99 73.30
N THR H 428 23.82 -4.49 74.39
CA THR H 428 23.72 -5.92 74.68
C THR H 428 22.49 -6.19 75.55
N LYS H 429 21.59 -7.09 75.11
CA LYS H 429 20.38 -7.43 75.85
C LYS H 429 20.30 -8.93 76.12
N MET H 430 20.15 -9.31 77.40
CA MET H 430 20.10 -10.71 77.85
C MET H 430 18.67 -11.23 77.91
N PHE H 431 18.36 -12.28 77.15
CA PHE H 431 17.01 -12.86 77.13
C PHE H 431 16.99 -14.27 77.76
N THR H 432 16.47 -14.39 78.98
CA THR H 432 16.41 -15.63 79.75
C THR H 432 15.38 -16.66 79.23
N LEU H 433 15.59 -17.95 79.63
CA LEU H 433 14.85 -19.18 79.33
C LEU H 433 13.33 -19.09 79.07
N ASN H 434 12.78 -20.09 78.35
CA ASN H 434 11.35 -20.15 78.00
C ASN H 434 10.58 -21.17 78.84
N ILE H 435 11.19 -22.33 79.16
CA ILE H 435 10.63 -23.42 79.96
C ILE H 435 9.28 -24.00 79.41
N ARG H 436 8.89 -25.19 79.88
CA ARG H 436 7.65 -25.85 79.43
C ARG H 436 7.16 -26.90 80.47
N ARG H 437 5.97 -27.49 80.26
CA ARG H 437 5.40 -28.49 81.18
C ARG H 437 5.88 -29.93 80.93
N LYS H 438 6.08 -30.71 82.02
CA LYS H 438 6.54 -32.10 81.95
C LYS H 438 6.41 -32.79 83.32
N PRO H 439 6.03 -34.07 83.37
CA PRO H 439 5.93 -34.77 84.66
C PRO H 439 7.29 -35.23 85.23
N GLN H 440 8.12 -35.95 84.43
CA GLN H 440 9.46 -36.49 84.73
C GLN H 440 9.67 -37.00 86.16
N VAL H 441 9.52 -38.31 86.36
CA VAL H 441 9.71 -38.94 87.67
C VAL H 441 11.00 -39.78 87.68
N LEU H 442 11.69 -39.86 88.84
CA LEU H 442 12.92 -40.65 88.97
C LEU H 442 13.21 -41.04 90.44
N ALA H 443 14.00 -42.10 90.65
CA ALA H 443 14.32 -42.58 92.00
C ALA H 443 15.81 -42.39 92.37
N GLU H 444 16.09 -41.84 93.55
CA GLU H 444 17.46 -41.63 94.02
C GLU H 444 17.91 -42.69 95.07
N ALA H 445 19.12 -42.54 95.67
CA ALA H 445 19.74 -43.46 96.63
C ALA H 445 18.88 -43.86 97.83
N SER H 446 18.76 -45.16 98.07
CA SER H 446 17.99 -45.71 99.20
C SER H 446 18.69 -45.49 100.53
N ALA H 447 20.03 -45.45 100.54
CA ALA H 447 20.80 -45.21 101.75
C ALA H 447 20.83 -43.69 101.97
N SER H 448 19.81 -43.14 102.64
CA SER H 448 19.73 -41.71 102.86
C SER H 448 18.94 -41.32 104.12
N GLN H 449 19.37 -40.24 104.80
CA GLN H 449 18.76 -39.70 106.02
C GLN H 449 17.70 -38.65 105.63
N ALA H 450 16.51 -38.68 106.29
CA ALA H 450 15.36 -37.81 106.05
C ALA H 450 14.94 -37.92 104.58
N SER H 451 14.29 -39.05 104.24
CA SER H 451 13.81 -39.47 102.91
C SER H 451 14.93 -40.03 102.02
N CYS H 452 14.57 -40.95 101.11
CA CYS H 452 15.54 -41.56 100.21
C CYS H 452 15.91 -40.65 99.01
N PHE H 453 15.08 -39.63 98.73
CA PHE H 453 15.20 -38.65 97.64
C PHE H 453 14.62 -39.13 96.32
N SER H 454 13.95 -38.25 95.61
CA SER H 454 13.35 -38.55 94.31
C SER H 454 13.73 -37.42 93.35
N ASP H 455 14.64 -37.70 92.41
CA ASP H 455 15.12 -36.71 91.45
C ASP H 455 14.21 -36.64 90.17
N GLY H 456 14.65 -35.92 89.13
CA GLY H 456 13.88 -35.82 87.90
C GLY H 456 13.25 -34.46 87.73
N TYR H 457 13.96 -33.54 87.04
CA TYR H 457 13.52 -32.17 86.78
C TYR H 457 12.23 -32.14 85.97
N PRO H 458 11.13 -31.64 86.57
CA PRO H 458 9.84 -31.67 85.86
C PRO H 458 9.51 -30.42 85.01
N LEU H 459 8.95 -29.36 85.61
CA LEU H 459 8.53 -28.14 84.91
C LEU H 459 8.54 -26.95 85.87
N PRO H 460 8.73 -25.71 85.37
CA PRO H 460 8.68 -24.55 86.27
C PRO H 460 7.36 -24.40 87.03
N SER H 461 6.28 -25.08 86.57
CA SER H 461 4.96 -25.10 87.20
C SER H 461 5.08 -25.55 88.67
N TRP H 462 5.49 -26.80 88.92
CA TRP H 462 5.70 -27.29 90.28
C TRP H 462 7.04 -28.03 90.36
N THR H 463 8.11 -27.26 90.57
CA THR H 463 9.47 -27.78 90.62
C THR H 463 9.76 -28.50 91.95
N TRP H 464 10.34 -29.70 91.88
CA TRP H 464 10.67 -30.47 93.08
C TRP H 464 12.18 -30.50 93.36
N THR H 479 3.28 -42.43 101.37
CA THR H 479 2.94 -41.28 102.21
C THR H 479 3.85 -41.19 103.44
N GLU H 480 4.91 -40.38 103.36
CA GLU H 480 5.84 -40.22 104.47
C GLU H 480 6.30 -38.77 104.64
N GLY H 481 6.32 -38.30 105.88
CA GLY H 481 6.74 -36.94 106.21
C GLY H 481 8.21 -36.83 106.59
N VAL H 482 8.68 -35.58 106.84
CA VAL H 482 10.06 -35.21 107.21
C VAL H 482 11.09 -35.61 106.12
N TRP H 483 11.24 -34.75 105.10
CA TRP H 483 12.16 -35.00 103.99
C TRP H 483 13.37 -34.04 104.01
N ASN H 484 14.40 -34.32 103.20
CA ASN H 484 15.58 -33.45 103.11
C ASN H 484 15.33 -32.26 102.16
N ARG H 485 16.16 -31.21 102.27
CA ARG H 485 16.03 -30.00 101.45
C ARG H 485 16.29 -30.20 99.94
N LYS H 486 15.38 -29.70 99.10
CA LYS H 486 15.50 -29.81 97.66
C LYS H 486 15.78 -28.45 97.02
N ALA H 487 16.52 -28.42 95.91
CA ALA H 487 16.86 -27.18 95.21
C ALA H 487 16.71 -27.34 93.70
N SER H 499 15.04 -29.01 90.33
CA SER H 499 15.52 -30.07 89.44
C SER H 499 15.61 -31.43 90.13
N THR H 500 15.88 -31.44 91.45
CA THR H 500 15.98 -32.68 92.22
C THR H 500 15.53 -32.48 93.67
N LEU H 501 14.60 -33.32 94.16
CA LEU H 501 14.11 -33.22 95.53
C LEU H 501 14.80 -34.25 96.42
N ASN H 502 15.70 -33.81 97.31
CA ASN H 502 16.42 -34.72 98.21
C ASN H 502 15.56 -35.16 99.40
C1 NAG I . 11.32 2.99 -24.67
C2 NAG I . 10.14 2.11 -24.28
C3 NAG I . 10.32 0.79 -25.02
C4 NAG I . 10.45 0.97 -26.54
C5 NAG I . 11.34 2.16 -26.93
C6 NAG I . 11.10 2.65 -28.34
C7 NAG I . 9.02 1.94 -22.10
C8 NAG I . 9.19 1.71 -20.63
N2 NAG I . 10.14 1.89 -22.84
O3 NAG I . 9.19 -0.04 -24.74
O4 NAG I . 11.08 -0.19 -27.07
O5 NAG I . 11.13 3.29 -26.06
O6 NAG I . 9.74 2.98 -28.56
O7 NAG I . 7.92 2.14 -22.60
C1 NAG I . 10.37 -1.08 -27.95
C2 NAG I . 11.33 -1.50 -29.06
C3 NAG I . 10.51 -2.35 -30.01
C4 NAG I . 10.00 -3.61 -29.30
C5 NAG I . 9.22 -3.22 -28.04
C6 NAG I . 8.93 -4.41 -27.14
C7 NAG I . 13.29 -0.35 -30.02
C8 NAG I . 13.76 0.83 -30.79
N2 NAG I . 11.97 -0.40 -29.77
O3 NAG I . 11.30 -2.70 -31.15
O4 NAG I . 9.14 -4.38 -30.15
O5 NAG I . 9.96 -2.27 -27.25
O6 NAG I . 7.99 -4.09 -26.11
O7 NAG I . 14.05 -1.23 -29.63
C1 BMA I . 9.74 -5.33 -31.02
C2 BMA I . 9.19 -6.73 -30.72
C3 BMA I . 9.82 -7.73 -31.68
C4 BMA I . 9.69 -7.29 -33.14
C5 BMA I . 10.20 -5.87 -33.32
C6 BMA I . 9.97 -5.31 -34.70
O2 BMA I . 7.76 -6.74 -30.86
O3 BMA I . 9.25 -9.03 -31.49
O4 BMA I . 10.43 -8.17 -33.98
O5 BMA I . 9.52 -5.00 -32.39
O6 BMA I . 10.47 -3.97 -34.82
C1 NAG J . 0.09 10.90 26.58
C2 NAG J . -1.38 11.37 26.62
C3 NAG J . -2.46 10.29 26.49
C4 NAG J . -1.95 8.90 26.90
C5 NAG J . -0.59 8.52 26.29
C6 NAG J . -0.71 7.58 25.11
C7 NAG J . -1.46 12.04 29.04
C8 NAG J . -2.09 13.01 29.98
N2 NAG J . -1.68 12.27 27.72
O3 NAG J . -2.99 10.27 25.17
O4 NAG J . -1.94 8.73 28.32
O5 NAG J . 0.17 9.67 25.84
O6 NAG J . -1.44 8.14 24.02
O7 NAG J . -0.79 11.09 29.44
C1 NAG J . -3.13 8.25 28.97
C2 NAG J . -2.77 7.91 30.42
C3 NAG J . -4.06 7.44 31.12
C4 NAG J . -5.15 8.50 31.01
C5 NAG J . -5.42 8.86 29.54
C6 NAG J . -6.35 10.04 29.38
C7 NAG J . -0.44 7.13 30.56
C8 NAG J . 0.46 5.94 30.56
N2 NAG J . -1.76 6.87 30.49
O3 NAG J . -3.78 7.17 32.49
O4 NAG J . -6.36 8.01 31.58
O5 NAG J . -4.19 9.22 28.90
O6 NAG J . -5.82 11.23 29.94
O7 NAG J . 0.00 8.28 30.60
C1 NAG K . -22.05 27.02 -12.28
C2 NAG K . -22.23 28.53 -12.07
C3 NAG K . -22.19 29.18 -13.46
C4 NAG K . -20.90 28.83 -14.20
C5 NAG K . -20.73 27.32 -14.30
C6 NAG K . -19.39 26.91 -14.87
C7 NAG K . -23.63 29.79 -10.49
C8 NAG K . -25.01 29.98 -9.94
N2 NAG K . -23.48 28.81 -11.40
O3 NAG K . -22.29 30.60 -13.31
O4 NAG K . -20.93 29.40 -15.51
O5 NAG K . -20.83 26.74 -12.99
O6 NAG K . -18.31 27.40 -14.09
O7 NAG K . -22.69 30.49 -10.13
C1 NAG L . 12.60 32.48 -60.67
C2 NAG L . 13.75 32.58 -61.68
C3 NAG L . 13.58 33.97 -62.28
C4 NAG L . 12.23 34.10 -62.99
C5 NAG L . 11.08 33.75 -62.06
C6 NAG L . 9.74 33.57 -62.76
C7 NAG L . 15.60 31.29 -60.70
C8 NAG L . 16.84 31.36 -59.86
N2 NAG L . 15.03 32.47 -60.99
O3 NAG L . 14.65 34.25 -63.18
O4 NAG L . 12.07 35.44 -63.49
O5 NAG L . 11.33 32.52 -61.34
O6 NAG L . 9.63 32.29 -63.37
O7 NAG L . 15.14 30.22 -61.09
C1 NAG M . -1.09 15.44 -70.23
C2 NAG M . 0.42 15.54 -69.99
C3 NAG M . 0.91 16.77 -70.74
C4 NAG M . 0.52 16.74 -72.21
C5 NAG M . -1.00 16.56 -72.33
C6 NAG M . -1.49 16.43 -73.76
C7 NAG M . 1.03 14.61 -67.78
C8 NAG M . 1.70 14.96 -66.48
N2 NAG M . 0.73 15.65 -68.57
O3 NAG M . 2.33 16.85 -70.60
O4 NAG M . 0.89 17.95 -72.84
O5 NAG M . -1.40 15.38 -71.62
O6 NAG M . -0.76 15.47 -74.50
O7 NAG M . 0.78 13.46 -68.10
C1 NAG N . 24.74 29.12 63.38
C2 NAG N . 23.89 30.13 62.62
C3 NAG N . 24.73 31.41 62.60
C4 NAG N . 25.06 31.89 64.01
C5 NAG N . 25.70 30.76 64.83
C6 NAG N . 25.83 31.08 66.31
C7 NAG N . 24.25 29.20 60.30
C8 NAG N . 23.53 28.73 59.07
N2 NAG N . 23.47 29.75 61.27
O3 NAG N . 24.01 32.44 61.91
O4 NAG N . 25.95 32.99 63.95
O5 NAG N . 24.93 29.56 64.73
O6 NAG N . 26.61 32.25 66.56
O7 NAG N . 25.47 29.07 60.43
#